data_9J63
#
_entry.id   9J63
#
_cell.length_a   1.00
_cell.length_b   1.00
_cell.length_c   1.00
_cell.angle_alpha   90.00
_cell.angle_beta   90.00
_cell.angle_gamma   90.00
#
_symmetry.space_group_name_H-M   'P 1'
#
loop_
_entity.id
_entity.type
_entity.pdbx_description
1 polymer Cullin-2
2 polymer Elongin-C
3 polymer Elongin-B
4 polymer 'E3 ubiquitin-protein ligase RBX1'
5 non-polymer 'ZINC ION'
#
loop_
_entity_poly.entity_id
_entity_poly.type
_entity_poly.pdbx_seq_one_letter_code
_entity_poly.pdbx_strand_id
1 'polypeptide(L)'
;MSLKPRVVDFDETWNKLLTTIKAVVMLEYVERATWNDRFSDIYALCVAYPEPLGERLYTETKIFLENHVRHLHKRVLESE
EQVLVMYHRYWEEYSKGADYMDCLYRYLNTQFIKKNKLTEADLQYGYGGVDMNEPLMEIGELALDMWRKLMVEPLQAILI
RMLLREIKNDRGGEDPNQKVIHGVINSFVHVEQYKKKFPLKFYQEIFESPFLTETGEYYKQEASNLLQESNCSQYMEKVL
GRLKDEEIRCRKYLHPSSYTKVIHECQQRMVADHLQFLHAECHNIIRQEKKNDMANMYVLLRAVSTGLPHMIQELQNHIH
DEGLRATSNLTQENMPTLFVESVLEVHGKFVQLINTVLNGDQHFMSALDKALTSVVNYREPKSVCKAPELLAKYCDNLLK
KSAKGMTENEVEDRLTSFITVFKYIDDKDVFQKFYARMLAKRLIHGLSMSMDSEEAMINKLKQACGYEFTSKLHRMYTDM
SVSADLNNKFNNFIKNQDTVIDLGISFQIYVLQAGAWPLTQAPSSTFAIPQELEKSVQMFELFYSQHFSGRKLTWLHYLC
TGEVKMNYLGKPYVAMVTTYQMAVLLAFNNSETVSYKELQDSTQMNEKELTKTIKSLLDVKMINHDSEKEDIDAESSFSL
NMNFSSKRTKFKITTSMQKDTPQEMEQTRSAVDEDRKMYLQAAIVRIMKARKVLRHNALIQEVISQSRARFNPSISMIKK
CIEVLIDKQYIERSQASADEYSYVAHHHHHH
;
A,D
2 'polypeptide(L)'
;MAMYVKLISSDGHEFIVKREHALTSGTIKAMLSGPGQFAENETNEVNFREIPSHVLSKVCMYFTYKVRYTNSSTEIPEFP
IAPEIALELLMAANFLDC
;
C,F
3 'polypeptide(L)'
;MDVFLMIRRHKTTIFTDAKESSTVFELKRIVEGILKRPPDEQRLYKDDQLLDDGKTLGECGFTSQTARPQAPATVGLAFR
ADDTFEALCIEPFSSPPELPDVMK
;
B,G
4 'polypeptide(L)'
;MAAAMDVDTPSGTNSGAGKKRFEVKKWNAVALWAWDIVVDNCAICRNHIMDLCIECQANQASATSEECTVAWGVCNHAFH
FHCISRWLKTRQVCPLDNREWEFQKYGH
;
E,H
#
# COMPACT_ATOMS: atom_id res chain seq x y z
N MET A 1 -27.80 -79.01 4.15
CA MET A 1 -27.28 -78.49 2.90
C MET A 1 -26.14 -77.51 3.16
N SER A 2 -25.13 -77.54 2.29
CA SER A 2 -23.93 -76.74 2.46
C SER A 2 -23.60 -76.04 1.15
N LEU A 3 -22.42 -75.43 1.11
CA LEU A 3 -21.99 -74.61 -0.02
C LEU A 3 -21.42 -75.42 -1.17
N LYS A 4 -21.50 -76.75 -1.14
CA LYS A 4 -20.95 -77.54 -2.22
C LYS A 4 -21.72 -77.27 -3.52
N PRO A 5 -21.04 -77.19 -4.65
CA PRO A 5 -21.74 -76.97 -5.92
C PRO A 5 -22.66 -78.14 -6.25
N ARG A 6 -23.78 -77.84 -6.93
CA ARG A 6 -24.78 -78.91 -7.22
C ARG A 6 -25.63 -78.51 -8.44
N VAL A 7 -26.42 -79.44 -8.97
CA VAL A 7 -27.32 -79.14 -10.11
C VAL A 7 -28.53 -78.37 -9.58
N VAL A 8 -28.78 -77.16 -10.10
CA VAL A 8 -29.88 -76.35 -9.58
C VAL A 8 -30.84 -76.03 -10.72
N ASP A 9 -32.14 -76.05 -10.41
CA ASP A 9 -33.15 -75.66 -11.39
C ASP A 9 -33.01 -74.18 -11.72
N PHE A 10 -32.69 -73.89 -12.97
CA PHE A 10 -32.53 -72.46 -13.35
C PHE A 10 -33.89 -71.77 -13.34
N ASP A 11 -34.98 -72.45 -13.73
CA ASP A 11 -36.26 -71.75 -13.94
C ASP A 11 -36.84 -71.24 -12.63
N GLU A 12 -36.95 -72.10 -11.62
CA GLU A 12 -37.62 -71.71 -10.38
C GLU A 12 -36.82 -70.66 -9.62
N THR A 13 -35.52 -70.91 -9.46
CA THR A 13 -34.67 -69.93 -8.77
C THR A 13 -34.61 -68.63 -9.54
N TRP A 14 -34.57 -68.71 -10.87
CA TRP A 14 -34.57 -67.51 -11.69
C TRP A 14 -35.85 -66.71 -11.50
N ASN A 15 -36.99 -67.39 -11.42
CA ASN A 15 -38.25 -66.70 -11.20
C ASN A 15 -38.29 -66.05 -9.83
N LYS A 16 -37.78 -66.74 -8.80
CA LYS A 16 -37.72 -66.14 -7.48
C LYS A 16 -36.82 -64.92 -7.44
N LEU A 17 -35.65 -65.00 -8.06
CA LEU A 17 -34.76 -63.85 -8.15
C LEU A 17 -35.39 -62.72 -8.94
N LEU A 18 -36.14 -63.06 -9.99
CA LEU A 18 -36.83 -62.05 -10.78
C LEU A 18 -37.86 -61.32 -9.95
N THR A 19 -38.64 -62.06 -9.15
CA THR A 19 -39.60 -61.43 -8.26
C THR A 19 -38.89 -60.53 -7.26
N THR A 20 -37.78 -61.00 -6.71
CA THR A 20 -37.05 -60.22 -5.72
C THR A 20 -36.53 -58.92 -6.32
N ILE A 21 -35.90 -59.00 -7.49
CA ILE A 21 -35.34 -57.79 -8.10
C ILE A 21 -36.45 -56.87 -8.58
N LYS A 22 -37.60 -57.42 -8.97
CA LYS A 22 -38.74 -56.59 -9.34
C LYS A 22 -39.23 -55.80 -8.14
N ALA A 23 -39.28 -56.44 -6.97
CA ALA A 23 -39.60 -55.70 -5.75
C ALA A 23 -38.51 -54.67 -5.45
N VAL A 24 -37.26 -55.01 -5.77
CA VAL A 24 -36.15 -54.12 -5.45
C VAL A 24 -36.22 -52.84 -6.28
N VAL A 25 -36.42 -52.97 -7.60
CA VAL A 25 -36.39 -51.80 -8.48
C VAL A 25 -37.49 -50.82 -8.11
N MET A 26 -38.62 -51.33 -7.63
CA MET A 26 -39.68 -50.48 -7.11
C MET A 26 -39.48 -50.15 -5.64
N LEU A 27 -38.36 -50.57 -5.05
CA LEU A 27 -38.03 -50.28 -3.66
C LEU A 27 -39.08 -50.84 -2.71
N GLU A 28 -39.73 -51.92 -3.11
CA GLU A 28 -40.74 -52.55 -2.27
C GLU A 28 -40.09 -53.26 -1.09
N TYR A 29 -40.88 -53.49 -0.05
CA TYR A 29 -40.40 -54.21 1.12
C TYR A 29 -39.95 -55.61 0.74
N VAL A 30 -38.78 -56.00 1.22
CA VAL A 30 -38.22 -57.33 0.99
C VAL A 30 -37.73 -57.88 2.32
N GLU A 31 -38.08 -59.12 2.61
CA GLU A 31 -37.64 -59.76 3.84
C GLU A 31 -36.12 -59.93 3.85
N ARG A 32 -35.51 -59.60 4.98
CA ARG A 32 -34.06 -59.75 5.12
C ARG A 32 -33.64 -61.21 4.98
N ALA A 33 -34.41 -62.12 5.57
CA ALA A 33 -34.13 -63.55 5.39
C ALA A 33 -34.27 -63.94 3.92
N THR A 34 -35.27 -63.40 3.24
CA THR A 34 -35.40 -63.63 1.80
C THR A 34 -34.20 -63.07 1.05
N TRP A 35 -33.71 -61.90 1.48
CA TRP A 35 -32.51 -61.32 0.89
C TRP A 35 -31.32 -62.26 1.02
N ASN A 36 -31.10 -62.80 2.21
CA ASN A 36 -30.01 -63.73 2.43
C ASN A 36 -30.19 -65.00 1.61
N ASP A 37 -31.43 -65.51 1.53
CA ASP A 37 -31.69 -66.72 0.76
C ASP A 37 -31.43 -66.50 -0.72
N ARG A 38 -31.79 -65.32 -1.24
CA ARG A 38 -31.48 -65.00 -2.62
C ARG A 38 -29.98 -64.94 -2.85
N PHE A 39 -29.23 -64.47 -1.84
CA PHE A 39 -27.77 -64.55 -1.95
C PHE A 39 -27.30 -65.99 -2.14
N SER A 40 -27.78 -66.91 -1.30
CA SER A 40 -27.37 -68.30 -1.42
C SER A 40 -27.81 -68.88 -2.76
N ASP A 41 -28.99 -68.49 -3.23
CA ASP A 41 -29.48 -68.96 -4.52
C ASP A 41 -28.57 -68.48 -5.65
N ILE A 42 -28.16 -67.22 -5.60
CA ILE A 42 -27.24 -66.69 -6.61
C ILE A 42 -25.93 -67.45 -6.57
N TYR A 43 -25.41 -67.70 -5.37
CA TYR A 43 -24.16 -68.43 -5.25
C TYR A 43 -24.28 -69.83 -5.83
N ALA A 44 -25.39 -70.51 -5.54
CA ALA A 44 -25.60 -71.84 -6.08
C ALA A 44 -25.71 -71.83 -7.60
N LEU A 45 -26.40 -70.81 -8.12
CA LEU A 45 -26.58 -70.68 -9.60
C LEU A 45 -25.22 -70.46 -10.25
N CYS A 46 -24.36 -69.62 -9.65
CA CYS A 46 -23.05 -69.35 -10.21
C CYS A 46 -22.18 -70.61 -10.25
N VAL A 47 -22.22 -71.41 -9.18
CA VAL A 47 -21.44 -72.63 -9.11
C VAL A 47 -22.25 -73.86 -9.53
N ALA A 48 -23.35 -73.63 -10.27
CA ALA A 48 -24.16 -74.76 -10.79
C ALA A 48 -23.24 -75.87 -11.30
N TYR A 49 -23.40 -77.10 -10.79
CA TYR A 49 -22.47 -78.20 -11.14
C TYR A 49 -22.46 -78.54 -12.65
N PRO A 50 -23.59 -78.66 -13.39
CA PRO A 50 -23.50 -79.05 -14.80
C PRO A 50 -22.75 -77.98 -15.62
N GLU A 51 -23.08 -76.71 -15.43
CA GLU A 51 -22.37 -75.62 -16.14
C GLU A 51 -22.58 -74.33 -15.33
N PRO A 52 -21.62 -73.39 -15.28
CA PRO A 52 -21.86 -72.14 -14.58
C PRO A 52 -23.05 -71.49 -15.29
N LEU A 53 -24.04 -71.04 -14.52
CA LEU A 53 -25.26 -70.44 -15.13
C LEU A 53 -25.11 -68.92 -15.09
N GLY A 54 -23.93 -68.43 -14.73
CA GLY A 54 -23.69 -66.97 -14.65
C GLY A 54 -23.88 -66.30 -15.98
N GLU A 55 -23.40 -66.92 -17.07
CA GLU A 55 -23.64 -66.34 -18.43
C GLU A 55 -25.13 -66.31 -18.71
N ARG A 56 -25.84 -67.39 -18.38
CA ARG A 56 -27.32 -67.44 -18.58
C ARG A 56 -27.97 -66.39 -17.68
N LEU A 57 -27.48 -66.25 -16.44
CA LEU A 57 -28.04 -65.25 -15.50
C LEU A 57 -27.83 -63.86 -16.09
N TYR A 58 -26.61 -63.53 -16.52
CA TYR A 58 -26.35 -62.20 -17.03
C TYR A 58 -27.30 -61.84 -18.16
N THR A 59 -27.52 -62.79 -19.08
CA THR A 59 -28.43 -62.54 -20.19
C THR A 59 -29.85 -62.32 -19.70
N GLU A 60 -30.31 -63.15 -18.75
CA GLU A 60 -31.66 -62.99 -18.22
C GLU A 60 -31.81 -61.66 -17.53
N THR A 61 -30.81 -61.27 -16.74
CA THR A 61 -30.86 -59.98 -16.05
C THR A 61 -30.90 -58.84 -17.04
N LYS A 62 -30.07 -58.92 -18.09
CA LYS A 62 -30.06 -57.86 -19.09
C LYS A 62 -31.41 -57.77 -19.80
N ILE A 63 -32.01 -58.91 -20.11
CA ILE A 63 -33.31 -58.90 -20.80
C ILE A 63 -34.38 -58.29 -19.92
N PHE A 64 -34.42 -58.69 -18.65
CA PHE A 64 -35.39 -58.12 -17.73
C PHE A 64 -35.19 -56.63 -17.56
N LEU A 65 -33.93 -56.20 -17.45
CA LEU A 65 -33.63 -54.78 -17.33
C LEU A 65 -34.07 -54.04 -18.59
N GLU A 66 -33.87 -54.63 -19.76
CA GLU A 66 -34.29 -53.98 -20.99
C GLU A 66 -35.81 -53.81 -21.02
N ASN A 67 -36.53 -54.85 -20.61
CA ASN A 67 -37.99 -54.75 -20.57
C ASN A 67 -38.44 -53.67 -19.60
N HIS A 68 -37.83 -53.65 -18.41
CA HIS A 68 -38.19 -52.65 -17.42
C HIS A 68 -37.88 -51.24 -17.91
N VAL A 69 -36.73 -51.05 -18.56
CA VAL A 69 -36.33 -49.75 -19.03
C VAL A 69 -37.22 -49.30 -20.19
N ARG A 70 -37.63 -50.24 -21.05
CA ARG A 70 -38.56 -49.90 -22.12
C ARG A 70 -39.91 -49.47 -21.57
N HIS A 71 -40.38 -50.18 -20.54
CA HIS A 71 -41.62 -49.78 -19.88
C HIS A 71 -41.48 -48.39 -19.26
N LEU A 72 -40.33 -48.11 -18.65
CA LEU A 72 -40.08 -46.79 -18.09
C LEU A 72 -40.08 -45.72 -19.17
N HIS A 73 -39.48 -46.03 -20.33
CA HIS A 73 -39.49 -45.10 -21.44
C HIS A 73 -40.91 -44.81 -21.90
N LYS A 74 -41.74 -45.86 -21.97
CA LYS A 74 -43.13 -45.67 -22.35
C LYS A 74 -43.84 -44.77 -21.33
N ARG A 75 -43.59 -45.00 -20.04
CA ARG A 75 -44.23 -44.17 -19.01
C ARG A 75 -43.77 -42.73 -19.11
N VAL A 76 -42.49 -42.50 -19.37
CA VAL A 76 -41.99 -41.13 -19.51
C VAL A 76 -42.61 -40.46 -20.74
N LEU A 77 -42.68 -41.21 -21.85
CA LEU A 77 -43.29 -40.67 -23.07
C LEU A 77 -44.76 -40.34 -22.86
N GLU A 78 -45.44 -41.09 -21.99
CA GLU A 78 -46.84 -40.77 -21.69
C GLU A 78 -46.96 -39.40 -21.03
N SER A 79 -46.04 -39.08 -20.13
CA SER A 79 -46.06 -37.77 -19.48
C SER A 79 -45.68 -36.68 -20.47
N GLU A 80 -46.35 -35.54 -20.36
CA GLU A 80 -46.04 -34.35 -21.16
C GLU A 80 -46.00 -33.14 -20.24
N GLU A 81 -44.91 -32.38 -20.33
CA GLU A 81 -44.64 -31.21 -19.49
C GLU A 81 -44.40 -31.64 -18.05
N GLN A 82 -44.57 -32.94 -17.78
CA GLN A 82 -44.21 -33.54 -16.52
C GLN A 82 -43.02 -34.47 -16.67
N VAL A 83 -42.41 -34.51 -17.86
CA VAL A 83 -41.36 -35.48 -18.15
C VAL A 83 -40.22 -35.35 -17.16
N LEU A 84 -39.84 -34.11 -16.85
CA LEU A 84 -38.67 -33.88 -16.01
C LEU A 84 -38.85 -34.50 -14.64
N VAL A 85 -39.95 -34.18 -13.96
CA VAL A 85 -40.12 -34.58 -12.56
C VAL A 85 -40.23 -36.09 -12.44
N MET A 86 -41.10 -36.70 -13.25
CA MET A 86 -41.35 -38.13 -13.12
C MET A 86 -40.20 -38.96 -13.67
N TYR A 87 -39.53 -38.49 -14.74
CA TYR A 87 -38.30 -39.15 -15.17
C TYR A 87 -37.23 -39.07 -14.10
N HIS A 88 -37.12 -37.93 -13.43
CA HIS A 88 -36.17 -37.78 -12.33
C HIS A 88 -36.47 -38.77 -11.21
N ARG A 89 -37.74 -38.87 -10.84
CA ARG A 89 -38.14 -39.83 -9.80
C ARG A 89 -37.78 -41.25 -10.20
N TYR A 90 -38.08 -41.62 -11.45
CA TYR A 90 -37.65 -42.91 -11.95
C TYR A 90 -36.14 -43.04 -11.89
N TRP A 91 -35.40 -41.94 -12.07
CA TRP A 91 -33.95 -42.02 -12.02
C TRP A 91 -33.47 -42.41 -10.63
N GLU A 92 -33.96 -41.74 -9.59
CA GLU A 92 -33.54 -42.17 -8.26
C GLU A 92 -33.99 -43.59 -7.95
N GLU A 93 -35.22 -43.94 -8.32
CA GLU A 93 -35.69 -45.30 -8.07
C GLU A 93 -34.75 -46.32 -8.72
N TYR A 94 -34.48 -46.13 -10.01
CA TYR A 94 -33.67 -47.06 -10.77
C TYR A 94 -32.23 -47.08 -10.32
N SER A 95 -31.68 -45.93 -9.90
CA SER A 95 -30.30 -45.90 -9.44
C SER A 95 -30.16 -46.64 -8.11
N LYS A 96 -31.10 -46.43 -7.19
CA LYS A 96 -31.07 -47.17 -5.94
C LYS A 96 -31.22 -48.66 -6.20
N GLY A 97 -32.13 -49.04 -7.09
CA GLY A 97 -32.25 -50.44 -7.45
C GLY A 97 -30.98 -51.00 -8.05
N ALA A 98 -30.33 -50.23 -8.92
CA ALA A 98 -29.11 -50.67 -9.56
C ALA A 98 -28.02 -50.91 -8.53
N ASP A 99 -27.90 -50.02 -7.55
CA ASP A 99 -26.94 -50.25 -6.47
C ASP A 99 -27.31 -51.50 -5.70
N TYR A 100 -28.61 -51.72 -5.47
CA TYR A 100 -29.03 -52.90 -4.73
C TYR A 100 -28.67 -54.19 -5.46
N MET A 101 -28.89 -54.24 -6.78
CA MET A 101 -28.46 -55.43 -7.51
C MET A 101 -26.94 -55.52 -7.62
N ASP A 102 -26.26 -54.38 -7.65
CA ASP A 102 -24.80 -54.40 -7.64
C ASP A 102 -24.28 -55.10 -6.40
N CYS A 103 -24.85 -54.76 -5.25
CA CYS A 103 -24.54 -55.51 -4.03
C CYS A 103 -25.04 -56.95 -4.15
N LEU A 104 -26.17 -57.14 -4.81
CA LEU A 104 -26.79 -58.46 -4.91
C LEU A 104 -25.96 -59.41 -5.75
N TYR A 105 -25.40 -58.92 -6.86
CA TYR A 105 -24.69 -59.76 -7.81
C TYR A 105 -23.19 -59.74 -7.59
N ARG A 106 -22.77 -59.41 -6.36
CA ARG A 106 -21.34 -59.27 -6.06
C ARG A 106 -20.58 -60.54 -6.42
N TYR A 107 -21.08 -61.68 -5.97
CA TYR A 107 -20.41 -62.95 -6.27
C TYR A 107 -20.39 -63.22 -7.77
N LEU A 108 -21.52 -63.03 -8.44
CA LEU A 108 -21.57 -63.25 -9.88
C LEU A 108 -20.64 -62.30 -10.61
N ASN A 109 -20.63 -61.04 -10.20
CA ASN A 109 -19.77 -60.05 -10.85
C ASN A 109 -18.31 -60.41 -10.69
N THR A 110 -17.91 -60.79 -9.48
CA THR A 110 -16.51 -61.11 -9.23
C THR A 110 -16.09 -62.38 -9.96
N GLN A 111 -16.88 -63.44 -9.83
CA GLN A 111 -16.46 -64.73 -10.34
C GLN A 111 -16.55 -64.79 -11.87
N PHE A 112 -17.61 -64.24 -12.44
CA PHE A 112 -17.87 -64.40 -13.87
C PHE A 112 -17.52 -63.15 -14.68
N ILE A 113 -18.10 -62.01 -14.35
CA ILE A 113 -17.89 -60.82 -15.16
C ILE A 113 -16.47 -60.29 -15.00
N LYS A 114 -16.01 -60.13 -13.76
CA LYS A 114 -14.68 -59.56 -13.53
C LYS A 114 -13.59 -60.44 -14.11
N LYS A 115 -13.73 -61.75 -13.96
CA LYS A 115 -12.72 -62.67 -14.47
C LYS A 115 -12.72 -62.72 -16.00
N ASN A 116 -13.80 -62.28 -16.63
CA ASN A 116 -13.91 -62.31 -18.09
C ASN A 116 -14.05 -60.93 -18.72
N LYS A 117 -14.04 -59.86 -17.92
CA LYS A 117 -14.19 -58.52 -18.47
C LYS A 117 -12.96 -58.14 -19.29
N LEU A 118 -13.20 -57.49 -20.42
CA LEU A 118 -12.10 -56.98 -21.24
C LEU A 118 -11.37 -55.86 -20.50
N THR A 119 -10.05 -55.88 -20.57
CA THR A 119 -9.25 -54.85 -19.92
C THR A 119 -9.37 -53.52 -20.66
N GLU A 120 -9.00 -52.45 -19.95
CA GLU A 120 -9.05 -51.12 -20.55
C GLU A 120 -8.10 -51.00 -21.72
N ALA A 121 -6.91 -51.60 -21.62
CA ALA A 121 -5.95 -51.54 -22.71
C ALA A 121 -6.48 -52.24 -23.95
N ASP A 122 -7.14 -53.39 -23.78
CA ASP A 122 -7.71 -54.10 -24.92
C ASP A 122 -8.77 -53.25 -25.62
N LEU A 123 -9.63 -52.60 -24.84
CA LEU A 123 -10.64 -51.74 -25.44
C LEU A 123 -10.01 -50.54 -26.14
N GLN A 124 -8.96 -49.97 -25.55
CA GLN A 124 -8.35 -48.78 -26.14
C GLN A 124 -7.61 -49.10 -27.43
N TYR A 125 -6.87 -50.20 -27.45
CA TYR A 125 -6.03 -50.53 -28.60
C TYR A 125 -6.64 -51.58 -29.53
N GLY A 126 -7.46 -52.48 -29.01
CA GLY A 126 -8.06 -53.52 -29.83
C GLY A 126 -9.30 -53.06 -30.57
N ASN A 133 -19.65 -59.02 -30.30
CA ASN A 133 -20.32 -59.22 -29.02
C ASN A 133 -20.01 -58.09 -28.05
N GLU A 134 -21.02 -57.62 -27.34
CA GLU A 134 -20.81 -56.64 -26.30
C GLU A 134 -19.98 -57.27 -25.18
N PRO A 135 -18.99 -56.57 -24.64
CA PRO A 135 -18.19 -57.14 -23.56
C PRO A 135 -19.01 -57.36 -22.30
N LEU A 136 -18.36 -57.95 -21.30
CA LEU A 136 -18.99 -58.11 -20.00
C LEU A 136 -18.82 -56.85 -19.18
N MET A 137 -19.93 -56.37 -18.61
CA MET A 137 -19.92 -55.19 -17.77
C MET A 137 -20.52 -55.53 -16.41
N GLU A 138 -20.10 -54.77 -15.40
CA GLU A 138 -20.71 -54.87 -14.08
C GLU A 138 -22.20 -54.57 -14.18
N ILE A 139 -22.98 -55.25 -13.35
CA ILE A 139 -24.43 -55.10 -13.40
C ILE A 139 -24.81 -53.64 -13.19
N GLY A 140 -24.11 -52.95 -12.29
CA GLY A 140 -24.31 -51.52 -12.18
C GLY A 140 -23.89 -50.77 -13.43
N GLU A 141 -22.71 -51.12 -13.97
CA GLU A 141 -22.27 -50.51 -15.22
C GLU A 141 -23.22 -50.84 -16.35
N LEU A 142 -23.66 -52.10 -16.43
CA LEU A 142 -24.61 -52.49 -17.46
C LEU A 142 -25.90 -51.68 -17.35
N ALA A 143 -26.43 -51.56 -16.13
CA ALA A 143 -27.68 -50.84 -15.93
C ALA A 143 -27.52 -49.37 -16.30
N LEU A 144 -26.44 -48.74 -15.86
CA LEU A 144 -26.25 -47.32 -16.18
C LEU A 144 -26.06 -47.12 -17.68
N ASP A 145 -25.28 -47.98 -18.33
CA ASP A 145 -25.05 -47.87 -19.76
C ASP A 145 -26.35 -48.01 -20.54
N MET A 146 -27.16 -49.03 -20.19
CA MET A 146 -28.40 -49.23 -20.91
C MET A 146 -29.42 -48.13 -20.60
N TRP A 147 -29.37 -47.58 -19.39
CA TRP A 147 -30.21 -46.43 -19.08
C TRP A 147 -29.84 -45.25 -19.97
N ARG A 148 -28.55 -44.96 -20.10
CA ARG A 148 -28.13 -43.90 -21.01
C ARG A 148 -28.55 -44.21 -22.43
N LYS A 149 -28.48 -45.48 -22.81
CA LYS A 149 -28.86 -45.89 -24.17
C LYS A 149 -30.35 -45.64 -24.43
N LEU A 150 -31.19 -45.93 -23.44
CA LEU A 150 -32.62 -45.96 -23.66
C LEU A 150 -33.39 -44.86 -22.94
N MET A 151 -32.79 -44.19 -21.97
CA MET A 151 -33.40 -43.00 -21.38
C MET A 151 -32.82 -41.72 -21.96
N VAL A 152 -31.50 -41.54 -21.85
CA VAL A 152 -30.89 -40.27 -22.23
C VAL A 152 -30.90 -40.11 -23.75
N GLU A 153 -30.51 -41.17 -24.47
CA GLU A 153 -30.40 -41.02 -25.92
C GLU A 153 -31.75 -40.79 -26.60
N PRO A 154 -32.77 -41.64 -26.41
CA PRO A 154 -34.02 -41.42 -27.17
C PRO A 154 -34.70 -40.10 -26.85
N LEU A 155 -34.62 -39.65 -25.59
CA LEU A 155 -35.32 -38.45 -25.15
C LEU A 155 -34.38 -37.27 -24.97
N GLN A 156 -33.17 -37.34 -25.53
CA GLN A 156 -32.13 -36.36 -25.22
C GLN A 156 -32.53 -34.97 -25.67
N ALA A 157 -33.03 -34.84 -26.90
CA ALA A 157 -33.40 -33.52 -27.40
C ALA A 157 -34.47 -32.89 -26.52
N ILE A 158 -35.51 -33.66 -26.19
CA ILE A 158 -36.60 -33.14 -25.37
C ILE A 158 -36.10 -32.73 -24.00
N LEU A 159 -35.26 -33.56 -23.38
CA LEU A 159 -34.82 -33.27 -22.02
C LEU A 159 -33.88 -32.08 -21.98
N ILE A 160 -32.97 -31.98 -22.96
CA ILE A 160 -32.10 -30.81 -23.04
C ILE A 160 -32.94 -29.55 -23.25
N ARG A 161 -33.93 -29.63 -24.14
CA ARG A 161 -34.79 -28.48 -24.40
C ARG A 161 -35.52 -28.04 -23.14
N MET A 162 -36.07 -29.00 -22.40
CA MET A 162 -36.79 -28.66 -21.18
C MET A 162 -35.86 -28.07 -20.13
N LEU A 163 -34.66 -28.63 -19.99
CA LEU A 163 -33.71 -28.11 -19.02
C LEU A 163 -33.31 -26.69 -19.38
N LEU A 164 -33.04 -26.43 -20.66
CA LEU A 164 -32.68 -25.08 -21.08
C LEU A 164 -33.84 -24.12 -20.85
N ARG A 165 -35.07 -24.58 -21.11
CA ARG A 165 -36.23 -23.73 -20.86
C ARG A 165 -36.34 -23.38 -19.39
N GLU A 166 -36.15 -24.36 -18.51
CA GLU A 166 -36.23 -24.10 -17.08
C GLU A 166 -35.13 -23.15 -16.62
N ILE A 167 -33.91 -23.35 -17.15
CA ILE A 167 -32.80 -22.47 -16.79
C ILE A 167 -33.09 -21.04 -17.24
N LYS A 168 -33.61 -20.88 -18.45
CA LYS A 168 -33.96 -19.55 -18.94
C LYS A 168 -35.06 -18.93 -18.09
N ASN A 169 -36.03 -19.74 -17.67
CA ASN A 169 -37.09 -19.24 -16.79
C ASN A 169 -36.50 -18.74 -15.48
N ASP A 170 -35.55 -19.49 -14.92
CA ASP A 170 -34.86 -19.02 -13.73
C ASP A 170 -34.12 -17.72 -13.99
N ARG A 171 -33.48 -17.62 -15.16
CA ARG A 171 -32.81 -16.34 -15.54
C ARG A 171 -33.88 -15.25 -15.60
N GLY A 172 -35.09 -15.60 -16.01
CA GLY A 172 -36.19 -14.66 -16.03
C GLY A 172 -36.85 -14.46 -14.69
N GLY A 173 -36.32 -15.08 -13.64
CA GLY A 173 -36.88 -14.97 -12.30
C GLY A 173 -37.89 -16.04 -11.94
N GLU A 174 -38.32 -16.86 -12.90
CA GLU A 174 -39.26 -17.94 -12.63
C GLU A 174 -38.46 -19.17 -12.19
N ASP A 175 -38.46 -19.42 -10.89
CA ASP A 175 -37.65 -20.50 -10.34
C ASP A 175 -38.36 -21.84 -10.49
N PRO A 176 -37.80 -22.79 -11.23
CA PRO A 176 -38.35 -24.15 -11.26
C PRO A 176 -37.84 -24.93 -10.05
N ASN A 177 -38.17 -26.22 -10.02
CA ASN A 177 -37.76 -27.07 -8.92
C ASN A 177 -36.27 -27.39 -9.05
N GLN A 178 -35.49 -26.99 -8.05
CA GLN A 178 -34.07 -27.29 -8.04
C GLN A 178 -33.82 -28.79 -7.98
N LYS A 179 -34.60 -29.49 -7.15
CA LYS A 179 -34.31 -30.89 -6.87
C LYS A 179 -34.33 -31.74 -8.13
N VAL A 180 -35.41 -31.66 -8.90
CA VAL A 180 -35.58 -32.56 -10.04
C VAL A 180 -34.50 -32.33 -11.09
N ILE A 181 -34.33 -31.08 -11.51
CA ILE A 181 -33.41 -30.81 -12.61
C ILE A 181 -31.96 -30.95 -12.17
N HIS A 182 -31.66 -30.59 -10.92
CA HIS A 182 -30.32 -30.83 -10.41
C HIS A 182 -30.02 -32.32 -10.34
N GLY A 183 -31.00 -33.12 -9.93
CA GLY A 183 -30.81 -34.56 -9.92
C GLY A 183 -30.58 -35.12 -11.31
N VAL A 184 -31.31 -34.60 -12.29
CA VAL A 184 -31.11 -35.06 -13.66
C VAL A 184 -29.72 -34.67 -14.16
N ILE A 185 -29.29 -33.44 -13.84
CA ILE A 185 -27.96 -32.99 -14.24
C ILE A 185 -26.89 -33.89 -13.62
N ASN A 186 -27.02 -34.17 -12.33
CA ASN A 186 -26.07 -35.06 -11.68
C ASN A 186 -26.15 -36.47 -12.27
N SER A 187 -27.35 -36.90 -12.66
CA SER A 187 -27.52 -38.20 -13.30
C SER A 187 -26.73 -38.27 -14.60
N PHE A 188 -26.67 -37.16 -15.32
CA PHE A 188 -25.92 -37.14 -16.57
C PHE A 188 -24.47 -37.53 -16.33
N VAL A 189 -23.87 -37.03 -15.24
CA VAL A 189 -22.54 -37.49 -14.86
C VAL A 189 -22.59 -38.92 -14.35
N HIS A 190 -23.64 -39.25 -13.61
CA HIS A 190 -23.70 -40.53 -12.91
C HIS A 190 -23.68 -41.70 -13.87
N VAL A 191 -24.40 -41.59 -14.99
CA VAL A 191 -24.56 -42.73 -15.89
C VAL A 191 -23.22 -43.22 -16.43
N GLU A 192 -22.31 -42.29 -16.72
CA GLU A 192 -20.99 -42.66 -17.21
C GLU A 192 -19.93 -42.61 -16.12
N GLN A 193 -20.33 -42.49 -14.86
CA GLN A 193 -19.36 -42.42 -13.78
C GLN A 193 -18.53 -43.70 -13.68
N TYR A 194 -19.04 -44.81 -14.22
CA TYR A 194 -18.27 -46.04 -14.21
C TYR A 194 -17.16 -46.04 -15.25
N LYS A 195 -17.24 -45.18 -16.25
CA LYS A 195 -16.19 -45.11 -17.25
C LYS A 195 -14.96 -44.44 -16.66
N LYS A 196 -13.85 -45.18 -16.64
CA LYS A 196 -12.62 -44.64 -16.08
C LYS A 196 -12.11 -43.45 -16.89
N LYS A 197 -12.18 -43.54 -18.21
CA LYS A 197 -11.70 -42.48 -19.09
C LYS A 197 -12.80 -41.49 -19.38
N PHE A 198 -12.49 -40.21 -19.23
CA PHE A 198 -13.40 -39.10 -19.54
C PHE A 198 -14.70 -39.24 -18.76
N PRO A 199 -14.68 -39.08 -17.43
CA PRO A 199 -15.91 -39.23 -16.65
C PRO A 199 -16.97 -38.19 -16.97
N LEU A 200 -16.59 -37.05 -17.55
CA LEU A 200 -17.52 -36.00 -17.88
C LEU A 200 -17.75 -35.85 -19.37
N LYS A 201 -17.33 -36.85 -20.16
CA LYS A 201 -17.40 -36.74 -21.61
C LYS A 201 -18.83 -36.61 -22.09
N PHE A 202 -19.71 -37.52 -21.64
CA PHE A 202 -21.09 -37.51 -22.11
C PHE A 202 -21.82 -36.25 -21.67
N TYR A 203 -21.59 -35.82 -20.43
CA TYR A 203 -22.22 -34.60 -19.93
C TYR A 203 -21.82 -33.39 -20.76
N GLN A 204 -20.53 -33.27 -21.07
CA GLN A 204 -20.08 -32.16 -21.89
C GLN A 204 -20.63 -32.26 -23.31
N GLU A 205 -20.70 -33.47 -23.85
CA GLU A 205 -21.11 -33.65 -25.23
C GLU A 205 -22.58 -33.31 -25.43
N ILE A 206 -23.45 -33.84 -24.58
CA ILE A 206 -24.88 -33.73 -24.84
C ILE A 206 -25.50 -32.48 -24.23
N PHE A 207 -24.97 -31.99 -23.11
CA PHE A 207 -25.63 -30.91 -22.39
C PHE A 207 -24.76 -29.67 -22.26
N GLU A 208 -23.51 -29.81 -21.82
CA GLU A 208 -22.72 -28.64 -21.47
C GLU A 208 -22.47 -27.74 -22.68
N SER A 209 -22.14 -28.34 -23.83
CA SER A 209 -21.88 -27.52 -25.01
C SER A 209 -23.11 -26.76 -25.49
N PRO A 210 -24.27 -27.40 -25.71
CA PRO A 210 -25.45 -26.61 -26.12
C PRO A 210 -25.87 -25.59 -25.08
N PHE A 211 -25.75 -25.96 -23.80
CA PHE A 211 -26.08 -25.03 -22.73
C PHE A 211 -25.19 -23.80 -22.79
N LEU A 212 -23.89 -24.00 -22.99
CA LEU A 212 -22.96 -22.87 -23.09
C LEU A 212 -23.26 -22.03 -24.32
N THR A 213 -23.61 -22.67 -25.44
CA THR A 213 -23.94 -21.93 -26.64
C THR A 213 -25.15 -21.03 -26.39
N GLU A 214 -26.19 -21.58 -25.79
CA GLU A 214 -27.37 -20.78 -25.49
C GLU A 214 -27.06 -19.70 -24.49
N THR A 215 -26.21 -20.03 -23.51
CA THR A 215 -25.81 -19.05 -22.45
C THR A 215 -25.16 -17.85 -23.12
N GLY A 216 -24.18 -18.10 -24.00
CA GLY A 216 -23.47 -17.00 -24.66
C GLY A 216 -24.41 -16.16 -25.51
N GLU A 217 -25.31 -16.80 -26.26
CA GLU A 217 -26.29 -16.07 -27.10
C GLU A 217 -27.21 -15.23 -26.20
N TYR A 218 -27.70 -15.82 -25.11
CA TYR A 218 -28.61 -15.09 -24.19
C TYR A 218 -27.86 -13.90 -23.57
N TYR A 219 -26.64 -14.14 -23.12
CA TYR A 219 -25.84 -13.06 -22.47
C TYR A 219 -25.45 -11.98 -23.50
N LYS A 220 -25.14 -12.37 -24.74
CA LYS A 220 -24.83 -11.36 -25.78
C LYS A 220 -26.08 -10.51 -26.00
N GLN A 221 -27.26 -11.12 -26.05
CA GLN A 221 -28.52 -10.36 -26.18
C GLN A 221 -28.72 -9.49 -24.93
N GLU A 222 -28.43 -10.05 -23.74
CA GLU A 222 -28.60 -9.29 -22.47
C GLU A 222 -27.66 -8.08 -22.49
N ALA A 223 -26.42 -8.28 -22.95
CA ALA A 223 -25.46 -7.16 -23.05
C ALA A 223 -26.06 -6.08 -23.94
N SER A 224 -26.54 -6.47 -25.13
CA SER A 224 -27.08 -5.49 -26.06
C SER A 224 -28.18 -4.66 -25.41
N ASN A 225 -29.12 -5.34 -24.74
CA ASN A 225 -30.24 -4.64 -24.12
C ASN A 225 -29.77 -3.67 -23.04
N LEU A 226 -28.86 -4.12 -22.19
CA LEU A 226 -28.41 -3.27 -21.09
C LEU A 226 -27.58 -2.11 -21.58
N LEU A 227 -26.74 -2.33 -22.60
CA LEU A 227 -25.98 -1.23 -23.18
C LEU A 227 -26.90 -0.18 -23.79
N GLN A 228 -27.94 -0.63 -24.51
CA GLN A 228 -28.86 0.32 -25.11
C GLN A 228 -29.70 1.06 -24.07
N GLU A 229 -29.72 0.58 -22.83
CA GLU A 229 -30.60 1.13 -21.81
C GLU A 229 -29.84 1.77 -20.64
N SER A 230 -28.51 1.81 -20.69
CA SER A 230 -27.76 2.31 -19.55
C SER A 230 -26.47 2.96 -20.01
N ASN A 231 -25.93 3.82 -19.16
CA ASN A 231 -24.62 4.43 -19.40
C ASN A 231 -23.55 3.40 -19.07
N CYS A 232 -22.29 3.84 -19.10
CA CYS A 232 -21.19 2.91 -18.79
C CYS A 232 -21.28 2.42 -17.35
N SER A 233 -21.52 3.34 -16.40
CA SER A 233 -21.53 2.95 -14.99
C SER A 233 -22.71 2.03 -14.68
N GLN A 234 -23.91 2.40 -15.13
CA GLN A 234 -25.07 1.55 -14.88
C GLN A 234 -24.92 0.21 -15.58
N TYR A 235 -24.43 0.20 -16.81
CA TYR A 235 -24.26 -1.05 -17.53
C TYR A 235 -23.27 -1.96 -16.83
N MET A 236 -22.16 -1.41 -16.37
CA MET A 236 -21.15 -2.23 -15.70
C MET A 236 -21.66 -2.75 -14.36
N GLU A 237 -22.44 -1.95 -13.64
CA GLU A 237 -23.05 -2.44 -12.40
C GLU A 237 -24.00 -3.59 -12.70
N LYS A 238 -24.80 -3.45 -13.76
CA LYS A 238 -25.67 -4.55 -14.16
C LYS A 238 -24.88 -5.79 -14.56
N VAL A 239 -23.72 -5.58 -15.20
CA VAL A 239 -22.85 -6.69 -15.57
C VAL A 239 -22.38 -7.43 -14.33
N LEU A 240 -21.94 -6.69 -13.31
CA LEU A 240 -21.52 -7.33 -12.07
C LEU A 240 -22.67 -8.11 -11.43
N GLY A 241 -23.86 -7.51 -11.43
CA GLY A 241 -25.02 -8.20 -10.87
C GLY A 241 -25.32 -9.48 -11.60
N ARG A 242 -25.29 -9.43 -12.94
CA ARG A 242 -25.57 -10.63 -13.77
C ARG A 242 -24.50 -11.69 -13.50
N LEU A 243 -23.23 -11.28 -13.36
CA LEU A 243 -22.16 -12.23 -13.10
C LEU A 243 -22.38 -12.95 -11.78
N LYS A 244 -22.67 -12.20 -10.72
CA LYS A 244 -22.89 -12.86 -9.43
C LYS A 244 -24.14 -13.73 -9.47
N ASP A 245 -25.18 -13.28 -10.18
CA ASP A 245 -26.40 -14.07 -10.26
C ASP A 245 -26.16 -15.39 -10.99
N GLU A 246 -25.37 -15.34 -12.06
CA GLU A 246 -25.04 -16.57 -12.83
C GLU A 246 -24.16 -17.47 -11.96
N GLU A 247 -23.25 -16.89 -11.17
CA GLU A 247 -22.46 -17.72 -10.26
C GLU A 247 -23.38 -18.49 -9.30
N ILE A 248 -24.34 -17.77 -8.72
CA ILE A 248 -25.30 -18.41 -7.83
C ILE A 248 -26.07 -19.50 -8.58
N ARG A 249 -26.52 -19.16 -9.78
CA ARG A 249 -27.32 -20.11 -10.61
C ARG A 249 -26.49 -21.37 -10.85
N CYS A 250 -25.27 -21.23 -11.36
CA CYS A 250 -24.44 -22.39 -11.66
C CYS A 250 -24.22 -23.24 -10.42
N ARG A 251 -23.87 -22.61 -9.29
CA ARG A 251 -23.70 -23.38 -8.08
C ARG A 251 -25.00 -24.07 -7.66
N LYS A 252 -26.15 -23.48 -8.02
CA LYS A 252 -27.42 -24.07 -7.66
C LYS A 252 -27.78 -25.27 -8.53
N TYR A 253 -27.41 -25.24 -9.81
CA TYR A 253 -27.94 -26.22 -10.76
C TYR A 253 -26.86 -27.12 -11.36
N LEU A 254 -25.83 -26.55 -11.95
CA LEU A 254 -24.92 -27.31 -12.80
C LEU A 254 -23.92 -28.11 -11.98
N HIS A 255 -23.26 -29.04 -12.66
CA HIS A 255 -22.13 -29.74 -12.07
C HIS A 255 -20.98 -28.76 -11.84
N PRO A 256 -20.25 -28.89 -10.72
CA PRO A 256 -19.22 -27.89 -10.41
C PRO A 256 -18.17 -27.69 -11.48
N SER A 257 -17.79 -28.76 -12.19
CA SER A 257 -16.69 -28.66 -13.14
C SER A 257 -16.96 -27.62 -14.22
N SER A 258 -18.22 -27.45 -14.62
CA SER A 258 -18.55 -26.50 -15.67
C SER A 258 -18.62 -25.06 -15.19
N TYR A 259 -18.61 -24.84 -13.87
CA TYR A 259 -18.82 -23.50 -13.33
C TYR A 259 -17.91 -22.48 -13.99
N THR A 260 -16.59 -22.68 -13.83
CA THR A 260 -15.62 -21.73 -14.38
C THR A 260 -15.83 -21.55 -15.88
N LYS A 261 -16.29 -22.58 -16.58
CA LYS A 261 -16.57 -22.43 -18.00
C LYS A 261 -17.68 -21.41 -18.22
N VAL A 262 -18.82 -21.61 -17.56
CA VAL A 262 -20.00 -20.79 -17.85
C VAL A 262 -19.71 -19.33 -17.56
N ILE A 263 -19.11 -19.05 -16.40
CA ILE A 263 -18.75 -17.68 -16.06
C ILE A 263 -17.88 -17.10 -17.17
N HIS A 264 -16.88 -17.86 -17.61
CA HIS A 264 -16.02 -17.40 -18.70
C HIS A 264 -16.86 -17.03 -19.90
N GLU A 265 -17.80 -17.90 -20.28
CA GLU A 265 -18.67 -17.59 -21.40
C GLU A 265 -19.44 -16.30 -21.15
N CYS A 266 -19.98 -16.19 -19.94
CA CYS A 266 -20.76 -14.98 -19.56
C CYS A 266 -19.84 -13.74 -19.63
N GLN A 267 -18.54 -13.91 -19.41
CA GLN A 267 -17.62 -12.79 -19.54
C GLN A 267 -17.33 -12.48 -21.01
N GLN A 268 -17.32 -13.51 -21.86
CA GLN A 268 -16.84 -13.31 -23.22
C GLN A 268 -17.88 -12.59 -24.07
N ARG A 269 -19.08 -13.14 -24.17
CA ARG A 269 -20.08 -12.59 -25.07
C ARG A 269 -20.66 -11.30 -24.53
N MET A 270 -20.61 -11.12 -23.19
CA MET A 270 -21.33 -9.97 -22.56
C MET A 270 -20.40 -8.80 -22.20
N VAL A 271 -19.11 -9.04 -22.00
CA VAL A 271 -18.20 -7.98 -21.57
C VAL A 271 -17.20 -7.63 -22.68
N ALA A 272 -16.38 -8.59 -23.11
CA ALA A 272 -15.28 -8.28 -24.01
C ALA A 272 -15.76 -7.95 -25.42
N ASP A 273 -17.01 -8.32 -25.72
CA ASP A 273 -17.55 -8.11 -27.10
C ASP A 273 -17.46 -6.63 -27.43
N HIS A 274 -17.39 -5.78 -26.41
CA HIS A 274 -17.27 -4.32 -26.63
C HIS A 274 -16.14 -3.78 -25.75
N LEU A 275 -14.91 -4.24 -25.99
CA LEU A 275 -13.72 -3.70 -25.27
C LEU A 275 -13.59 -2.22 -25.64
N GLN A 276 -13.83 -1.89 -26.92
CA GLN A 276 -13.76 -0.48 -27.37
C GLN A 276 -14.66 0.39 -26.49
N PHE A 277 -15.76 -0.19 -25.97
CA PHE A 277 -16.68 0.57 -25.13
C PHE A 277 -16.16 0.67 -23.70
N LEU A 278 -15.60 -0.41 -23.18
CA LEU A 278 -15.11 -0.41 -21.81
C LEU A 278 -13.99 0.62 -21.64
N HIS A 279 -13.07 0.69 -22.60
CA HIS A 279 -12.01 1.68 -22.55
C HIS A 279 -12.42 3.02 -23.13
N ALA A 280 -13.62 3.12 -23.74
CA ALA A 280 -14.06 4.41 -24.23
C ALA A 280 -14.38 5.36 -23.08
N GLU A 281 -15.15 4.90 -22.10
CA GLU A 281 -15.60 5.76 -21.02
C GLU A 281 -14.65 5.77 -19.83
N CYS A 282 -13.64 4.90 -19.80
CA CYS A 282 -12.69 4.97 -18.70
C CYS A 282 -11.83 6.20 -18.76
N HIS A 283 -11.78 6.87 -19.92
CA HIS A 283 -10.95 8.07 -20.07
C HIS A 283 -11.35 9.16 -19.09
N ASN A 284 -12.65 9.25 -18.76
CA ASN A 284 -13.13 10.26 -17.84
C ASN A 284 -13.53 9.71 -16.49
N ILE A 285 -13.74 8.40 -16.37
CA ILE A 285 -14.13 7.82 -15.09
C ILE A 285 -13.03 7.99 -14.07
N ILE A 286 -11.77 7.91 -14.50
CA ILE A 286 -10.65 8.06 -13.57
C ILE A 286 -10.35 9.54 -13.33
N ARG A 287 -10.53 10.38 -14.35
CA ARG A 287 -10.33 11.81 -14.14
C ARG A 287 -11.31 12.36 -13.12
N GLN A 288 -12.58 11.94 -13.20
CA GLN A 288 -13.56 12.33 -12.20
C GLN A 288 -13.26 11.70 -10.84
N GLU A 289 -12.40 10.68 -10.80
CA GLU A 289 -12.04 10.00 -9.56
C GLU A 289 -13.27 9.43 -8.86
N LYS A 290 -14.04 8.64 -9.61
CA LYS A 290 -15.21 7.97 -9.07
C LYS A 290 -14.75 6.91 -8.08
N LYS A 291 -14.89 7.21 -6.78
CA LYS A 291 -14.31 6.37 -5.75
C LYS A 291 -14.82 4.93 -5.83
N ASN A 292 -16.08 4.75 -6.24
CA ASN A 292 -16.66 3.42 -6.27
C ASN A 292 -16.70 2.79 -7.65
N ASP A 293 -16.70 3.59 -8.72
CA ASP A 293 -16.85 3.01 -10.05
C ASP A 293 -15.63 2.21 -10.45
N MET A 294 -14.43 2.76 -10.28
CA MET A 294 -13.23 1.98 -10.59
C MET A 294 -13.08 0.77 -9.68
N ALA A 295 -13.67 0.80 -8.49
CA ALA A 295 -13.62 -0.37 -7.61
C ALA A 295 -14.26 -1.57 -8.29
N ASN A 296 -15.42 -1.37 -8.91
CA ASN A 296 -16.03 -2.44 -9.69
C ASN A 296 -15.56 -2.44 -11.13
N MET A 297 -14.94 -1.36 -11.60
CA MET A 297 -14.44 -1.35 -12.97
C MET A 297 -13.17 -2.17 -13.08
N TYR A 298 -12.43 -2.28 -11.98
CA TYR A 298 -11.18 -3.05 -11.98
C TYR A 298 -11.44 -4.54 -12.15
N VAL A 299 -12.42 -5.08 -11.41
CA VAL A 299 -12.64 -6.51 -11.44
C VAL A 299 -13.11 -6.96 -12.80
N LEU A 300 -13.91 -6.14 -13.48
CA LEU A 300 -14.39 -6.51 -14.81
C LEU A 300 -13.24 -6.64 -15.81
N LEU A 301 -12.28 -5.73 -15.77
CA LEU A 301 -11.15 -5.82 -16.69
C LEU A 301 -10.20 -6.94 -16.32
N ARG A 302 -10.18 -7.37 -15.06
CA ARG A 302 -9.36 -8.51 -14.68
C ARG A 302 -9.89 -9.79 -15.30
N ALA A 303 -11.21 -9.93 -15.41
CA ALA A 303 -11.78 -11.12 -16.01
C ALA A 303 -11.36 -11.27 -17.47
N VAL A 304 -11.41 -10.18 -18.23
CA VAL A 304 -10.98 -10.21 -19.62
C VAL A 304 -9.47 -10.14 -19.67
N SER A 305 -8.90 -10.69 -20.75
CA SER A 305 -7.45 -10.79 -20.86
C SER A 305 -6.79 -9.44 -21.05
N THR A 306 -7.30 -8.63 -21.98
CA THR A 306 -6.65 -7.40 -22.39
C THR A 306 -7.27 -6.14 -21.79
N GLY A 307 -8.26 -6.29 -20.91
CA GLY A 307 -8.93 -5.12 -20.39
C GLY A 307 -8.05 -4.26 -19.50
N LEU A 308 -7.30 -4.88 -18.59
CA LEU A 308 -6.52 -4.11 -17.62
C LEU A 308 -5.44 -3.24 -18.25
N PRO A 309 -4.56 -3.74 -19.12
CA PRO A 309 -3.37 -2.93 -19.50
C PRO A 309 -3.71 -1.57 -20.07
N HIS A 310 -4.75 -1.47 -20.89
CA HIS A 310 -5.09 -0.19 -21.49
C HIS A 310 -5.52 0.82 -20.42
N MET A 311 -6.37 0.40 -19.50
CA MET A 311 -6.82 1.32 -18.46
C MET A 311 -5.72 1.57 -17.46
N ILE A 312 -4.79 0.63 -17.28
CA ILE A 312 -3.66 0.85 -16.40
C ILE A 312 -2.83 2.04 -16.88
N GLN A 313 -2.55 2.09 -18.18
CA GLN A 313 -1.77 3.19 -18.73
C GLN A 313 -2.52 4.51 -18.59
N GLU A 314 -3.85 4.49 -18.76
CA GLU A 314 -4.62 5.71 -18.64
C GLU A 314 -4.52 6.29 -17.24
N LEU A 315 -4.46 5.43 -16.23
CA LEU A 315 -4.20 5.91 -14.88
C LEU A 315 -2.84 6.59 -14.81
N GLN A 316 -1.84 6.01 -15.47
CA GLN A 316 -0.51 6.60 -15.46
C GLN A 316 -0.53 7.99 -16.08
N ASN A 317 -1.28 8.16 -17.17
CA ASN A 317 -1.40 9.49 -17.77
C ASN A 317 -2.06 10.46 -16.81
N HIS A 318 -3.10 10.01 -16.09
CA HIS A 318 -3.79 10.89 -15.17
C HIS A 318 -2.89 11.35 -14.04
N ILE A 319 -2.20 10.40 -13.39
CA ILE A 319 -1.30 10.77 -12.31
C ILE A 319 -0.13 11.61 -12.83
N HIS A 320 0.33 11.34 -14.05
CA HIS A 320 1.39 12.14 -14.64
C HIS A 320 0.99 13.61 -14.70
N ASP A 321 -0.22 13.89 -15.17
CA ASP A 321 -0.70 15.26 -15.21
C ASP A 321 -1.07 15.76 -13.82
N GLU A 322 -1.72 14.91 -13.01
CA GLU A 322 -2.14 15.32 -11.69
C GLU A 322 -0.95 15.70 -10.82
N GLY A 323 0.08 14.87 -10.82
CA GLY A 323 1.29 15.22 -10.09
C GLY A 323 1.98 16.45 -10.65
N LEU A 324 1.95 16.63 -11.97
CA LEU A 324 2.60 17.77 -12.57
C LEU A 324 1.98 19.09 -12.10
N ARG A 325 0.64 19.14 -12.07
CA ARG A 325 -0.04 20.36 -11.64
C ARG A 325 0.31 20.71 -10.20
N ALA A 326 0.36 19.70 -9.33
CA ALA A 326 0.73 19.94 -7.95
C ALA A 326 2.22 20.25 -7.78
N THR A 327 3.01 20.10 -8.85
CA THR A 327 4.45 20.30 -8.78
C THR A 327 4.97 21.27 -9.83
N SER A 328 4.14 22.21 -10.28
CA SER A 328 4.55 23.15 -11.31
C SER A 328 4.52 24.61 -10.86
N ASN A 329 3.57 24.98 -10.00
CA ASN A 329 3.40 26.36 -9.57
C ASN A 329 4.12 26.65 -8.24
N LEU A 330 5.24 25.97 -8.00
CA LEU A 330 5.96 26.14 -6.74
C LEU A 330 6.53 27.54 -6.64
N THR A 331 6.44 28.13 -5.45
CA THR A 331 7.04 29.43 -5.21
C THR A 331 8.56 29.32 -5.28
N GLN A 332 9.19 30.27 -5.97
CA GLN A 332 10.63 30.24 -6.11
C GLN A 332 11.35 30.42 -4.77
N GLU A 333 10.66 30.93 -3.76
CA GLU A 333 11.29 31.14 -2.46
C GLU A 333 11.37 29.83 -1.67
N ASN A 334 10.23 29.23 -1.36
CA ASN A 334 10.17 28.02 -0.55
C ASN A 334 9.95 26.78 -1.41
N MET A 335 10.54 26.76 -2.61
CA MET A 335 10.38 25.62 -3.50
C MET A 335 10.84 24.31 -2.89
N PRO A 336 12.02 24.19 -2.27
CA PRO A 336 12.49 22.86 -1.85
C PRO A 336 11.59 22.18 -0.84
N THR A 337 11.23 22.87 0.24
CA THR A 337 10.42 22.23 1.28
C THR A 337 9.05 21.82 0.75
N LEU A 338 8.43 22.67 -0.06
CA LEU A 338 7.10 22.38 -0.59
C LEU A 338 7.13 21.36 -1.72
N PHE A 339 8.19 21.35 -2.53
CA PHE A 339 8.29 20.38 -3.62
C PHE A 339 8.28 18.96 -3.08
N VAL A 340 9.02 18.71 -2.00
CA VAL A 340 9.00 17.40 -1.37
C VAL A 340 7.59 17.11 -0.83
N GLU A 341 6.98 18.09 -0.18
CA GLU A 341 5.65 17.89 0.36
C GLU A 341 4.64 17.65 -0.75
N SER A 342 4.73 18.43 -1.84
CA SER A 342 3.71 18.37 -2.88
C SER A 342 3.57 16.98 -3.47
N VAL A 343 4.70 16.31 -3.72
CA VAL A 343 4.66 14.95 -4.25
C VAL A 343 4.09 13.99 -3.21
N LEU A 344 4.38 14.23 -1.93
CA LEU A 344 4.04 13.26 -0.90
C LEU A 344 2.55 12.95 -0.87
N GLU A 345 1.71 13.98 -0.79
CA GLU A 345 0.27 13.72 -0.80
C GLU A 345 -0.19 13.19 -2.14
N VAL A 346 0.44 13.63 -3.23
CA VAL A 346 0.11 13.10 -4.55
C VAL A 346 0.37 11.60 -4.59
N HIS A 347 1.53 11.19 -4.07
CA HIS A 347 1.81 9.78 -3.92
C HIS A 347 0.93 9.15 -2.84
N GLY A 348 0.84 9.81 -1.69
CA GLY A 348 0.13 9.21 -0.56
C GLY A 348 -1.33 8.95 -0.85
N LYS A 349 -2.00 9.91 -1.49
CA LYS A 349 -3.43 9.75 -1.77
C LYS A 349 -3.67 8.59 -2.72
N PHE A 350 -2.89 8.51 -3.80
CA PHE A 350 -3.11 7.47 -4.79
C PHE A 350 -2.81 6.08 -4.23
N VAL A 351 -1.82 5.99 -3.33
CA VAL A 351 -1.51 4.69 -2.73
C VAL A 351 -2.72 4.14 -2.00
N GLN A 352 -3.36 4.98 -1.17
CA GLN A 352 -4.58 4.56 -0.50
C GLN A 352 -5.70 4.31 -1.51
N LEU A 353 -5.71 5.10 -2.59
CA LEU A 353 -6.68 4.87 -3.65
C LEU A 353 -6.48 3.51 -4.29
N ILE A 354 -5.24 3.20 -4.69
CA ILE A 354 -4.97 1.94 -5.39
C ILE A 354 -5.24 0.75 -4.48
N ASN A 355 -4.73 0.82 -3.25
CA ASN A 355 -4.85 -0.32 -2.34
C ASN A 355 -6.29 -0.60 -1.97
N THR A 356 -7.07 0.46 -1.71
CA THR A 356 -8.45 0.25 -1.27
C THR A 356 -9.37 0.03 -2.46
N VAL A 357 -9.45 1.01 -3.37
CA VAL A 357 -10.42 0.95 -4.44
C VAL A 357 -10.09 -0.16 -5.42
N LEU A 358 -8.82 -0.24 -5.84
CA LEU A 358 -8.42 -1.18 -6.88
C LEU A 358 -7.83 -2.47 -6.32
N ASN A 359 -8.25 -2.86 -5.11
CA ASN A 359 -7.89 -4.14 -4.50
C ASN A 359 -6.40 -4.31 -4.32
N GLY A 360 -5.64 -3.21 -4.30
CA GLY A 360 -4.21 -3.30 -4.13
C GLY A 360 -3.50 -4.03 -5.24
N ASP A 361 -3.88 -3.77 -6.48
CA ASP A 361 -3.22 -4.41 -7.61
C ASP A 361 -1.76 -3.99 -7.67
N GLN A 362 -0.88 -4.96 -7.89
CA GLN A 362 0.54 -4.66 -7.96
C GLN A 362 0.90 -3.84 -9.19
N HIS A 363 0.23 -4.09 -10.32
CA HIS A 363 0.55 -3.36 -11.55
C HIS A 363 0.29 -1.87 -11.37
N PHE A 364 -0.85 -1.52 -10.76
CA PHE A 364 -1.17 -0.12 -10.57
C PHE A 364 -0.14 0.56 -9.67
N MET A 365 0.26 -0.11 -8.58
CA MET A 365 1.34 0.42 -7.76
C MET A 365 2.62 0.56 -8.57
N SER A 366 2.90 -0.43 -9.41
CA SER A 366 4.03 -0.30 -10.33
C SER A 366 3.79 0.83 -11.33
N ALA A 367 2.58 0.91 -11.88
CA ALA A 367 2.28 1.97 -12.83
C ALA A 367 2.34 3.34 -12.16
N LEU A 368 2.09 3.40 -10.85
CA LEU A 368 2.21 4.66 -10.13
C LEU A 368 3.64 5.17 -10.17
N ASP A 369 4.60 4.31 -9.83
CA ASP A 369 6.00 4.73 -9.81
C ASP A 369 6.53 5.01 -11.21
N LYS A 370 5.90 4.43 -12.24
CA LYS A 370 6.33 4.72 -13.61
C LYS A 370 6.15 6.20 -13.94
N ALA A 371 5.15 6.83 -13.35
CA ALA A 371 4.87 8.24 -13.61
C ALA A 371 5.50 9.17 -12.59
N LEU A 372 5.47 8.81 -11.30
CA LEU A 372 6.06 9.67 -10.29
C LEU A 372 7.54 9.87 -10.53
N THR A 373 8.25 8.80 -10.92
CA THR A 373 9.65 8.93 -11.30
C THR A 373 9.80 9.89 -12.46
N SER A 374 8.93 9.77 -13.47
CA SER A 374 8.93 10.71 -14.57
C SER A 374 8.54 12.12 -14.12
N VAL A 375 7.84 12.23 -12.99
CA VAL A 375 7.43 13.54 -12.48
C VAL A 375 8.53 14.18 -11.66
N VAL A 376 9.06 13.45 -10.68
CA VAL A 376 10.08 14.02 -9.80
C VAL A 376 11.33 14.38 -10.59
N ASN A 377 11.75 13.49 -11.49
CA ASN A 377 12.97 13.74 -12.25
C ASN A 377 12.77 14.77 -13.35
N TYR A 378 11.54 15.22 -13.59
CA TYR A 378 11.29 16.18 -14.65
C TYR A 378 11.96 17.52 -14.35
N ARG A 379 12.52 18.13 -15.38
CA ARG A 379 13.26 19.39 -15.26
C ARG A 379 12.36 20.57 -15.61
N GLU A 380 11.35 20.78 -14.75
CA GLU A 380 10.42 21.86 -14.98
C GLU A 380 11.06 23.25 -14.94
N PRO A 381 11.87 23.60 -13.94
CA PRO A 381 12.45 24.95 -13.93
C PRO A 381 13.47 25.13 -15.05
N LYS A 382 13.80 26.40 -15.30
CA LYS A 382 14.77 26.71 -16.34
C LYS A 382 16.13 26.12 -16.03
N SER A 383 16.46 25.96 -14.76
CA SER A 383 17.70 25.30 -14.39
C SER A 383 17.67 23.85 -14.84
N VAL A 384 18.80 23.38 -15.35
CA VAL A 384 18.86 22.03 -15.91
C VAL A 384 19.00 21.02 -14.78
N CYS A 385 18.06 20.05 -14.74
CA CYS A 385 18.08 18.96 -13.78
C CYS A 385 18.22 19.47 -12.35
N LYS A 386 17.48 20.54 -12.04
CA LYS A 386 17.54 21.13 -10.71
C LYS A 386 16.79 20.32 -9.66
N ALA A 387 16.02 19.31 -10.09
CA ALA A 387 15.19 18.56 -9.14
C ALA A 387 16.00 17.89 -8.03
N PRO A 388 17.05 17.11 -8.30
CA PRO A 388 17.82 16.57 -7.18
C PRO A 388 18.47 17.65 -6.34
N GLU A 389 18.92 18.74 -6.96
CA GLU A 389 19.56 19.82 -6.20
C GLU A 389 18.59 20.43 -5.20
N LEU A 390 17.42 20.84 -5.67
CA LEU A 390 16.44 21.44 -4.77
C LEU A 390 15.99 20.44 -3.71
N LEU A 391 16.01 19.15 -4.05
CA LEU A 391 15.70 18.14 -3.05
C LEU A 391 16.75 18.12 -1.95
N ALA A 392 18.00 18.39 -2.29
CA ALA A 392 19.05 18.41 -1.28
C ALA A 392 18.81 19.52 -0.26
N LYS A 393 18.37 20.69 -0.74
CA LYS A 393 18.13 21.81 0.17
C LYS A 393 17.08 21.47 1.23
N TYR A 394 16.16 20.57 0.90
CA TYR A 394 15.16 20.14 1.87
C TYR A 394 15.82 19.48 3.07
N CYS A 395 16.88 18.70 2.82
CA CYS A 395 17.61 18.08 3.92
C CYS A 395 18.19 19.13 4.85
N ASP A 396 18.75 20.21 4.28
CA ASP A 396 19.28 21.29 5.10
C ASP A 396 18.19 21.91 5.96
N ASN A 397 17.01 22.14 5.39
CA ASN A 397 15.93 22.74 6.16
C ASN A 397 15.55 21.88 7.35
N LEU A 398 15.55 20.56 7.18
CA LEU A 398 15.25 19.65 8.27
C LEU A 398 16.46 19.31 9.12
N LEU A 399 17.65 19.78 8.75
CA LEU A 399 18.87 19.43 9.48
C LEU A 399 19.71 20.66 9.84
N LYS A 400 19.13 21.84 9.82
CA LYS A 400 19.82 23.04 10.26
C LYS A 400 19.27 23.47 11.61
N LYS A 401 20.15 23.60 12.60
CA LYS A 401 19.72 23.99 13.93
C LYS A 401 19.23 25.43 13.94
N SER A 402 17.91 25.61 13.98
CA SER A 402 17.32 26.94 14.04
C SER A 402 16.91 27.26 15.47
N ALA A 403 16.85 28.55 15.77
CA ALA A 403 16.42 28.99 17.09
C ALA A 403 15.02 28.49 17.38
N LYS A 404 14.84 27.90 18.57
CA LYS A 404 13.59 27.24 18.94
C LYS A 404 13.18 26.21 17.88
N GLY A 405 14.16 25.40 17.47
CA GLY A 405 13.91 24.43 16.42
C GLY A 405 12.88 23.40 16.82
N MET A 406 12.06 23.01 15.85
CA MET A 406 11.00 22.05 16.10
C MET A 406 11.58 20.65 16.32
N THR A 407 10.74 19.78 16.89
CA THR A 407 11.22 18.55 17.51
C THR A 407 11.97 17.66 16.54
N GLU A 408 13.13 17.16 16.99
CA GLU A 408 13.91 16.22 16.19
C GLU A 408 13.15 14.91 15.96
N ASN A 409 12.41 14.47 16.98
CA ASN A 409 11.62 13.25 16.81
C ASN A 409 10.60 13.39 15.70
N GLU A 410 9.95 14.55 15.61
CA GLU A 410 9.04 14.81 14.50
C GLU A 410 9.80 14.88 13.17
N VAL A 411 11.05 15.34 13.20
CA VAL A 411 11.86 15.32 11.99
C VAL A 411 12.05 13.88 11.52
N GLU A 412 12.32 12.97 12.46
CA GLU A 412 12.52 11.57 12.11
C GLU A 412 11.36 11.04 11.29
N ASP A 413 10.14 11.39 11.66
CA ASP A 413 8.98 11.02 10.85
C ASP A 413 9.05 11.66 9.47
N ARG A 414 9.44 12.94 9.42
CA ARG A 414 9.58 13.61 8.13
C ARG A 414 10.66 12.94 7.29
N LEU A 415 11.78 12.58 7.91
CA LEU A 415 12.88 11.97 7.18
C LEU A 415 12.46 10.64 6.57
N THR A 416 11.71 9.83 7.32
CA THR A 416 11.19 8.59 6.77
C THR A 416 10.30 8.86 5.57
N SER A 417 9.43 9.86 5.67
CA SER A 417 8.63 10.25 4.52
C SER A 417 9.50 10.78 3.38
N PHE A 418 10.63 11.40 3.73
CA PHE A 418 11.53 11.92 2.71
C PHE A 418 12.11 10.80 1.85
N ILE A 419 12.35 9.64 2.47
CA ILE A 419 12.96 8.52 1.73
C ILE A 419 12.06 8.09 0.57
N THR A 420 10.75 8.25 0.72
CA THR A 420 9.83 7.77 -0.31
C THR A 420 10.08 8.46 -1.65
N VAL A 421 10.23 9.79 -1.63
CA VAL A 421 10.50 10.49 -2.89
C VAL A 421 11.94 10.26 -3.32
N PHE A 422 12.81 9.87 -2.39
CA PHE A 422 14.22 9.67 -2.72
C PHE A 422 14.38 8.59 -3.77
N LYS A 423 13.61 7.51 -3.66
CA LYS A 423 13.71 6.42 -4.62
C LYS A 423 13.37 6.87 -6.04
N TYR A 424 12.51 7.87 -6.18
CA TYR A 424 12.05 8.30 -7.50
C TYR A 424 13.12 9.07 -8.27
N ILE A 425 14.18 9.52 -7.61
CA ILE A 425 15.24 10.24 -8.31
C ILE A 425 16.03 9.28 -9.18
N ASP A 426 16.38 9.73 -10.38
CA ASP A 426 17.10 8.86 -11.30
C ASP A 426 18.62 8.94 -11.07
N ASP A 427 19.17 10.15 -11.09
CA ASP A 427 20.62 10.33 -10.94
C ASP A 427 20.91 10.57 -9.46
N LYS A 428 20.73 9.51 -8.67
CA LYS A 428 20.91 9.61 -7.23
C LYS A 428 22.34 9.94 -6.85
N ASP A 429 23.31 9.61 -7.68
CA ASP A 429 24.70 9.97 -7.38
C ASP A 429 24.89 11.48 -7.36
N VAL A 430 24.28 12.19 -8.32
CA VAL A 430 24.42 13.64 -8.36
C VAL A 430 23.88 14.27 -7.09
N PHE A 431 22.77 13.73 -6.58
CA PHE A 431 22.26 14.16 -5.29
C PHE A 431 23.31 14.04 -4.21
N GLN A 432 24.06 12.94 -4.21
CA GLN A 432 25.08 12.73 -3.19
C GLN A 432 26.15 13.82 -3.24
N LYS A 433 26.59 14.17 -4.45
CA LYS A 433 27.62 15.20 -4.57
C LYS A 433 27.12 16.53 -4.03
N PHE A 434 25.89 16.92 -4.39
CA PHE A 434 25.33 18.15 -3.85
C PHE A 434 25.06 18.02 -2.37
N TYR A 435 24.65 16.83 -1.92
CA TYR A 435 24.42 16.65 -0.49
C TYR A 435 25.69 16.84 0.32
N ALA A 436 26.83 16.36 -0.19
CA ALA A 436 28.08 16.44 0.57
C ALA A 436 28.48 17.88 0.83
N ARG A 437 28.55 18.69 -0.22
CA ARG A 437 28.99 20.07 -0.05
C ARG A 437 28.04 20.84 0.85
N MET A 438 26.74 20.65 0.65
CA MET A 438 25.77 21.26 1.57
C MET A 438 25.97 20.73 2.97
N LEU A 439 26.22 19.43 3.11
CA LEU A 439 26.56 18.88 4.42
C LEU A 439 27.90 19.41 4.91
N ALA A 440 28.83 19.70 4.00
CA ALA A 440 30.14 20.20 4.41
C ALA A 440 30.01 21.50 5.19
N LYS A 441 29.15 22.39 4.71
CA LYS A 441 28.94 23.66 5.41
C LYS A 441 28.35 23.43 6.80
N ARG A 442 27.37 22.53 6.91
CA ARG A 442 26.63 22.38 8.16
C ARG A 442 27.54 21.91 9.29
N LEU A 443 28.39 20.93 9.00
CA LEU A 443 29.23 20.38 10.05
C LEU A 443 30.36 21.33 10.42
N ILE A 444 30.99 21.96 9.43
CA ILE A 444 32.15 22.79 9.69
C ILE A 444 31.78 23.99 10.57
N HIS A 445 30.52 24.39 10.56
CA HIS A 445 30.03 25.47 11.42
C HIS A 445 29.08 24.98 12.50
N GLY A 446 28.92 23.67 12.65
CA GLY A 446 27.99 23.15 13.64
C GLY A 446 26.55 23.49 13.39
N LEU A 447 26.17 23.73 12.13
CA LEU A 447 24.82 24.21 11.84
C LEU A 447 23.79 23.12 12.08
N SER A 448 24.20 21.85 12.02
CA SER A 448 23.28 20.75 12.30
C SER A 448 22.94 20.74 13.79
N MET A 449 21.76 20.21 14.11
CA MET A 449 21.33 20.15 15.50
C MET A 449 22.29 19.28 16.31
N SER A 450 22.52 18.06 15.83
CA SER A 450 23.44 17.13 16.48
C SER A 450 23.88 16.10 15.45
N MET A 451 25.03 15.50 15.72
CA MET A 451 25.53 14.44 14.84
C MET A 451 24.56 13.27 14.77
N ASP A 452 23.85 13.01 15.86
CA ASP A 452 22.91 11.90 15.88
C ASP A 452 21.83 12.09 14.83
N SER A 453 21.30 13.31 14.71
CA SER A 453 20.31 13.57 13.67
C SER A 453 20.90 13.37 12.29
N GLU A 454 22.12 13.85 12.07
CA GLU A 454 22.78 13.63 10.78
C GLU A 454 23.07 12.14 10.59
N GLU A 455 23.48 11.45 11.65
CA GLU A 455 23.82 10.04 11.54
C GLU A 455 22.63 9.21 11.06
N ALA A 456 21.41 9.62 11.41
CA ALA A 456 20.24 8.92 10.92
C ALA A 456 20.17 8.97 9.40
N MET A 457 20.46 10.13 8.82
CA MET A 457 20.52 10.23 7.37
C MET A 457 21.60 9.33 6.80
N ILE A 458 22.76 9.28 7.46
CA ILE A 458 23.85 8.46 6.96
C ILE A 458 23.45 6.99 6.92
N ASN A 459 22.90 6.49 8.02
CA ASN A 459 22.51 5.09 8.08
C ASN A 459 21.39 4.79 7.09
N LYS A 460 20.41 5.69 6.99
CA LYS A 460 19.29 5.47 6.07
C LYS A 460 19.77 5.45 4.62
N LEU A 461 20.67 6.37 4.26
CA LEU A 461 21.19 6.38 2.90
C LEU A 461 21.96 5.11 2.60
N LYS A 462 22.79 4.66 3.54
CA LYS A 462 23.54 3.41 3.32
C LYS A 462 22.58 2.24 3.13
N GLN A 463 21.54 2.17 3.96
CA GLN A 463 20.51 1.17 3.74
C GLN A 463 19.79 1.39 2.42
N ALA A 464 19.70 2.64 1.96
CA ALA A 464 19.00 2.93 0.72
C ALA A 464 19.83 2.56 -0.50
N CYS A 465 21.15 2.81 -0.47
CA CYS A 465 21.95 2.58 -1.67
C CYS A 465 23.30 1.97 -1.38
N GLY A 466 23.45 1.22 -0.29
CA GLY A 466 24.67 0.48 -0.03
C GLY A 466 25.73 1.32 0.64
N TYR A 467 26.78 0.61 1.09
CA TYR A 467 27.87 1.28 1.78
C TYR A 467 28.66 2.19 0.83
N GLU A 468 28.87 1.75 -0.41
CA GLU A 468 29.73 2.50 -1.31
C GLU A 468 29.16 3.88 -1.62
N PHE A 469 27.84 3.95 -1.83
CA PHE A 469 27.21 5.24 -2.13
C PHE A 469 27.33 6.21 -0.96
N THR A 470 27.53 5.69 0.25
CA THR A 470 27.62 6.50 1.46
C THR A 470 29.01 6.37 2.07
N SER A 471 29.98 5.94 1.26
CA SER A 471 31.33 5.74 1.77
C SER A 471 31.97 7.07 2.17
N LYS A 472 31.92 8.07 1.29
CA LYS A 472 32.48 9.36 1.63
C LYS A 472 31.76 9.97 2.83
N LEU A 473 30.43 9.95 2.81
CA LEU A 473 29.65 10.61 3.85
C LEU A 473 29.92 10.01 5.21
N HIS A 474 30.03 8.68 5.28
CA HIS A 474 30.32 8.05 6.57
C HIS A 474 31.68 8.50 7.10
N ARG A 475 32.68 8.58 6.22
CA ARG A 475 33.97 9.13 6.63
C ARG A 475 33.84 10.58 7.02
N MET A 476 33.00 11.33 6.30
CA MET A 476 32.71 12.72 6.67
C MET A 476 32.23 12.80 8.12
N TYR A 477 31.21 12.02 8.45
CA TYR A 477 30.62 12.06 9.78
C TYR A 477 31.62 11.61 10.84
N THR A 478 32.36 10.54 10.57
CA THR A 478 33.31 10.04 11.54
C THR A 478 34.46 11.02 11.76
N ASP A 479 34.84 11.75 10.71
CA ASP A 479 36.04 12.59 10.77
C ASP A 479 35.97 13.57 11.93
N MET A 480 34.85 14.29 12.06
CA MET A 480 34.76 15.29 13.13
C MET A 480 34.48 14.67 14.48
N SER A 481 33.79 13.53 14.51
CA SER A 481 33.47 12.91 15.78
C SER A 481 34.73 12.56 16.55
N VAL A 482 35.73 11.99 15.88
CA VAL A 482 37.01 11.76 16.51
C VAL A 482 37.77 13.07 16.70
N SER A 483 37.54 14.03 15.80
CA SER A 483 38.29 15.29 15.83
C SER A 483 38.09 16.05 17.13
N ALA A 484 36.97 15.86 17.81
CA ALA A 484 36.74 16.55 19.07
C ALA A 484 37.80 16.16 20.09
N ASP A 485 38.14 14.87 20.18
CA ASP A 485 39.17 14.45 21.11
C ASP A 485 40.55 14.94 20.69
N LEU A 486 40.81 14.99 19.39
CA LEU A 486 42.13 15.41 18.92
C LEU A 486 42.44 16.83 19.37
N ASN A 487 41.48 17.74 19.25
CA ASN A 487 41.68 19.10 19.74
C ASN A 487 41.92 19.09 21.25
N ASN A 488 41.12 18.31 21.98
CA ASN A 488 41.32 18.20 23.42
C ASN A 488 42.66 17.56 23.74
N LYS A 489 43.00 16.47 23.03
CA LYS A 489 44.25 15.78 23.32
C LYS A 489 45.45 16.64 22.95
N PHE A 490 45.31 17.48 21.94
CA PHE A 490 46.40 18.40 21.60
C PHE A 490 46.66 19.38 22.73
N ASN A 491 45.60 19.86 23.38
CA ASN A 491 45.77 20.78 24.50
C ASN A 491 46.53 20.14 25.64
N ASN A 492 46.33 18.84 25.85
CA ASN A 492 47.06 18.14 26.91
C ASN A 492 48.56 18.18 26.66
N PHE A 493 48.98 18.22 25.40
CA PHE A 493 50.40 18.30 25.08
C PHE A 493 51.03 19.57 25.64
N ILE A 494 50.35 20.71 25.50
CA ILE A 494 50.83 21.93 26.12
C ILE A 494 50.91 21.76 27.63
N LYS A 495 49.91 21.10 28.22
CA LYS A 495 49.97 20.78 29.64
C LYS A 495 51.10 19.79 29.93
N ASN A 496 51.30 18.81 29.05
CA ASN A 496 52.36 17.83 29.24
C ASN A 496 53.74 18.49 29.21
N GLN A 497 53.94 19.42 28.28
CA GLN A 497 55.22 20.11 28.18
C GLN A 497 55.38 21.14 29.29
N ASP A 502 53.45 28.65 25.24
CA ASP A 502 52.24 29.43 25.41
C ASP A 502 51.72 29.95 24.08
N LEU A 503 50.61 29.38 23.62
CA LEU A 503 49.98 29.84 22.39
C LEU A 503 49.48 31.27 22.50
N GLY A 504 48.87 31.63 23.63
CA GLY A 504 48.38 32.97 23.85
C GLY A 504 47.02 33.26 23.26
N ILE A 505 46.47 32.37 22.43
CA ILE A 505 45.17 32.58 21.82
C ILE A 505 44.34 31.32 21.99
N SER A 506 43.03 31.48 21.84
CA SER A 506 42.12 30.33 21.84
C SER A 506 42.18 29.67 20.48
N PHE A 507 42.53 28.38 20.45
CA PHE A 507 42.77 27.65 19.22
C PHE A 507 41.90 26.41 19.14
N GLN A 508 41.26 26.22 18.00
CA GLN A 508 40.54 24.98 17.70
C GLN A 508 40.97 24.49 16.32
N ILE A 509 40.87 23.18 16.13
CA ILE A 509 41.36 22.57 14.90
C ILE A 509 40.53 21.34 14.58
N TYR A 510 40.27 21.13 13.31
CA TYR A 510 39.67 19.90 12.79
C TYR A 510 40.63 19.28 11.79
N VAL A 511 40.95 18.01 11.99
CA VAL A 511 41.85 17.29 11.09
C VAL A 511 40.98 16.62 10.04
N LEU A 512 40.83 17.28 8.90
CA LEU A 512 39.97 16.76 7.84
C LEU A 512 40.71 15.72 7.02
N GLN A 513 39.97 14.76 6.49
CA GLN A 513 40.53 13.67 5.72
C GLN A 513 40.45 14.00 4.24
N ALA A 514 41.58 13.86 3.54
CA ALA A 514 41.67 14.35 2.17
C ALA A 514 40.66 13.68 1.26
N GLY A 515 40.41 12.39 1.47
CA GLY A 515 39.55 11.67 0.54
C GLY A 515 38.11 12.16 0.55
N ALA A 516 37.47 12.11 1.72
CA ALA A 516 36.03 12.34 1.76
C ALA A 516 35.68 13.82 1.60
N TRP A 517 36.43 14.70 2.23
CA TRP A 517 36.08 16.12 2.22
C TRP A 517 36.18 16.69 0.82
N PRO A 518 35.13 17.27 0.27
CA PRO A 518 35.20 17.81 -1.08
C PRO A 518 35.81 19.20 -1.13
N LEU A 519 37.08 19.28 -0.75
CA LEU A 519 37.83 20.56 -0.82
C LEU A 519 39.00 20.34 -1.78
N THR A 520 38.70 20.02 -3.05
CA THR A 520 39.76 19.70 -4.04
C THR A 520 40.66 20.91 -4.26
N GLN A 521 40.11 22.12 -4.17
CA GLN A 521 40.89 23.36 -4.46
C GLN A 521 41.96 23.63 -3.41
N ALA A 522 43.22 23.51 -3.77
CA ALA A 522 44.32 23.90 -2.85
C ALA A 522 44.88 25.20 -3.42
N PRO A 523 44.91 26.33 -2.67
CA PRO A 523 45.32 27.60 -3.27
C PRO A 523 46.77 27.63 -3.76
N SER A 524 46.99 28.03 -5.01
CA SER A 524 48.37 28.19 -5.53
C SER A 524 49.04 29.32 -4.75
N SER A 525 48.28 30.38 -4.48
CA SER A 525 48.82 31.55 -3.72
C SER A 525 49.47 31.06 -2.42
N THR A 526 50.79 31.17 -2.33
CA THR A 526 51.50 30.77 -1.12
C THR A 526 51.26 31.83 -0.05
N PHE A 527 50.20 31.64 0.73
CA PHE A 527 49.89 32.55 1.81
C PHE A 527 50.96 32.48 2.89
N ALA A 528 51.26 33.62 3.49
CA ALA A 528 52.23 33.71 4.58
C ALA A 528 51.47 33.73 5.91
N ILE A 529 51.68 32.70 6.71
CA ILE A 529 50.98 32.59 8.00
C ILE A 529 51.43 33.73 8.91
N PRO A 530 50.51 34.44 9.57
CA PRO A 530 50.93 35.49 10.50
C PRO A 530 51.74 34.92 11.65
N GLN A 531 52.65 35.73 12.18
CA GLN A 531 53.51 35.30 13.26
C GLN A 531 52.70 34.87 14.48
N GLU A 532 51.64 35.61 14.80
CA GLU A 532 50.77 35.23 15.90
C GLU A 532 50.15 33.87 15.68
N LEU A 533 49.91 33.51 14.41
CA LEU A 533 49.47 32.16 14.07
C LEU A 533 50.61 31.24 13.74
N GLU A 534 51.82 31.76 13.52
CA GLU A 534 52.93 30.93 13.10
C GLU A 534 53.46 30.08 14.24
N LYS A 535 53.34 30.56 15.47
CA LYS A 535 53.75 29.74 16.62
C LYS A 535 52.86 28.51 16.75
N SER A 536 51.54 28.72 16.67
CA SER A 536 50.61 27.61 16.89
C SER A 536 50.75 26.53 15.82
N VAL A 537 50.89 26.94 14.56
CA VAL A 537 51.01 25.97 13.48
C VAL A 537 52.27 25.13 13.66
N GLN A 538 53.35 25.76 14.14
CA GLN A 538 54.57 25.01 14.43
C GLN A 538 54.32 23.99 15.53
N MET A 539 53.60 24.39 16.58
CA MET A 539 53.37 23.51 17.71
C MET A 539 52.55 22.29 17.32
N PHE A 540 51.48 22.50 16.54
CA PHE A 540 50.61 21.40 16.17
C PHE A 540 51.29 20.45 15.20
N GLU A 541 51.98 21.00 14.20
CA GLU A 541 52.63 20.15 13.20
C GLU A 541 53.67 19.24 13.84
N LEU A 542 54.46 19.79 14.76
CA LEU A 542 55.38 18.95 15.52
C LEU A 542 54.62 17.92 16.34
N PHE A 543 53.52 18.34 16.97
CA PHE A 543 52.73 17.42 17.78
C PHE A 543 52.07 16.34 16.93
N TYR A 544 51.58 16.70 15.74
CA TYR A 544 50.85 15.72 14.94
C TYR A 544 51.73 14.53 14.59
N SER A 545 52.98 14.79 14.22
CA SER A 545 53.91 13.70 13.91
C SER A 545 54.22 12.86 15.14
N GLN A 546 54.06 13.43 16.34
CA GLN A 546 54.39 12.71 17.55
C GLN A 546 53.50 11.49 17.73
N HIS A 547 52.19 11.68 17.61
CA HIS A 547 51.25 10.57 17.73
C HIS A 547 50.82 10.01 16.38
N PHE A 548 51.05 10.74 15.30
CA PHE A 548 50.52 10.36 13.99
C PHE A 548 51.60 10.56 12.94
N SER A 549 52.78 9.99 13.19
CA SER A 549 53.90 10.09 12.25
C SER A 549 53.55 9.45 10.92
N GLY A 550 54.38 9.73 9.91
CA GLY A 550 54.18 9.20 8.58
C GLY A 550 53.11 9.89 7.77
N ARG A 551 52.62 11.03 8.23
CA ARG A 551 51.44 11.68 7.67
C ARG A 551 51.80 13.09 7.23
N LYS A 552 51.27 13.51 6.08
CA LYS A 552 51.49 14.86 5.60
C LYS A 552 50.29 15.74 5.95
N LEU A 553 50.55 16.97 6.40
CA LEU A 553 49.49 17.90 6.75
C LEU A 553 49.51 19.09 5.78
N THR A 554 48.32 19.53 5.37
CA THR A 554 48.17 20.66 4.46
C THR A 554 47.06 21.56 4.98
N TRP A 555 47.39 22.84 5.21
CA TRP A 555 46.41 23.74 5.86
C TRP A 555 45.68 24.63 4.85
N LEU A 556 44.35 24.55 4.79
CA LEU A 556 43.57 25.46 3.91
C LEU A 556 43.21 26.68 4.75
N HIS A 557 44.07 27.70 4.78
CA HIS A 557 43.84 28.86 5.63
C HIS A 557 42.56 29.58 5.26
N TYR A 558 42.28 29.68 3.96
CA TYR A 558 41.11 30.47 3.47
C TYR A 558 39.81 30.00 4.15
N LEU A 559 39.72 28.71 4.53
CA LEU A 559 38.53 28.24 5.20
C LEU A 559 38.63 28.33 6.72
N CYS A 560 39.82 28.57 7.25
CA CYS A 560 39.97 28.73 8.70
C CYS A 560 39.27 30.00 9.15
N THR A 561 38.70 29.95 10.35
CA THR A 561 37.91 31.05 10.90
C THR A 561 38.53 31.55 12.20
N GLY A 562 38.56 32.87 12.36
CA GLY A 562 39.16 33.46 13.53
C GLY A 562 38.41 34.69 14.00
N GLU A 563 38.57 34.99 15.28
CA GLU A 563 37.96 36.16 15.91
C GLU A 563 39.06 37.14 16.30
N VAL A 564 38.86 38.40 15.93
CA VAL A 564 39.84 39.46 16.19
C VAL A 564 39.19 40.52 17.07
N LYS A 565 39.86 40.87 18.17
CA LYS A 565 39.43 41.94 19.04
C LYS A 565 40.26 43.19 18.75
N MET A 566 39.59 44.25 18.33
CA MET A 566 40.26 45.51 18.03
C MET A 566 40.25 46.39 19.27
N ASN A 567 41.43 46.82 19.72
CA ASN A 567 41.56 47.65 20.90
C ASN A 567 41.77 49.12 20.57
N TYR A 568 42.00 49.46 19.31
CA TYR A 568 42.22 50.85 18.94
C TYR A 568 40.94 51.68 18.97
N LEU A 569 39.79 51.07 18.76
CA LEU A 569 38.53 51.79 18.77
C LEU A 569 38.15 52.19 20.19
N GLY A 570 37.13 53.04 20.30
CA GLY A 570 36.65 53.48 21.60
C GLY A 570 36.00 52.38 22.42
N LYS A 571 35.51 51.34 21.77
CA LYS A 571 34.90 50.21 22.44
C LYS A 571 35.52 48.91 21.95
N PRO A 572 35.57 47.89 22.81
CA PRO A 572 36.07 46.58 22.36
C PRO A 572 35.03 45.87 21.50
N TYR A 573 35.33 45.71 20.22
CA TYR A 573 34.44 45.07 19.26
C TYR A 573 34.99 43.71 18.87
N VAL A 574 34.11 42.73 18.76
CA VAL A 574 34.46 41.37 18.36
C VAL A 574 33.71 41.04 17.09
N ALA A 575 34.46 40.71 16.04
CA ALA A 575 33.88 40.29 14.76
C ALA A 575 34.70 39.13 14.22
N MET A 576 34.01 38.19 13.57
CA MET A 576 34.65 37.00 13.02
C MET A 576 34.97 37.23 11.55
N VAL A 577 36.22 36.99 11.17
CA VAL A 577 36.68 37.13 9.79
C VAL A 577 37.69 36.03 9.49
N THR A 578 38.02 35.89 8.20
CA THR A 578 38.79 34.76 7.73
C THR A 578 40.28 34.93 8.04
N THR A 579 41.05 33.87 7.79
CA THR A 579 42.49 33.91 8.02
C THR A 579 43.16 34.91 7.10
N TYR A 580 42.75 34.96 5.83
CA TYR A 580 43.25 36.02 4.95
C TYR A 580 42.94 37.39 5.53
N GLN A 581 41.86 37.50 6.29
CA GLN A 581 41.52 38.74 6.96
C GLN A 581 42.27 38.93 8.28
N MET A 582 42.92 37.88 8.79
CA MET A 582 43.76 38.05 9.97
C MET A 582 44.92 38.99 9.68
N ALA A 583 45.67 38.70 8.62
CA ALA A 583 46.92 39.43 8.38
C ALA A 583 46.67 40.89 8.04
N VAL A 584 45.54 41.18 7.39
CA VAL A 584 45.28 42.55 6.94
C VAL A 584 45.17 43.49 8.13
N LEU A 585 44.37 43.12 9.13
CA LEU A 585 44.23 43.97 10.31
C LEU A 585 45.52 43.94 11.13
N LEU A 586 46.22 42.81 11.14
CA LEU A 586 47.51 42.74 11.82
C LEU A 586 48.51 43.70 11.19
N ALA A 587 48.41 43.92 9.88
CA ALA A 587 49.27 44.90 9.23
C ALA A 587 48.96 46.31 9.69
N PHE A 588 47.81 46.54 10.30
CA PHE A 588 47.45 47.86 10.82
C PHE A 588 47.73 48.01 12.31
N ASN A 589 48.10 46.95 13.01
CA ASN A 589 48.42 47.05 14.42
C ASN A 589 49.74 47.76 14.66
N ASN A 590 50.57 47.91 13.63
CA ASN A 590 51.81 48.68 13.72
C ASN A 590 51.79 49.97 12.94
N SER A 591 51.05 50.03 11.83
CA SER A 591 50.96 51.24 11.02
C SER A 591 49.49 51.46 10.67
N GLU A 592 48.99 52.66 10.97
CA GLU A 592 47.58 52.95 10.76
C GLU A 592 47.23 53.06 9.28
N THR A 593 48.23 53.13 8.39
CA THR A 593 48.02 53.16 6.96
C THR A 593 49.00 52.21 6.29
N VAL A 594 48.50 51.35 5.41
CA VAL A 594 49.31 50.36 4.74
C VAL A 594 49.04 50.45 3.24
N SER A 595 50.11 50.45 2.46
CA SER A 595 49.99 50.46 1.00
C SER A 595 49.64 49.07 0.49
N TYR A 596 49.25 49.01 -0.79
CA TYR A 596 48.88 47.74 -1.40
C TYR A 596 50.07 46.79 -1.48
N LYS A 597 51.24 47.32 -1.84
CA LYS A 597 52.43 46.47 -1.98
C LYS A 597 52.80 45.84 -0.64
N GLU A 598 52.74 46.62 0.45
CA GLU A 598 53.06 46.09 1.76
C GLU A 598 52.13 44.96 2.14
N LEU A 599 50.84 45.11 1.88
CA LEU A 599 49.89 44.03 2.12
C LEU A 599 50.20 42.82 1.26
N GLN A 600 50.51 43.06 -0.03
CA GLN A 600 50.83 41.97 -0.93
C GLN A 600 52.11 41.25 -0.48
N ASP A 601 53.11 42.01 -0.06
CA ASP A 601 54.35 41.40 0.42
C ASP A 601 54.11 40.61 1.70
N SER A 602 53.30 41.15 2.61
CA SER A 602 53.04 40.47 3.87
C SER A 602 52.18 39.23 3.66
N THR A 603 51.10 39.36 2.90
CA THR A 603 50.19 38.22 2.72
C THR A 603 50.78 37.18 1.77
N GLN A 604 51.54 37.62 0.77
CA GLN A 604 52.17 36.77 -0.22
C GLN A 604 51.15 35.98 -1.04
N MET A 605 49.88 36.37 -1.01
CA MET A 605 48.82 35.68 -1.71
C MET A 605 48.31 36.51 -2.88
N ASN A 606 47.53 35.87 -3.74
CA ASN A 606 47.19 36.43 -5.05
C ASN A 606 46.37 37.71 -4.91
N GLU A 607 46.54 38.59 -5.91
CA GLU A 607 45.86 39.88 -5.90
C GLU A 607 44.35 39.71 -6.05
N LYS A 608 43.92 38.73 -6.86
CA LYS A 608 42.51 38.59 -7.18
C LYS A 608 41.67 38.42 -5.92
N GLU A 609 42.04 37.46 -5.08
CA GLU A 609 41.32 37.26 -3.82
C GLU A 609 41.69 38.33 -2.80
N LEU A 610 42.90 38.89 -2.89
CA LEU A 610 43.26 40.00 -2.01
C LEU A 610 42.34 41.19 -2.21
N THR A 611 42.07 41.54 -3.46
CA THR A 611 41.11 42.60 -3.74
C THR A 611 39.74 42.23 -3.21
N LYS A 612 39.32 40.99 -3.42
CA LYS A 612 38.05 40.53 -2.84
C LYS A 612 38.11 40.59 -1.32
N THR A 613 39.22 40.18 -0.73
CA THR A 613 39.38 40.28 0.71
C THR A 613 39.36 41.74 1.16
N ILE A 614 40.07 42.61 0.45
CA ILE A 614 40.08 44.02 0.81
C ILE A 614 38.72 44.65 0.59
N LYS A 615 38.02 44.26 -0.47
CA LYS A 615 36.71 44.81 -0.76
C LYS A 615 35.73 44.51 0.38
N SER A 616 35.78 43.30 0.92
CA SER A 616 34.89 42.93 2.02
C SER A 616 35.13 43.82 3.24
N LEU A 617 36.40 44.06 3.56
CA LEU A 617 36.73 44.89 4.72
C LEU A 617 36.26 46.33 4.50
N LEU A 618 36.48 46.86 3.30
CA LEU A 618 36.01 48.20 2.99
C LEU A 618 34.48 48.27 3.01
N ASP A 619 33.81 47.20 2.54
CA ASP A 619 32.36 47.18 2.53
C ASP A 619 31.79 47.25 3.93
N VAL A 620 32.43 46.58 4.89
CA VAL A 620 31.98 46.57 6.27
C VAL A 620 32.65 47.75 6.98
N LYS A 621 33.34 48.59 6.21
CA LYS A 621 34.01 49.78 6.71
C LYS A 621 35.09 49.45 7.73
N MET A 622 35.72 48.28 7.59
CA MET A 622 36.85 47.93 8.44
C MET A 622 38.01 48.90 8.23
N ILE A 623 38.29 49.26 6.98
CA ILE A 623 39.37 50.17 6.64
C ILE A 623 38.80 51.30 5.80
N ASN A 624 39.66 52.29 5.54
CA ASN A 624 39.34 53.41 4.68
C ASN A 624 40.28 53.40 3.49
N HIS A 625 39.72 53.39 2.28
CA HIS A 625 40.53 53.37 1.07
C HIS A 625 41.07 54.79 0.83
N ASP A 626 42.38 54.91 0.77
CA ASP A 626 43.03 56.22 0.67
C ASP A 626 43.15 56.73 -0.75
N SER A 627 42.71 55.94 -1.73
CA SER A 627 42.72 56.36 -3.13
C SER A 627 41.31 56.74 -3.56
N GLU A 628 41.20 57.85 -4.28
CA GLU A 628 39.89 58.36 -4.69
C GLU A 628 39.17 57.41 -5.64
N LYS A 629 39.90 56.64 -6.43
CA LYS A 629 39.28 55.69 -7.34
C LYS A 629 38.57 54.60 -6.55
N GLU A 630 37.33 54.30 -6.93
CA GLU A 630 36.61 53.20 -6.30
C GLU A 630 37.24 51.86 -6.64
N ASP A 631 37.97 51.77 -7.74
CA ASP A 631 38.66 50.55 -8.10
C ASP A 631 40.01 50.48 -7.42
N ILE A 632 40.30 49.33 -6.81
CA ILE A 632 41.56 49.14 -6.09
C ILE A 632 42.64 48.72 -7.08
N ASP A 633 43.75 49.44 -7.07
CA ASP A 633 44.89 49.17 -7.94
C ASP A 633 46.08 48.71 -7.12
N ALA A 634 47.19 48.43 -7.81
CA ALA A 634 48.40 47.98 -7.13
C ALA A 634 49.00 49.06 -6.25
N GLU A 635 48.63 50.32 -6.44
CA GLU A 635 49.13 51.42 -5.62
C GLU A 635 48.12 51.88 -4.58
N SER A 636 47.03 51.14 -4.38
CA SER A 636 46.00 51.57 -3.46
C SER A 636 46.49 51.46 -2.02
N SER A 637 46.52 52.58 -1.33
CA SER A 637 46.86 52.61 0.09
C SER A 637 45.58 52.61 0.91
N PHE A 638 45.65 51.99 2.08
CA PHE A 638 44.48 51.83 2.94
C PHE A 638 44.82 52.27 4.36
N SER A 639 43.87 52.92 5.01
CA SER A 639 44.02 53.37 6.37
C SER A 639 42.97 52.70 7.26
N LEU A 640 43.32 52.52 8.53
CA LEU A 640 42.41 51.94 9.48
C LEU A 640 41.20 52.85 9.70
N ASN A 641 40.13 52.27 10.22
CA ASN A 641 38.90 53.02 10.50
C ASN A 641 38.82 53.24 12.00
N MET A 642 39.46 54.31 12.48
CA MET A 642 39.47 54.60 13.91
C MET A 642 38.11 55.02 14.45
N ASN A 643 37.16 55.34 13.57
CA ASN A 643 35.85 55.83 13.98
C ASN A 643 34.74 54.82 13.68
N PHE A 644 35.08 53.58 13.42
CA PHE A 644 34.06 52.58 13.11
C PHE A 644 33.27 52.23 14.36
N SER A 645 31.96 52.04 14.18
CA SER A 645 31.08 51.62 15.26
C SER A 645 30.08 50.61 14.72
N SER A 646 29.55 49.77 15.62
CA SER A 646 28.57 48.77 15.24
C SER A 646 27.32 48.88 16.10
N MET B 3 -24.92 -52.23 18.13
CA MET B 3 -23.46 -52.25 18.04
C MET B 3 -23.01 -53.64 17.60
N TYR B 4 -23.95 -54.59 17.60
CA TYR B 4 -23.68 -56.00 17.36
C TYR B 4 -24.70 -56.55 16.39
N VAL B 5 -24.31 -57.62 15.70
CA VAL B 5 -25.14 -58.29 14.70
C VAL B 5 -25.10 -59.78 14.98
N LYS B 6 -26.23 -60.46 14.77
CA LYS B 6 -26.38 -61.88 15.01
C LYS B 6 -26.45 -62.64 13.69
N LEU B 7 -25.77 -63.78 13.66
CA LEU B 7 -25.71 -64.64 12.50
C LEU B 7 -26.15 -66.04 12.91
N ILE B 8 -27.07 -66.61 12.14
CA ILE B 8 -27.63 -67.92 12.41
C ILE B 8 -27.12 -68.88 11.35
N SER B 9 -26.57 -70.01 11.79
CA SER B 9 -26.01 -71.01 10.90
C SER B 9 -27.11 -71.87 10.29
N SER B 10 -26.71 -72.88 9.51
CA SER B 10 -27.67 -73.79 8.91
C SER B 10 -28.43 -74.58 9.97
N ASP B 11 -27.79 -74.85 11.11
CA ASP B 11 -28.42 -75.60 12.20
C ASP B 11 -29.05 -74.69 13.24
N GLY B 12 -29.02 -73.38 13.03
CA GLY B 12 -29.72 -72.45 13.91
C GLY B 12 -28.93 -71.90 15.06
N HIS B 13 -27.60 -72.06 15.06
CA HIS B 13 -26.77 -71.51 16.13
C HIS B 13 -26.58 -70.01 15.92
N GLU B 14 -26.66 -69.25 17.01
CA GLU B 14 -26.60 -67.79 16.97
C GLU B 14 -25.22 -67.33 17.41
N PHE B 15 -24.57 -66.53 16.57
CA PHE B 15 -23.26 -65.96 16.86
C PHE B 15 -23.35 -64.45 16.70
N ILE B 16 -23.04 -63.70 17.75
CA ILE B 16 -23.18 -62.24 17.73
C ILE B 16 -21.79 -61.61 17.80
N VAL B 17 -21.50 -60.75 16.82
CA VAL B 17 -20.24 -60.01 16.76
C VAL B 17 -20.53 -58.57 16.41
N LYS B 18 -19.56 -57.69 16.69
CA LYS B 18 -19.72 -56.27 16.41
C LYS B 18 -19.80 -56.02 14.90
N ARG B 19 -20.27 -54.82 14.53
CA ARG B 19 -20.33 -54.47 13.11
C ARG B 19 -18.98 -54.63 12.43
N GLU B 20 -17.94 -54.02 13.00
CA GLU B 20 -16.65 -53.96 12.31
C GLU B 20 -16.08 -55.34 12.04
N HIS B 21 -16.40 -56.33 12.88
CA HIS B 21 -16.00 -57.70 12.59
C HIS B 21 -16.63 -58.18 11.30
N ALA B 22 -17.94 -57.92 11.13
CA ALA B 22 -18.65 -58.36 9.94
C ALA B 22 -18.30 -57.53 8.71
N LEU B 23 -17.89 -56.28 8.89
CA LEU B 23 -17.61 -55.40 7.76
C LEU B 23 -16.43 -55.86 6.92
N THR B 24 -15.62 -56.80 7.43
CA THR B 24 -14.50 -57.32 6.65
C THR B 24 -15.00 -58.04 5.39
N SER B 25 -16.06 -58.85 5.56
CA SER B 25 -16.58 -59.67 4.43
C SER B 25 -17.40 -58.82 3.47
N GLY B 26 -17.05 -58.84 2.18
CA GLY B 26 -17.80 -58.06 1.18
C GLY B 26 -19.24 -58.50 1.05
N THR B 27 -19.47 -59.81 1.03
CA THR B 27 -20.87 -60.35 0.91
C THR B 27 -21.68 -59.94 2.14
N ILE B 28 -21.07 -59.98 3.33
CA ILE B 28 -21.80 -59.53 4.55
C ILE B 28 -22.14 -58.05 4.41
N LYS B 29 -21.19 -57.22 3.95
CA LYS B 29 -21.52 -55.82 3.72
C LYS B 29 -22.74 -55.68 2.82
N ALA B 30 -22.80 -56.49 1.76
CA ALA B 30 -23.96 -56.42 0.88
C ALA B 30 -25.23 -56.85 1.59
N MET B 31 -25.16 -57.94 2.37
CA MET B 31 -26.39 -58.46 3.04
C MET B 31 -26.88 -57.47 4.10
N LEU B 32 -25.96 -56.81 4.81
CA LEU B 32 -26.39 -55.78 5.75
C LEU B 32 -26.88 -54.53 5.02
N SER B 33 -26.38 -54.29 3.81
CA SER B 33 -26.87 -53.18 2.98
C SER B 33 -28.21 -53.49 2.34
N GLY B 34 -28.78 -54.66 2.63
CA GLY B 34 -30.05 -55.04 2.06
C GLY B 34 -31.18 -54.15 2.55
N PRO B 35 -32.24 -54.04 1.74
CA PRO B 35 -33.41 -53.23 2.06
C PRO B 35 -34.22 -53.82 3.22
N GLU B 42 -34.01 -52.51 16.14
CA GLU B 42 -34.18 -53.69 15.30
C GLU B 42 -32.89 -54.49 15.22
N THR B 43 -32.98 -55.78 15.54
CA THR B 43 -31.81 -56.65 15.53
C THR B 43 -31.42 -56.99 14.11
N ASN B 44 -30.15 -56.77 13.77
CA ASN B 44 -29.62 -57.11 12.44
C ASN B 44 -29.21 -58.57 12.46
N GLU B 45 -30.16 -59.45 12.16
CA GLU B 45 -29.95 -60.88 12.16
C GLU B 45 -29.92 -61.39 10.73
N VAL B 46 -28.89 -62.18 10.41
CA VAL B 46 -28.73 -62.79 9.09
C VAL B 46 -28.51 -64.28 9.26
N ASN B 47 -29.25 -65.09 8.51
CA ASN B 47 -29.12 -66.54 8.55
C ASN B 47 -28.19 -67.02 7.45
N PHE B 48 -27.46 -68.11 7.71
CA PHE B 48 -26.55 -68.73 6.72
C PHE B 48 -26.95 -70.20 6.56
N ARG B 49 -27.98 -70.48 5.76
CA ARG B 49 -28.52 -71.81 5.57
C ARG B 49 -27.54 -72.78 4.94
N GLU B 50 -26.46 -72.29 4.34
CA GLU B 50 -25.45 -73.14 3.73
C GLU B 50 -24.23 -73.34 4.59
N ILE B 51 -24.21 -72.77 5.80
CA ILE B 51 -23.05 -72.81 6.68
C ILE B 51 -23.48 -73.36 8.02
N PRO B 52 -22.83 -74.38 8.54
CA PRO B 52 -23.17 -74.91 9.86
C PRO B 52 -22.53 -74.07 10.97
N SER B 53 -22.75 -74.50 12.21
CA SER B 53 -22.36 -73.69 13.37
C SER B 53 -20.85 -73.53 13.46
N HIS B 54 -20.12 -74.64 13.35
CA HIS B 54 -18.68 -74.59 13.58
C HIS B 54 -17.97 -73.78 12.50
N VAL B 55 -18.38 -73.93 11.24
CA VAL B 55 -17.75 -73.17 10.16
C VAL B 55 -17.96 -71.68 10.36
N LEU B 56 -19.20 -71.27 10.65
CA LEU B 56 -19.46 -69.85 10.86
C LEU B 56 -18.71 -69.34 12.09
N SER B 57 -18.62 -70.17 13.13
CA SER B 57 -17.87 -69.77 14.32
C SER B 57 -16.40 -69.52 13.98
N LYS B 58 -15.77 -70.45 13.27
CA LYS B 58 -14.37 -70.25 12.93
C LYS B 58 -14.20 -69.10 11.95
N VAL B 59 -15.27 -68.78 11.22
CA VAL B 59 -15.23 -67.56 10.34
C VAL B 59 -15.24 -66.35 11.27
N CYS B 60 -15.98 -66.42 12.39
CA CYS B 60 -15.97 -65.33 13.36
C CYS B 60 -14.59 -65.16 13.98
N MET B 61 -13.94 -66.27 14.35
CA MET B 61 -12.58 -66.15 14.87
C MET B 61 -11.62 -65.65 13.81
N TYR B 62 -11.83 -65.99 12.55
CA TYR B 62 -11.01 -65.44 11.48
C TYR B 62 -11.17 -63.93 11.41
N PHE B 63 -12.41 -63.46 11.55
CA PHE B 63 -12.65 -62.01 11.58
C PHE B 63 -11.93 -61.36 12.76
N THR B 64 -12.03 -61.98 13.94
CA THR B 64 -11.36 -61.41 15.11
C THR B 64 -9.85 -61.35 14.90
N TYR B 65 -9.27 -62.44 14.40
CA TYR B 65 -7.84 -62.50 14.12
C TYR B 65 -7.42 -61.44 13.12
N LYS B 66 -8.19 -61.29 12.05
CA LYS B 66 -7.86 -60.30 11.02
C LYS B 66 -7.93 -58.89 11.60
N VAL B 67 -9.05 -58.53 12.24
CA VAL B 67 -9.20 -57.17 12.74
C VAL B 67 -8.19 -56.89 13.84
N ARG B 68 -7.72 -57.92 14.55
CA ARG B 68 -6.70 -57.70 15.56
C ARG B 68 -5.34 -57.46 14.92
N TYR B 69 -5.01 -58.23 13.88
CA TYR B 69 -3.65 -58.22 13.35
C TYR B 69 -3.48 -57.43 12.05
N THR B 70 -4.54 -56.83 11.53
CA THR B 70 -4.35 -55.85 10.45
C THR B 70 -3.86 -54.53 11.02
N ASN B 71 -2.82 -53.98 10.40
CA ASN B 71 -2.17 -52.76 10.84
C ASN B 71 -1.65 -52.86 12.28
N SER B 72 -1.28 -54.05 12.70
CA SER B 72 -0.75 -54.29 14.04
C SER B 72 0.76 -54.40 13.98
N SER B 73 1.45 -53.61 14.81
CA SER B 73 2.91 -53.58 14.78
C SER B 73 3.54 -54.88 15.24
N THR B 74 2.86 -55.62 16.13
CA THR B 74 3.40 -56.88 16.61
C THR B 74 3.37 -57.94 15.52
N GLU B 75 4.20 -58.96 15.69
CA GLU B 75 4.26 -60.05 14.72
C GLU B 75 2.92 -60.78 14.66
N ILE B 76 2.48 -61.09 13.45
CA ILE B 76 1.19 -61.73 13.23
C ILE B 76 1.40 -63.24 13.31
N PRO B 77 0.80 -63.92 14.30
CA PRO B 77 0.94 -65.38 14.38
C PRO B 77 0.08 -66.06 13.32
N GLU B 78 0.43 -67.32 13.05
CA GLU B 78 -0.32 -68.12 12.10
C GLU B 78 -1.70 -68.45 12.65
N PHE B 79 -2.71 -68.38 11.79
CA PHE B 79 -4.07 -68.74 12.17
C PHE B 79 -4.28 -70.23 11.91
N PRO B 80 -4.73 -71.01 12.90
CA PRO B 80 -4.90 -72.45 12.68
C PRO B 80 -6.03 -72.74 11.72
N ILE B 81 -5.78 -73.70 10.82
CA ILE B 81 -6.77 -74.18 9.87
C ILE B 81 -6.80 -75.70 9.95
N ALA B 82 -7.94 -76.24 10.36
CA ALA B 82 -8.07 -77.69 10.46
C ALA B 82 -8.21 -78.29 9.06
N PRO B 83 -7.40 -79.29 8.71
CA PRO B 83 -7.51 -79.88 7.37
C PRO B 83 -8.87 -80.48 7.07
N GLU B 84 -9.54 -81.06 8.07
CA GLU B 84 -10.87 -81.65 7.84
C GLU B 84 -11.93 -80.60 7.53
N ILE B 85 -11.66 -79.33 7.84
CA ILE B 85 -12.59 -78.24 7.60
C ILE B 85 -12.04 -77.21 6.62
N ALA B 86 -10.86 -77.47 6.05
CA ALA B 86 -10.23 -76.47 5.20
C ALA B 86 -11.05 -76.19 3.95
N LEU B 87 -11.60 -77.23 3.32
CA LEU B 87 -12.38 -77.03 2.11
C LEU B 87 -13.63 -76.21 2.40
N GLU B 88 -14.31 -76.51 3.51
CA GLU B 88 -15.51 -75.75 3.86
C GLU B 88 -15.15 -74.31 4.21
N LEU B 89 -14.02 -74.12 4.90
CA LEU B 89 -13.56 -72.77 5.21
C LEU B 89 -13.29 -71.97 3.95
N LEU B 90 -12.60 -72.57 2.98
CA LEU B 90 -12.26 -71.84 1.77
C LEU B 90 -13.49 -71.56 0.92
N MET B 91 -14.43 -72.51 0.83
CA MET B 91 -15.62 -72.24 0.05
C MET B 91 -16.49 -71.18 0.73
N ALA B 92 -16.49 -71.18 2.07
CA ALA B 92 -17.24 -70.14 2.82
C ALA B 92 -16.58 -68.77 2.58
N ALA B 93 -15.25 -68.74 2.52
CA ALA B 93 -14.53 -67.47 2.26
C ALA B 93 -14.89 -66.96 0.86
N ASN B 94 -14.98 -67.86 -0.12
CA ASN B 94 -15.37 -67.46 -1.50
C ASN B 94 -16.81 -66.94 -1.47
N PHE B 95 -17.69 -67.60 -0.72
CA PHE B 95 -19.12 -67.17 -0.62
C PHE B 95 -19.18 -65.78 0.02
N LEU B 96 -18.36 -65.54 1.04
CA LEU B 96 -18.39 -64.25 1.78
C LEU B 96 -17.48 -63.22 1.08
N ASP B 97 -16.77 -63.63 0.02
CA ASP B 97 -15.88 -62.71 -0.73
C ASP B 97 -14.86 -62.09 0.23
N CYS B 98 -14.33 -62.90 1.15
CA CYS B 98 -13.32 -62.40 2.13
C CYS B 98 -12.12 -63.36 2.15
N MET C 1 -4.61 -55.99 29.91
CA MET C 1 -4.32 -56.65 28.64
C MET C 1 -5.60 -57.11 27.95
N ASP C 2 -5.62 -57.03 26.63
CA ASP C 2 -6.80 -57.41 25.86
C ASP C 2 -6.93 -58.93 25.83
N VAL C 3 -8.13 -59.41 26.15
CA VAL C 3 -8.45 -60.83 26.15
C VAL C 3 -9.73 -61.03 25.35
N PHE C 4 -9.73 -62.04 24.49
CA PHE C 4 -10.85 -62.31 23.59
C PHE C 4 -11.64 -63.50 24.13
N LEU C 5 -12.92 -63.27 24.40
CA LEU C 5 -13.74 -64.27 25.06
C LEU C 5 -15.07 -64.44 24.34
N MET C 6 -15.54 -65.68 24.28
CA MET C 6 -16.84 -66.01 23.73
C MET C 6 -17.72 -66.49 24.88
N ILE C 7 -18.95 -65.97 24.93
CA ILE C 7 -19.96 -66.39 25.90
C ILE C 7 -21.05 -67.13 25.15
N ARG C 8 -21.61 -68.15 25.79
CA ARG C 8 -22.58 -69.03 25.17
C ARG C 8 -23.77 -69.25 26.08
N ARG C 9 -24.96 -69.25 25.49
CA ARG C 9 -26.18 -69.67 26.16
C ARG C 9 -27.01 -70.41 25.11
N HIS C 10 -27.11 -71.72 25.24
CA HIS C 10 -27.74 -72.58 24.25
C HIS C 10 -27.08 -72.37 22.89
N LYS C 11 -27.85 -71.97 21.89
CA LYS C 11 -27.31 -71.73 20.56
C LYS C 11 -26.86 -70.29 20.35
N THR C 12 -26.97 -69.45 21.37
CA THR C 12 -26.58 -68.05 21.29
C THR C 12 -25.13 -67.90 21.71
N THR C 13 -24.34 -67.19 20.90
CA THR C 13 -22.92 -66.99 21.19
C THR C 13 -22.53 -65.57 20.89
N ILE C 14 -21.76 -64.95 21.78
CA ILE C 14 -21.33 -63.57 21.65
C ILE C 14 -19.82 -63.51 21.86
N PHE C 15 -19.13 -62.83 20.95
CA PHE C 15 -17.68 -62.68 21.03
C PHE C 15 -17.34 -61.24 21.41
N THR C 16 -16.43 -61.08 22.36
CA THR C 16 -16.07 -59.73 22.81
C THR C 16 -14.66 -59.72 23.36
N ASP C 17 -14.00 -58.56 23.24
CA ASP C 17 -12.69 -58.34 23.84
C ASP C 17 -12.84 -57.47 25.07
N ALA C 18 -12.10 -57.81 26.12
CA ALA C 18 -12.16 -57.09 27.39
C ALA C 18 -10.75 -56.99 27.95
N LYS C 19 -10.65 -56.46 29.17
CA LYS C 19 -9.38 -56.36 29.86
C LYS C 19 -9.20 -57.51 30.83
N GLU C 20 -7.94 -57.92 31.02
CA GLU C 20 -7.65 -59.00 31.95
C GLU C 20 -8.03 -58.60 33.38
N SER C 21 -7.92 -57.32 33.71
CA SER C 21 -8.32 -56.83 35.02
C SER C 21 -9.82 -56.60 35.13
N SER C 22 -10.56 -56.71 34.04
CA SER C 22 -12.01 -56.56 34.10
C SER C 22 -12.65 -57.69 34.89
N THR C 23 -13.71 -57.38 35.62
CA THR C 23 -14.36 -58.35 36.48
C THR C 23 -15.47 -59.09 35.74
N VAL C 24 -16.15 -59.98 36.46
CA VAL C 24 -17.28 -60.70 35.89
C VAL C 24 -18.42 -59.73 35.60
N PHE C 25 -18.62 -58.74 36.47
CA PHE C 25 -19.67 -57.75 36.22
C PHE C 25 -19.41 -56.96 34.96
N GLU C 26 -18.15 -56.87 34.52
CA GLU C 26 -17.86 -56.29 33.21
C GLU C 26 -18.50 -57.13 32.11
N LEU C 27 -18.22 -58.43 32.11
CA LEU C 27 -18.87 -59.35 31.20
C LEU C 27 -20.38 -59.34 31.34
N LYS C 28 -20.89 -58.95 32.51
CA LYS C 28 -22.34 -58.90 32.71
C LYS C 28 -22.97 -57.66 32.11
N ARG C 29 -22.41 -56.46 32.33
CA ARG C 29 -23.05 -55.31 31.71
C ARG C 29 -22.80 -55.35 30.20
N ILE C 30 -21.84 -56.18 29.76
CA ILE C 30 -21.87 -56.60 28.37
C ILE C 30 -23.19 -57.30 28.05
N VAL C 31 -23.66 -58.19 28.93
CA VAL C 31 -24.93 -58.89 28.70
C VAL C 31 -26.13 -57.96 28.68
N GLU C 32 -26.21 -57.01 29.61
CA GLU C 32 -27.29 -56.02 29.49
C GLU C 32 -27.14 -55.14 28.25
N GLY C 33 -25.92 -54.82 27.83
CA GLY C 33 -25.75 -54.07 26.60
C GLY C 33 -26.23 -54.83 25.38
N ILE C 34 -26.07 -56.15 25.40
CA ILE C 34 -26.42 -56.93 24.22
C ILE C 34 -27.87 -57.40 24.29
N LEU C 35 -28.32 -57.89 25.44
CA LEU C 35 -29.62 -58.55 25.52
C LEU C 35 -30.42 -58.20 26.77
N LYS C 36 -30.05 -57.12 27.46
CA LYS C 36 -30.87 -56.48 28.50
C LYS C 36 -31.48 -57.48 29.49
N ARG C 37 -30.61 -58.20 30.23
CA ARG C 37 -31.11 -59.04 31.31
C ARG C 37 -30.40 -58.70 32.62
N PRO C 38 -31.11 -58.69 33.74
CA PRO C 38 -30.53 -58.17 34.97
C PRO C 38 -29.35 -59.00 35.41
N PRO C 39 -28.36 -58.39 36.08
CA PRO C 39 -27.09 -59.09 36.34
C PRO C 39 -27.22 -60.21 37.36
N ASP C 40 -28.10 -60.05 38.35
CA ASP C 40 -28.28 -61.10 39.35
C ASP C 40 -28.78 -62.38 38.69
N GLU C 41 -29.69 -62.28 37.72
CA GLU C 41 -30.13 -63.44 36.98
C GLU C 41 -28.98 -64.07 36.20
N GLN C 42 -28.14 -63.22 35.60
CA GLN C 42 -26.98 -63.70 34.80
C GLN C 42 -25.95 -64.32 35.74
N ARG C 43 -25.46 -65.52 35.44
CA ARG C 43 -24.35 -66.14 36.15
C ARG C 43 -23.40 -66.76 35.13
N LEU C 44 -22.11 -66.60 35.39
CA LEU C 44 -21.06 -67.00 34.47
C LEU C 44 -20.32 -68.21 35.05
N TYR C 45 -20.04 -69.18 34.19
CA TYR C 45 -19.37 -70.41 34.61
C TYR C 45 -18.12 -70.60 33.75
N LYS C 46 -16.95 -70.36 34.35
CA LYS C 46 -15.70 -70.81 33.75
C LYS C 46 -15.65 -72.33 33.86
N ASP C 47 -15.85 -73.01 32.74
CA ASP C 47 -16.09 -74.45 32.77
C ASP C 47 -17.24 -74.75 33.72
N ASP C 48 -16.98 -75.54 34.75
CA ASP C 48 -17.97 -75.81 35.78
C ASP C 48 -17.85 -74.89 36.99
N GLN C 49 -16.90 -73.96 36.98
CA GLN C 49 -16.63 -73.09 38.12
C GLN C 49 -17.43 -71.80 37.96
N LEU C 50 -18.37 -71.56 38.86
CA LEU C 50 -19.08 -70.29 38.89
C LEU C 50 -18.12 -69.17 39.31
N LEU C 51 -18.24 -68.04 38.63
CA LEU C 51 -17.35 -66.91 38.87
C LEU C 51 -18.09 -65.78 39.58
N ASP C 52 -17.51 -65.31 40.68
CA ASP C 52 -18.10 -64.22 41.44
C ASP C 52 -17.98 -62.90 40.68
N ASP C 53 -19.00 -62.06 40.80
CA ASP C 53 -19.05 -60.79 40.10
C ASP C 53 -17.98 -59.83 40.62
N LYS C 55 -14.30 -60.33 40.68
CA LYS C 55 -13.18 -61.19 40.34
C LYS C 55 -12.70 -60.90 38.92
N THR C 56 -11.44 -60.46 38.80
CA THR C 56 -10.90 -60.11 37.50
C THR C 56 -10.69 -61.36 36.64
N LEU C 57 -10.63 -61.15 35.33
CA LEU C 57 -10.42 -62.25 34.42
C LEU C 57 -9.07 -62.92 34.66
N GLY C 58 -8.05 -62.14 34.97
CA GLY C 58 -6.77 -62.72 35.35
C GLY C 58 -6.88 -63.57 36.60
N GLU C 59 -7.64 -63.10 37.59
CA GLU C 59 -7.91 -63.92 38.77
C GLU C 59 -8.76 -65.13 38.40
N CYS C 60 -9.73 -64.96 37.50
CA CYS C 60 -10.54 -66.06 37.03
C CYS C 60 -9.76 -67.04 36.16
N GLY C 61 -8.55 -66.69 35.74
CA GLY C 61 -7.75 -67.53 34.88
C GLY C 61 -7.77 -67.18 33.42
N PHE C 62 -8.41 -66.08 33.04
CA PHE C 62 -8.50 -65.64 31.65
C PHE C 62 -7.38 -64.64 31.40
N THR C 63 -6.35 -65.08 30.68
CA THR C 63 -5.20 -64.26 30.35
C THR C 63 -5.11 -64.08 28.84
N SER C 64 -4.14 -63.28 28.42
CA SER C 64 -3.94 -63.05 26.98
C SER C 64 -3.58 -64.36 26.28
N GLN C 65 -2.75 -65.18 26.91
CA GLN C 65 -2.39 -66.47 26.32
C GLN C 65 -3.61 -67.37 26.22
N THR C 66 -4.47 -67.37 27.24
CA THR C 66 -5.66 -68.22 27.28
C THR C 66 -6.84 -67.60 26.55
N ALA C 67 -6.70 -66.37 26.05
CA ALA C 67 -7.80 -65.71 25.33
C ALA C 67 -7.18 -64.99 24.13
N ARG C 68 -7.25 -65.63 22.98
CA ARG C 68 -6.63 -65.13 21.76
C ARG C 68 -7.67 -65.00 20.65
N PRO C 69 -7.43 -64.12 19.67
CA PRO C 69 -8.33 -64.04 18.51
C PRO C 69 -8.44 -65.32 17.73
N GLN C 70 -7.38 -66.13 17.70
CA GLN C 70 -7.42 -67.44 17.06
C GLN C 70 -7.82 -68.55 18.01
N ALA C 71 -7.98 -68.26 19.30
CA ALA C 71 -8.38 -69.25 20.28
C ALA C 71 -9.01 -68.56 21.49
N PRO C 72 -10.26 -68.11 21.38
CA PRO C 72 -10.91 -67.46 22.52
C PRO C 72 -11.16 -68.45 23.65
N ALA C 73 -11.23 -67.90 24.86
CA ALA C 73 -11.38 -68.71 26.05
C ALA C 73 -12.82 -69.26 26.14
N THR C 74 -13.00 -70.19 27.07
CA THR C 74 -14.24 -70.94 27.21
C THR C 74 -14.96 -70.51 28.48
N VAL C 75 -16.25 -70.19 28.34
CA VAL C 75 -17.08 -69.80 29.48
C VAL C 75 -18.53 -69.91 29.05
N GLY C 76 -19.39 -70.29 30.01
CA GLY C 76 -20.81 -70.43 29.75
C GLY C 76 -21.66 -69.47 30.55
N LEU C 77 -22.91 -69.28 30.12
CA LEU C 77 -23.82 -68.32 30.74
C LEU C 77 -25.11 -69.03 31.13
N ALA C 78 -25.69 -68.63 32.26
CA ALA C 78 -26.99 -69.13 32.70
C ALA C 78 -27.79 -67.99 33.31
N PHE C 79 -29.10 -68.21 33.43
CA PHE C 79 -29.99 -67.19 33.98
C PHE C 79 -30.80 -67.73 35.15
N ARG C 80 -31.77 -66.94 35.61
CA ARG C 80 -32.66 -67.35 36.69
C ARG C 80 -33.99 -67.86 36.14
N PHE C 85 -32.57 -69.72 39.23
CA PHE C 85 -31.38 -70.18 38.53
C PHE C 85 -31.59 -71.56 37.93
N GLU C 86 -31.55 -71.65 36.61
CA GLU C 86 -31.72 -72.92 35.92
C GLU C 86 -30.36 -73.57 35.65
N ALA C 87 -30.40 -74.85 35.31
CA ALA C 87 -29.18 -75.60 35.05
C ALA C 87 -28.53 -75.14 33.75
N LEU C 88 -27.23 -75.38 33.64
CA LEU C 88 -26.48 -75.04 32.43
C LEU C 88 -26.84 -76.00 31.32
N CYS C 89 -27.32 -75.45 30.19
CA CYS C 89 -27.65 -76.24 29.02
C CYS C 89 -27.03 -75.58 27.80
N ILE C 90 -26.07 -76.26 27.18
CA ILE C 90 -25.37 -75.76 26.00
C ILE C 90 -25.38 -76.87 24.95
N GLU C 91 -25.82 -76.54 23.74
CA GLU C 91 -25.85 -77.49 22.65
C GLU C 91 -24.55 -77.45 21.86
N PRO C 92 -23.90 -78.59 21.64
CA PRO C 92 -22.62 -78.58 20.92
C PRO C 92 -22.79 -78.17 19.46
N PHE C 93 -21.70 -77.72 18.88
CA PHE C 93 -21.71 -77.25 17.50
C PHE C 93 -21.93 -78.41 16.54
N SER C 94 -22.17 -78.06 15.28
CA SER C 94 -22.33 -79.04 14.22
C SER C 94 -21.01 -79.79 14.00
N SER C 95 -21.13 -81.05 13.60
CA SER C 95 -19.97 -81.90 13.42
C SER C 95 -19.44 -81.78 12.01
N PRO C 96 -18.20 -81.34 11.82
CA PRO C 96 -17.62 -81.31 10.47
C PRO C 96 -17.45 -82.72 9.93
N PRO C 97 -17.54 -82.91 8.62
CA PRO C 97 -17.34 -84.22 8.00
C PRO C 97 -15.89 -84.66 8.01
N VAL D 24 42.85 37.97 16.89
CA VAL D 24 43.71 37.59 17.99
C VAL D 24 42.87 36.99 19.12
N LYS D 25 41.59 37.35 19.14
CA LYS D 25 40.71 36.88 20.20
C LYS D 25 40.55 35.36 20.16
N LYS D 26 40.35 34.81 18.96
CA LYS D 26 40.16 33.37 18.81
C LYS D 26 40.43 33.01 17.37
N TRP D 27 40.83 31.76 17.15
CA TRP D 27 41.05 31.25 15.80
C TRP D 27 40.71 29.77 15.74
N ASN D 28 40.19 29.36 14.60
CA ASN D 28 39.92 27.97 14.31
C ASN D 28 40.69 27.56 13.06
N ALA D 29 41.14 26.31 13.03
CA ALA D 29 41.99 25.82 11.95
C ALA D 29 41.38 24.59 11.32
N VAL D 30 41.44 24.53 9.99
CA VAL D 30 41.01 23.37 9.23
C VAL D 30 42.12 23.00 8.26
N ALA D 31 42.43 21.72 8.16
CA ALA D 31 43.54 21.26 7.35
C ALA D 31 43.30 19.82 6.92
N LEU D 32 43.43 19.56 5.62
CA LEU D 32 43.25 18.22 5.11
C LEU D 32 44.40 17.32 5.55
N TRP D 33 44.10 16.03 5.65
CA TRP D 33 45.05 15.02 6.07
C TRP D 33 45.26 13.97 4.99
N ALA D 34 46.51 13.74 4.64
CA ALA D 34 46.87 12.75 3.63
C ALA D 34 48.28 12.24 3.92
N TRP D 35 48.59 11.08 3.36
CA TRP D 35 49.91 10.49 3.54
C TRP D 35 50.83 10.92 2.41
N ASP D 36 52.07 11.31 2.75
CA ASP D 36 53.01 11.85 1.73
C ASP D 36 53.29 10.81 0.63
N ILE D 37 53.78 9.63 1.00
CA ILE D 37 54.21 8.61 0.00
C ILE D 37 53.03 8.11 -0.85
N VAL D 38 51.84 7.94 -0.26
CA VAL D 38 50.70 7.31 -1.01
C VAL D 38 50.25 8.12 -2.23
N VAL D 39 50.22 9.45 -2.18
CA VAL D 39 49.67 10.22 -3.34
C VAL D 39 50.67 11.28 -3.80
N ASP D 40 51.75 10.85 -4.45
CA ASP D 40 52.76 11.80 -4.98
C ASP D 40 52.88 11.68 -6.50
N ASN D 41 51.95 11.00 -7.18
CA ASN D 41 52.12 10.76 -8.64
C ASN D 41 50.84 11.01 -9.43
N CYS D 42 50.96 11.35 -10.72
CA CYS D 42 49.78 11.50 -11.62
C CYS D 42 49.81 10.29 -12.57
N ALA D 43 48.67 9.76 -13.01
CA ALA D 43 48.73 8.50 -13.80
C ALA D 43 49.48 8.72 -15.12
N ILE D 44 49.22 9.84 -15.81
CA ILE D 44 49.83 10.06 -17.16
C ILE D 44 51.36 10.20 -17.08
N CYS D 45 51.90 10.96 -16.12
CA CYS D 45 53.37 11.20 -16.11
C CYS D 45 54.03 10.70 -14.80
N ARG D 46 53.28 10.64 -13.69
CA ARG D 46 53.82 10.17 -12.38
C ARG D 46 54.69 11.26 -11.76
N ASN D 47 54.82 12.41 -12.41
CA ASN D 47 55.55 13.55 -11.78
C ASN D 47 54.66 14.06 -10.64
N HIS D 48 55.26 14.65 -9.60
CA HIS D 48 54.44 15.07 -8.43
C HIS D 48 53.38 16.06 -8.89
N ILE D 49 52.14 15.91 -8.42
CA ILE D 49 51.03 16.79 -8.88
C ILE D 49 51.35 18.24 -8.52
N MET D 50 51.99 18.46 -7.36
CA MET D 50 52.34 19.82 -6.96
C MET D 50 53.55 20.38 -7.72
N ASP D 51 54.28 19.52 -8.44
CA ASP D 51 55.44 19.93 -9.24
C ASP D 51 55.03 20.24 -10.68
N LEU D 52 55.97 20.72 -11.47
CA LEU D 52 55.76 20.88 -12.91
C LEU D 52 55.56 19.51 -13.58
N CYS D 53 54.75 19.51 -14.64
CA CYS D 53 54.65 18.28 -15.46
C CYS D 53 55.98 18.10 -16.18
N ILE D 54 56.27 16.91 -16.69
CA ILE D 54 57.57 16.58 -17.34
C ILE D 54 57.95 17.58 -18.45
N GLU D 55 56.93 18.05 -19.18
CA GLU D 55 57.11 18.98 -20.33
C GLU D 55 57.48 20.38 -19.85
N CYS D 56 56.86 20.87 -18.76
CA CYS D 56 57.21 22.20 -18.22
C CYS D 56 58.53 22.10 -17.44
N GLN D 57 58.81 20.94 -16.86
CA GLN D 57 60.09 20.70 -16.20
C GLN D 57 61.25 20.69 -17.20
N CYS D 68 51.25 25.56 -15.45
CA CYS D 68 51.16 24.11 -15.13
C CYS D 68 50.32 23.92 -13.86
N THR D 69 48.99 23.96 -14.01
CA THR D 69 48.11 23.83 -12.85
C THR D 69 47.54 22.41 -12.71
N VAL D 70 46.88 22.14 -11.58
CA VAL D 70 46.24 20.82 -11.38
C VAL D 70 44.83 20.87 -11.99
N ALA D 71 44.48 19.88 -12.82
CA ALA D 71 43.13 19.81 -13.43
C ALA D 71 42.33 18.72 -12.72
N TRP D 72 41.11 19.05 -12.26
CA TRP D 72 40.32 18.06 -11.49
C TRP D 72 39.16 17.48 -12.30
N GLY D 73 38.94 16.17 -12.21
CA GLY D 73 37.79 15.56 -12.87
C GLY D 73 36.63 15.35 -11.90
N VAL D 74 35.40 15.30 -12.42
CA VAL D 74 34.21 15.03 -11.57
C VAL D 74 34.33 13.63 -10.96
N CYS D 75 35.36 12.86 -11.35
CA CYS D 75 35.57 11.50 -10.80
C CYS D 75 36.56 11.54 -9.64
N ASN D 76 36.89 12.76 -9.17
CA ASN D 76 37.83 12.95 -8.03
C ASN D 76 39.23 12.40 -8.37
N HIS D 77 39.64 12.53 -9.64
CA HIS D 77 41.02 12.12 -10.02
C HIS D 77 41.78 13.37 -10.47
N ALA D 78 42.99 13.60 -9.93
CA ALA D 78 43.72 14.86 -10.24
C ALA D 78 44.89 14.59 -11.17
N PHE D 79 44.99 15.34 -12.26
CA PHE D 79 46.11 15.18 -13.23
C PHE D 79 46.62 16.58 -13.63
N HIS D 80 47.84 16.66 -14.14
CA HIS D 80 48.36 17.98 -14.62
C HIS D 80 47.47 18.45 -15.77
N PHE D 81 47.20 19.75 -15.86
CA PHE D 81 46.31 20.27 -16.92
C PHE D 81 46.91 19.97 -18.28
N HIS D 82 48.23 20.16 -18.42
CA HIS D 82 48.90 19.85 -19.70
C HIS D 82 48.80 18.35 -20.00
N CYS D 83 49.02 17.50 -18.98
CA CYS D 83 48.97 16.03 -19.19
C CYS D 83 47.56 15.63 -19.62
N ILE D 84 46.53 16.14 -18.92
CA ILE D 84 45.14 15.70 -19.22
C ILE D 84 44.76 16.19 -20.62
N SER D 85 45.17 17.40 -21.00
CA SER D 85 44.76 17.95 -22.33
C SER D 85 45.32 17.06 -23.44
N ARG D 86 46.59 16.64 -23.31
CA ARG D 86 47.21 15.76 -24.33
C ARG D 86 46.46 14.41 -24.36
N TRP D 87 46.14 13.88 -23.18
CA TRP D 87 45.41 12.59 -23.09
C TRP D 87 44.02 12.73 -23.72
N LEU D 88 43.35 13.86 -23.49
CA LEU D 88 41.99 14.09 -24.04
C LEU D 88 42.05 14.08 -25.57
N LYS D 89 43.13 14.63 -26.14
CA LYS D 89 43.28 14.64 -27.62
C LYS D 89 43.33 13.21 -28.13
N THR D 90 44.07 12.31 -27.47
CA THR D 90 44.07 10.89 -27.92
C THR D 90 42.67 10.28 -27.71
N ARG D 91 42.05 10.48 -26.53
CA ARG D 91 40.67 10.00 -26.29
C ARG D 91 40.06 10.79 -25.12
N GLN D 92 38.75 11.06 -25.16
CA GLN D 92 38.10 11.88 -24.10
C GLN D 92 37.65 10.97 -22.94
N VAL D 93 38.60 10.44 -22.16
CA VAL D 93 38.27 9.54 -21.02
C VAL D 93 39.22 9.86 -19.86
N CYS D 94 38.84 9.48 -18.63
CA CYS D 94 39.78 9.65 -17.47
C CYS D 94 40.66 8.40 -17.44
N PRO D 95 42.00 8.51 -17.35
CA PRO D 95 42.85 7.31 -17.42
C PRO D 95 42.59 6.30 -16.28
N LEU D 96 42.52 6.77 -15.04
CA LEU D 96 42.21 5.87 -13.89
C LEU D 96 40.76 5.38 -13.95
N ASP D 97 39.81 6.28 -14.21
CA ASP D 97 38.36 5.92 -14.21
C ASP D 97 38.02 4.99 -15.38
N ASN D 98 38.64 5.19 -16.56
CA ASN D 98 38.28 4.42 -17.78
C ASN D 98 36.84 4.80 -18.13
N ARG D 99 36.44 6.05 -17.82
CA ARG D 99 35.07 6.54 -18.11
C ARG D 99 35.22 7.96 -18.68
N GLU D 100 34.19 8.51 -19.34
CA GLU D 100 34.35 9.83 -20.01
C GLU D 100 34.79 10.90 -19.01
N TRP D 101 35.80 11.70 -19.38
CA TRP D 101 36.35 12.74 -18.48
C TRP D 101 35.44 13.98 -18.44
N GLU D 102 35.40 14.70 -17.32
CA GLU D 102 34.61 15.97 -17.22
C GLU D 102 35.29 16.87 -16.20
N PHE D 103 35.67 18.10 -16.58
CA PHE D 103 36.45 18.98 -15.68
C PHE D 103 35.62 19.45 -14.47
N GLN D 104 35.82 18.83 -13.30
CA GLN D 104 35.15 19.33 -12.08
C GLN D 104 35.67 20.74 -11.77
N LYS D 105 36.99 20.91 -11.84
CA LYS D 105 37.62 22.25 -11.57
C LYS D 105 38.86 22.40 -12.46
N MET E 1 -44.81 69.82 9.47
CA MET E 1 -43.64 69.87 10.34
C MET E 1 -42.46 69.17 9.65
N SER E 2 -41.25 69.59 10.00
CA SER E 2 -40.04 69.10 9.37
C SER E 2 -39.09 68.54 10.43
N LEU E 3 -37.87 68.25 10.01
CA LEU E 3 -36.88 67.58 10.85
C LEU E 3 -36.15 68.52 11.79
N LYS E 4 -36.49 69.81 11.81
CA LYS E 4 -35.80 70.73 12.68
C LYS E 4 -36.02 70.36 14.15
N PRO E 5 -35.00 70.49 15.00
CA PRO E 5 -35.18 70.17 16.42
C PRO E 5 -36.21 71.09 17.06
N ARG E 6 -36.95 70.54 18.04
CA ARG E 6 -38.03 71.34 18.68
C ARG E 6 -38.30 70.82 20.10
N VAL E 7 -39.07 71.58 20.88
CA VAL E 7 -39.44 71.13 22.27
C VAL E 7 -40.57 70.11 22.15
N VAL E 8 -40.37 68.89 22.66
CA VAL E 8 -41.40 67.86 22.51
C VAL E 8 -41.79 67.37 23.89
N ASP E 9 -43.09 67.08 24.05
CA ASP E 9 -43.58 66.51 25.30
C ASP E 9 -42.99 65.11 25.50
N PHE E 10 -42.18 64.97 26.54
CA PHE E 10 -41.58 63.66 26.83
C PHE E 10 -42.64 62.63 27.21
N ASP E 11 -43.63 63.04 28.01
CA ASP E 11 -44.53 62.06 28.63
C ASP E 11 -45.43 61.39 27.61
N GLU E 12 -46.08 62.19 26.76
CA GLU E 12 -47.05 61.64 25.81
C GLU E 12 -46.36 60.75 24.78
N THR E 13 -45.28 61.26 24.18
CA THR E 13 -44.55 60.46 23.21
C THR E 13 -43.94 59.24 23.86
N TRP E 14 -43.47 59.37 25.10
CA TRP E 14 -42.93 58.23 25.83
C TRP E 14 -44.00 57.17 26.04
N ASN E 15 -45.23 57.58 26.36
CA ASN E 15 -46.31 56.63 26.53
C ASN E 15 -46.64 55.93 25.21
N LYS E 16 -46.66 56.69 24.11
CA LYS E 16 -46.91 56.07 22.81
C LYS E 16 -45.84 55.05 22.47
N LEU E 17 -44.57 55.41 22.70
CA LEU E 17 -43.47 54.49 22.45
C LEU E 17 -43.57 53.27 23.36
N LEU E 18 -43.97 53.47 24.61
CA LEU E 18 -44.13 52.36 25.55
C LEU E 18 -45.20 51.39 25.05
N THR E 19 -46.33 51.92 24.59
CA THR E 19 -47.37 51.07 24.03
C THR E 19 -46.84 50.29 22.82
N THR E 20 -46.11 50.98 21.94
CA THR E 20 -45.61 50.34 20.74
C THR E 20 -44.62 49.22 21.08
N ILE E 21 -43.69 49.49 21.99
CA ILE E 21 -42.70 48.48 22.34
C ILE E 21 -43.33 47.33 23.12
N LYS E 22 -44.37 47.62 23.90
CA LYS E 22 -45.09 46.55 24.58
C LYS E 22 -45.78 45.63 23.57
N ALA E 23 -46.34 46.22 22.51
CA ALA E 23 -46.86 45.38 21.43
C ALA E 23 -45.75 44.62 20.75
N VAL E 24 -44.58 45.24 20.60
CA VAL E 24 -43.48 44.62 19.88
C VAL E 24 -42.95 43.39 20.62
N VAL E 25 -42.72 43.53 21.94
CA VAL E 25 -42.11 42.44 22.69
C VAL E 25 -42.99 41.20 22.67
N MET E 26 -44.30 41.38 22.63
CA MET E 26 -45.24 40.29 22.48
C MET E 26 -45.48 39.94 21.01
N LEU E 27 -44.77 40.59 20.09
CA LEU E 27 -44.87 40.33 18.66
C LEU E 27 -46.28 40.58 18.14
N GLU E 28 -46.99 41.52 18.78
CA GLU E 28 -48.33 41.86 18.36
C GLU E 28 -48.30 42.64 17.05
N TYR E 29 -49.45 42.65 16.38
CA TYR E 29 -49.57 43.42 15.15
C TYR E 29 -49.33 44.90 15.40
N VAL E 30 -48.58 45.54 14.50
CA VAL E 30 -48.28 46.95 14.57
C VAL E 30 -48.43 47.55 13.19
N GLU E 31 -48.97 48.77 13.13
CA GLU E 31 -49.15 49.43 11.84
C GLU E 31 -47.81 49.97 11.32
N ARG E 32 -47.58 49.76 10.02
CA ARG E 32 -46.35 50.26 9.41
C ARG E 32 -46.30 51.78 9.44
N ALA E 33 -47.44 52.44 9.22
CA ALA E 33 -47.50 53.89 9.39
C ALA E 33 -47.17 54.26 10.83
N THR E 34 -47.70 53.49 11.79
CA THR E 34 -47.34 53.71 13.18
C THR E 34 -45.85 53.45 13.40
N TRP E 35 -45.28 52.48 12.68
CA TRP E 35 -43.85 52.23 12.76
C TRP E 35 -43.06 53.47 12.35
N ASN E 36 -43.40 54.06 11.20
CA ASN E 36 -42.71 55.25 10.74
C ASN E 36 -42.94 56.43 11.69
N ASP E 37 -44.16 56.55 12.22
CA ASP E 37 -44.43 57.64 13.16
C ASP E 37 -43.61 57.49 14.42
N ARG E 38 -43.45 56.26 14.91
CA ARG E 38 -42.61 56.02 16.07
C ARG E 38 -41.16 56.39 15.77
N PHE E 39 -40.68 56.06 14.57
CA PHE E 39 -39.35 56.51 14.18
C PHE E 39 -39.25 58.03 14.21
N SER E 40 -40.24 58.73 13.65
CA SER E 40 -40.20 60.19 13.63
C SER E 40 -40.19 60.74 15.05
N ASP E 41 -41.03 60.18 15.93
CA ASP E 41 -41.08 60.64 17.31
C ASP E 41 -39.77 60.39 18.03
N ILE E 42 -39.17 59.22 17.80
CA ILE E 42 -37.88 58.90 18.38
C ILE E 42 -36.83 59.92 17.95
N TYR E 43 -36.79 60.22 16.66
CA TYR E 43 -35.82 61.20 16.17
C TYR E 43 -36.07 62.57 16.78
N ALA E 44 -37.34 62.96 16.90
CA ALA E 44 -37.66 64.25 17.49
C ALA E 44 -37.19 64.33 18.94
N LEU E 45 -37.43 63.27 19.71
CA LEU E 45 -37.00 63.27 21.11
C LEU E 45 -35.49 63.24 21.24
N CYS E 46 -34.81 62.55 20.31
CA CYS E 46 -33.35 62.51 20.37
C CYS E 46 -32.75 63.90 20.21
N VAL E 47 -33.29 64.70 19.29
CA VAL E 47 -32.81 66.06 19.05
C VAL E 47 -33.70 67.09 19.73
N ALA E 48 -34.43 66.67 20.78
CA ALA E 48 -35.27 67.64 21.54
C ALA E 48 -34.49 68.94 21.73
N TYR E 49 -35.08 70.07 21.32
CA TYR E 49 -34.34 71.37 21.35
C TYR E 49 -33.91 71.80 22.76
N PRO E 50 -34.75 71.76 23.84
CA PRO E 50 -34.29 72.26 25.15
C PRO E 50 -33.10 71.42 25.64
N GLU E 51 -33.20 70.10 25.55
CA GLU E 51 -32.06 69.21 25.92
C GLU E 51 -32.25 67.87 25.21
N PRO E 52 -31.19 67.18 24.75
CA PRO E 52 -31.36 65.84 24.16
C PRO E 52 -31.77 64.90 25.30
N LEU E 53 -32.99 64.35 25.26
CA LEU E 53 -33.46 63.44 26.29
C LEU E 53 -33.07 61.99 26.00
N GLY E 54 -32.09 61.78 25.13
CA GLY E 54 -31.71 60.42 24.76
C GLY E 54 -31.31 59.59 25.95
N GLU E 55 -30.61 60.20 26.91
CA GLU E 55 -30.31 59.52 28.16
C GLU E 55 -31.59 59.17 28.91
N ARG E 56 -32.57 60.07 28.90
CA ARG E 56 -33.84 59.79 29.56
C ARG E 56 -34.57 58.66 28.84
N LEU E 57 -34.55 58.65 27.51
CA LEU E 57 -35.15 57.54 26.78
C LEU E 57 -34.47 56.22 27.12
N TYR E 58 -33.14 56.24 27.20
CA TYR E 58 -32.39 55.03 27.56
C TYR E 58 -32.78 54.54 28.94
N THR E 59 -32.87 55.46 29.90
CA THR E 59 -33.23 55.09 31.27
C THR E 59 -34.64 54.52 31.32
N GLU E 60 -35.58 55.18 30.63
CA GLU E 60 -36.96 54.70 30.64
C GLU E 60 -37.07 53.33 30.01
N THR E 61 -36.37 53.11 28.89
CA THR E 61 -36.39 51.82 28.23
C THR E 61 -35.78 50.75 29.12
N LYS E 62 -34.69 51.08 29.79
CA LYS E 62 -34.05 50.12 30.69
C LYS E 62 -34.99 49.76 31.83
N ILE E 63 -35.69 50.74 32.39
CA ILE E 63 -36.61 50.47 33.49
C ILE E 63 -37.77 49.60 33.01
N PHE E 64 -38.36 49.94 31.87
CA PHE E 64 -39.46 49.14 31.36
C PHE E 64 -39.02 47.72 31.06
N LEU E 65 -37.85 47.57 30.45
CA LEU E 65 -37.29 46.26 30.19
C LEU E 65 -37.03 45.48 31.46
N GLU E 66 -36.53 46.13 32.51
CA GLU E 66 -36.32 45.45 33.77
C GLU E 66 -37.63 44.96 34.36
N ASN E 67 -38.67 45.79 34.31
CA ASN E 67 -39.98 45.35 34.80
C ASN E 67 -40.50 44.17 33.98
N HIS E 68 -40.37 44.25 32.66
CA HIS E 68 -40.83 43.16 31.80
C HIS E 68 -40.07 41.88 32.07
N VAL E 69 -38.76 41.98 32.25
CA VAL E 69 -37.93 40.81 32.48
C VAL E 69 -38.21 40.21 33.85
N ARG E 70 -38.48 41.06 34.84
CA ARG E 70 -38.86 40.56 36.16
C ARG E 70 -40.18 39.82 36.10
N HIS E 71 -41.14 40.36 35.35
CA HIS E 71 -42.41 39.66 35.16
C HIS E 71 -42.20 38.33 34.46
N LEU E 72 -41.31 38.31 33.46
CA LEU E 72 -40.98 37.06 32.78
C LEU E 72 -40.35 36.06 33.73
N HIS E 73 -39.47 36.53 34.62
CA HIS E 73 -38.87 35.65 35.61
C HIS E 73 -39.92 35.07 36.52
N LYS E 74 -40.88 35.90 36.94
CA LYS E 74 -41.98 35.40 37.77
C LYS E 74 -42.78 34.35 37.03
N ARG E 75 -43.06 34.58 35.74
CA ARG E 75 -43.82 33.60 34.96
C ARG E 75 -43.05 32.29 34.82
N VAL E 76 -41.73 32.38 34.62
CA VAL E 76 -40.92 31.17 34.52
C VAL E 76 -40.93 30.43 35.84
N LEU E 77 -40.77 31.15 36.95
CA LEU E 77 -40.78 30.53 38.27
C LEU E 77 -42.12 29.87 38.57
N GLU E 78 -43.21 30.41 38.01
CA GLU E 78 -44.51 29.80 38.21
C GLU E 78 -44.56 28.40 37.63
N SER E 79 -44.00 28.22 36.43
CA SER E 79 -43.99 26.91 35.81
C SER E 79 -42.99 25.99 36.48
N GLU E 80 -43.36 24.72 36.62
CA GLU E 80 -42.49 23.70 37.18
C GLU E 80 -42.44 22.52 36.22
N GLU E 81 -41.22 22.07 35.89
CA GLU E 81 -40.95 20.96 34.98
C GLU E 81 -41.29 21.36 33.56
N GLN E 82 -41.91 22.53 33.39
CA GLN E 82 -42.15 23.13 32.10
C GLN E 82 -41.19 24.27 31.83
N VAL E 83 -40.25 24.50 32.73
CA VAL E 83 -39.40 25.70 32.69
C VAL E 83 -38.66 25.78 31.37
N LEU E 84 -38.13 24.66 30.92
CA LEU E 84 -37.29 24.67 29.72
C LEU E 84 -38.08 25.12 28.49
N VAL E 85 -39.26 24.55 28.26
CA VAL E 85 -39.99 24.82 27.02
C VAL E 85 -40.49 26.24 26.99
N MET E 86 -41.12 26.68 28.09
CA MET E 86 -41.72 28.01 28.12
C MET E 86 -40.65 29.09 28.22
N TYR E 87 -39.52 28.79 28.86
CA TYR E 87 -38.38 29.70 28.79
C TYR E 87 -37.84 29.80 27.38
N HIS E 88 -37.78 28.68 26.66
CA HIS E 88 -37.35 28.72 25.27
C HIS E 88 -38.29 29.57 24.43
N ARG E 89 -39.60 29.46 24.68
CA ARG E 89 -40.57 30.29 23.99
C ARG E 89 -40.35 31.76 24.30
N TYR E 90 -40.14 32.09 25.58
CA TYR E 90 -39.91 33.48 25.95
C TYR E 90 -38.64 34.02 25.31
N TRP E 91 -37.57 33.21 25.29
CA TRP E 91 -36.35 33.64 24.63
C TRP E 91 -36.57 33.89 23.15
N GLU E 92 -37.30 32.99 22.50
CA GLU E 92 -37.59 33.16 21.07
C GLU E 92 -38.35 34.45 20.82
N GLU E 93 -39.35 34.76 21.64
CA GLU E 93 -40.04 36.05 21.54
C GLU E 93 -39.09 37.20 21.77
N TYR E 94 -38.27 37.09 22.82
CA TYR E 94 -37.56 38.25 23.34
C TYR E 94 -36.38 38.61 22.46
N SER E 95 -35.75 37.63 21.83
CA SER E 95 -34.65 37.93 20.92
C SER E 95 -35.13 38.72 19.72
N LYS E 96 -36.25 38.28 19.11
CA LYS E 96 -36.82 39.00 17.99
C LYS E 96 -37.27 40.39 18.43
N GLY E 97 -37.88 40.49 19.62
CA GLY E 97 -38.25 41.80 20.11
C GLY E 97 -37.06 42.71 20.29
N ALA E 98 -35.96 42.17 20.84
CA ALA E 98 -34.76 42.96 21.05
C ALA E 98 -34.20 43.46 19.73
N ASP E 99 -34.20 42.60 18.71
CA ASP E 99 -33.78 43.06 17.39
C ASP E 99 -34.69 44.17 16.89
N TYR E 100 -36.00 44.04 17.14
CA TYR E 100 -36.95 45.05 16.68
C TYR E 100 -36.71 46.38 17.37
N MET E 101 -36.44 46.39 18.67
CA MET E 101 -36.09 47.65 19.31
C MET E 101 -34.71 48.15 18.91
N ASP E 102 -33.79 47.25 18.58
CA ASP E 102 -32.49 47.70 18.08
C ASP E 102 -32.66 48.48 16.79
N CYS E 103 -33.51 47.99 15.90
CA CYS E 103 -33.89 48.78 14.73
C CYS E 103 -34.64 50.03 15.16
N LEU E 104 -35.51 49.92 16.16
CA LEU E 104 -36.26 51.06 16.65
C LEU E 104 -35.35 52.14 17.22
N TYR E 105 -34.35 51.73 18.00
CA TYR E 105 -33.46 52.66 18.69
C TYR E 105 -32.14 52.82 17.98
N ARG E 106 -32.10 52.55 16.68
CA ARG E 106 -30.84 52.68 15.92
C ARG E 106 -30.29 54.09 16.03
N TYR E 107 -31.16 55.09 16.00
CA TYR E 107 -30.70 56.46 16.12
C TYR E 107 -30.07 56.72 17.48
N LEU E 108 -30.67 56.18 18.54
CA LEU E 108 -30.10 56.36 19.87
C LEU E 108 -28.72 55.74 19.96
N ASN E 109 -28.56 54.51 19.46
CA ASN E 109 -27.27 53.85 19.53
C ASN E 109 -26.24 54.60 18.70
N THR E 110 -26.58 54.95 17.46
CA THR E 110 -25.61 55.56 16.55
C THR E 110 -25.22 56.95 17.00
N GLN E 111 -26.19 57.79 17.34
CA GLN E 111 -25.92 59.20 17.60
C GLN E 111 -25.61 59.50 19.06
N PHE E 112 -26.17 58.73 19.99
CA PHE E 112 -26.02 59.00 21.41
C PHE E 112 -25.15 57.98 22.10
N ILE E 113 -25.48 56.69 21.99
CA ILE E 113 -24.75 55.66 22.71
C ILE E 113 -23.34 55.50 22.16
N LYS E 114 -23.22 55.42 20.83
CA LYS E 114 -21.91 55.21 20.22
C LYS E 114 -20.97 56.36 20.53
N LYS E 115 -21.48 57.59 20.48
CA LYS E 115 -20.64 58.75 20.77
C LYS E 115 -20.26 58.83 22.24
N ASN E 116 -20.95 58.08 23.11
CA ASN E 116 -20.67 58.10 24.54
C ASN E 116 -20.24 56.74 25.09
N LYS E 117 -20.23 55.70 24.27
CA LYS E 117 -19.84 54.39 24.75
C LYS E 117 -18.34 54.35 25.06
N LEU E 118 -18.01 53.71 26.18
CA LEU E 118 -16.61 53.53 26.54
C LEU E 118 -15.93 52.57 25.57
N THR E 119 -14.70 52.89 25.21
CA THR E 119 -13.95 52.05 24.28
C THR E 119 -13.54 50.73 24.94
N GLU E 120 -13.20 49.76 24.10
CA GLU E 120 -12.78 48.45 24.61
C GLU E 120 -11.47 48.56 25.39
N ALA E 121 -10.57 49.44 24.94
CA ALA E 121 -9.29 49.60 25.63
C ALA E 121 -9.49 50.11 27.05
N ASP E 122 -10.39 51.08 27.24
CA ASP E 122 -10.65 51.61 28.57
C ASP E 122 -11.22 50.54 29.48
N LEU E 123 -12.14 49.73 28.97
CA LEU E 123 -12.72 48.64 29.78
C LEU E 123 -11.67 47.60 30.13
N GLN E 124 -10.81 47.25 29.17
CA GLN E 124 -9.77 46.27 29.43
C GLN E 124 -8.77 46.77 30.46
N TYR E 125 -8.36 48.03 30.34
CA TYR E 125 -7.42 48.63 31.28
C TYR E 125 -8.11 49.22 32.51
N GLY E 126 -9.43 49.22 32.56
CA GLY E 126 -10.15 49.76 33.70
C GLY E 126 -10.20 48.80 34.87
N ASN E 133 -20.92 54.02 37.56
CA ASN E 133 -22.01 53.99 36.58
C ASN E 133 -21.79 52.90 35.54
N GLU E 134 -22.86 52.22 35.16
CA GLU E 134 -22.77 51.23 34.11
C GLU E 134 -22.48 51.92 32.78
N PRO E 135 -21.44 51.52 32.06
CA PRO E 135 -21.16 52.15 30.76
C PRO E 135 -22.31 51.96 29.80
N LEU E 136 -22.54 52.98 28.97
CA LEU E 136 -23.63 52.92 28.00
C LEU E 136 -23.36 51.83 26.97
N MET E 137 -24.39 51.04 26.67
CA MET E 137 -24.30 50.01 25.64
C MET E 137 -25.51 50.13 24.73
N GLU E 138 -25.42 49.49 23.57
CA GLU E 138 -26.54 49.51 22.64
C GLU E 138 -27.73 48.76 23.24
N ILE E 139 -28.93 49.13 22.78
CA ILE E 139 -30.15 48.62 23.39
C ILE E 139 -30.24 47.10 23.24
N GLY E 140 -29.75 46.58 22.12
CA GLY E 140 -29.71 45.12 21.99
C GLY E 140 -28.75 44.49 22.97
N GLU E 141 -27.56 45.08 23.10
CA GLU E 141 -26.61 44.59 24.09
C GLU E 141 -27.18 44.75 25.49
N LEU E 142 -27.85 45.86 25.76
CA LEU E 142 -28.48 46.05 27.05
C LEU E 142 -29.51 44.95 27.33
N ALA E 143 -30.34 44.66 26.35
CA ALA E 143 -31.39 43.66 26.53
C ALA E 143 -30.79 42.29 26.79
N LEU E 144 -29.79 41.90 26.00
CA LEU E 144 -29.19 40.59 26.21
C LEU E 144 -28.45 40.52 27.55
N ASP E 145 -27.75 41.58 27.91
CA ASP E 145 -27.02 41.58 29.18
C ASP E 145 -27.97 41.46 30.36
N MET E 146 -29.06 42.21 30.34
CA MET E 146 -30.00 42.15 31.44
C MET E 146 -30.77 40.83 31.44
N TRP E 147 -31.02 40.26 30.26
CA TRP E 147 -31.59 38.92 30.19
C TRP E 147 -30.68 37.92 30.89
N ARG E 148 -29.39 37.94 30.55
CA ARG E 148 -28.46 37.03 31.20
C ARG E 148 -28.39 37.29 32.70
N LYS E 149 -28.46 38.55 33.10
CA LYS E 149 -28.43 38.89 34.52
C LYS E 149 -29.66 38.35 35.24
N LEU E 150 -30.82 38.40 34.61
CA LEU E 150 -32.08 38.15 35.30
C LEU E 150 -32.76 36.87 34.88
N MET E 151 -32.36 36.27 33.76
CA MET E 151 -32.87 34.95 33.40
C MET E 151 -31.84 33.88 33.73
N VAL E 152 -30.64 34.02 33.16
CA VAL E 152 -29.65 32.95 33.27
C VAL E 152 -29.10 32.88 34.69
N GLU E 153 -28.73 34.01 35.26
CA GLU E 153 -28.11 33.99 36.58
C GLU E 153 -29.06 33.49 37.67
N PRO E 154 -30.27 34.03 37.82
CA PRO E 154 -31.12 33.57 38.94
C PRO E 154 -31.54 32.11 38.82
N LEU E 155 -31.76 31.61 37.62
CA LEU E 155 -32.27 30.27 37.39
C LEU E 155 -31.21 29.33 36.84
N GLN E 156 -29.93 29.69 36.97
CA GLN E 156 -28.88 28.96 36.27
C GLN E 156 -28.76 27.53 36.77
N ALA E 157 -28.77 27.33 38.08
CA ALA E 157 -28.65 25.98 38.62
C ALA E 157 -29.79 25.10 38.13
N ILE E 158 -31.02 25.62 38.18
CA ILE E 158 -32.18 24.84 37.76
C ILE E 158 -32.09 24.50 36.28
N LEU E 159 -31.73 25.48 35.46
CA LEU E 159 -31.71 25.24 34.02
C LEU E 159 -30.60 24.28 33.62
N ILE E 160 -29.42 24.42 34.24
CA ILE E 160 -28.33 23.47 33.99
C ILE E 160 -28.76 22.07 34.40
N ARG E 161 -29.38 21.96 35.57
CA ARG E 161 -29.83 20.65 36.04
C ARG E 161 -30.82 20.03 35.08
N MET E 162 -31.79 20.81 34.61
CA MET E 162 -32.79 20.29 33.68
C MET E 162 -32.15 19.87 32.36
N LEU E 163 -31.22 20.69 31.85
CA LEU E 163 -30.55 20.36 30.61
C LEU E 163 -29.75 19.07 30.73
N LEU E 164 -29.01 18.93 31.84
CA LEU E 164 -28.24 17.71 32.06
C LEU E 164 -29.16 16.51 32.19
N ARG E 165 -30.29 16.68 32.88
CA ARG E 165 -31.25 15.59 33.01
C ARG E 165 -31.78 15.16 31.65
N GLU E 166 -32.13 16.12 30.80
CA GLU E 166 -32.63 15.78 29.47
C GLU E 166 -31.56 15.11 28.63
N ILE E 167 -30.31 15.59 28.72
CA ILE E 167 -29.23 14.97 27.96
C ILE E 167 -29.02 13.54 28.41
N LYS E 168 -29.03 13.31 29.72
CA LYS E 168 -28.88 11.96 30.25
C LYS E 168 -30.02 11.06 29.81
N ASN E 169 -31.24 11.62 29.79
CA ASN E 169 -32.39 10.86 29.30
C ASN E 169 -32.19 10.46 27.84
N ASP E 170 -31.67 11.38 27.03
CA ASP E 170 -31.34 11.04 25.65
C ASP E 170 -30.29 9.94 25.60
N ARG E 171 -29.28 10.02 26.47
CA ARG E 171 -28.29 8.96 26.53
C ARG E 171 -28.91 7.64 26.96
N GLY E 172 -30.00 7.69 27.72
CA GLY E 172 -30.76 6.51 28.06
C GLY E 172 -31.78 6.11 27.03
N GLY E 173 -31.84 6.80 25.89
CA GLY E 173 -32.79 6.51 24.85
C GLY E 173 -34.07 7.32 24.91
N GLU E 174 -34.33 8.03 26.01
CA GLU E 174 -35.53 8.85 26.14
C GLU E 174 -35.23 10.20 25.52
N ASP E 175 -35.72 10.41 24.31
CA ASP E 175 -35.39 11.62 23.56
C ASP E 175 -36.32 12.77 23.98
N PRO E 176 -35.78 13.84 24.53
CA PRO E 176 -36.58 15.05 24.75
C PRO E 176 -36.66 15.86 23.46
N ASN E 177 -37.25 17.04 23.55
CA ASN E 177 -37.36 17.91 22.39
C ASN E 177 -36.01 18.53 22.07
N GLN E 178 -35.45 18.17 20.92
CA GLN E 178 -34.19 18.76 20.49
C GLN E 178 -34.32 20.26 20.28
N LYS E 179 -35.47 20.70 19.77
CA LYS E 179 -35.64 22.11 19.43
C LYS E 179 -35.47 23.01 20.65
N VAL E 180 -36.16 22.70 21.74
CA VAL E 180 -36.13 23.58 22.90
C VAL E 180 -34.72 23.65 23.50
N ILE E 181 -34.09 22.51 23.71
CA ILE E 181 -32.78 22.50 24.36
C ILE E 181 -31.73 23.13 23.45
N HIS E 182 -31.80 22.86 22.15
CA HIS E 182 -30.85 23.48 21.23
C HIS E 182 -31.05 24.99 21.20
N GLY E 183 -32.31 25.44 21.24
CA GLY E 183 -32.56 26.88 21.27
C GLY E 183 -32.03 27.51 22.54
N VAL E 184 -32.16 26.82 23.67
CA VAL E 184 -31.65 27.34 24.92
C VAL E 184 -30.14 27.44 24.89
N ILE E 185 -29.48 26.41 24.35
CA ILE E 185 -28.03 26.44 24.23
C ILE E 185 -27.58 27.57 23.32
N ASN E 186 -28.24 27.71 22.17
CA ASN E 186 -27.93 28.81 21.27
C ASN E 186 -28.20 30.15 21.93
N SER E 187 -29.21 30.22 22.81
CA SER E 187 -29.45 31.43 23.57
C SER E 187 -28.28 31.73 24.49
N PHE E 188 -27.74 30.70 25.14
CA PHE E 188 -26.57 30.89 25.98
C PHE E 188 -25.41 31.45 25.17
N VAL E 189 -25.25 30.95 23.94
CA VAL E 189 -24.26 31.52 23.05
C VAL E 189 -24.62 32.96 22.69
N HIS E 190 -25.91 33.24 22.55
CA HIS E 190 -26.37 34.49 21.96
C HIS E 190 -26.24 35.65 22.92
N VAL E 191 -26.43 35.41 24.23
CA VAL E 191 -26.57 36.50 25.17
C VAL E 191 -25.30 37.35 25.22
N GLU E 192 -24.14 36.72 25.11
CA GLU E 192 -22.87 37.44 25.15
C GLU E 192 -22.27 37.64 23.76
N GLN E 193 -23.07 37.47 22.71
CA GLN E 193 -22.55 37.62 21.36
C GLN E 193 -22.07 39.04 21.08
N TYR E 194 -22.58 40.03 21.81
CA TYR E 194 -22.10 41.39 21.63
C TYR E 194 -20.72 41.61 22.24
N LYS E 195 -20.31 40.74 23.16
CA LYS E 195 -18.99 40.86 23.76
C LYS E 195 -17.93 40.43 22.75
N LYS E 196 -17.10 41.39 22.33
CA LYS E 196 -16.07 41.10 21.34
C LYS E 196 -15.06 40.08 21.86
N LYS E 197 -14.66 40.21 23.12
CA LYS E 197 -13.69 39.32 23.72
C LYS E 197 -14.39 38.13 24.36
N PHE E 198 -13.88 36.93 24.04
CA PHE E 198 -14.38 35.67 24.59
C PHE E 198 -15.86 35.50 24.31
N PRO E 199 -16.26 35.30 23.04
CA PRO E 199 -17.69 35.17 22.75
C PRO E 199 -18.33 33.94 23.35
N LEU E 200 -17.54 32.93 23.72
CA LEU E 200 -18.07 31.70 24.31
C LEU E 200 -17.70 31.57 25.78
N LYS E 201 -17.27 32.65 26.42
CA LYS E 201 -16.80 32.58 27.80
C LYS E 201 -17.92 32.15 28.73
N PHE E 202 -19.06 32.82 28.65
CA PHE E 202 -20.16 32.53 29.56
C PHE E 202 -20.70 31.12 29.35
N TYR E 203 -20.84 30.71 28.09
CA TYR E 203 -21.32 29.35 27.80
C TYR E 203 -20.39 28.31 28.39
N GLN E 204 -19.09 28.48 28.21
CA GLN E 204 -18.13 27.53 28.77
C GLN E 204 -18.17 27.56 30.29
N GLU E 205 -18.31 28.74 30.88
CA GLU E 205 -18.25 28.87 32.32
C GLU E 205 -19.45 28.21 33.00
N ILE E 206 -20.66 28.50 32.52
CA ILE E 206 -21.84 28.08 33.26
C ILE E 206 -22.33 26.69 32.86
N PHE E 207 -22.11 26.28 31.61
CA PHE E 207 -22.70 25.04 31.12
C PHE E 207 -21.67 24.02 30.66
N GLU E 208 -20.71 24.44 29.83
CA GLU E 208 -19.84 23.48 29.16
C GLU E 208 -19.00 22.69 30.16
N SER E 209 -18.44 23.38 31.16
CA SER E 209 -17.60 22.68 32.13
C SER E 209 -18.39 21.68 32.97
N PRO E 210 -19.50 22.05 33.62
CA PRO E 210 -20.26 21.03 34.37
C PRO E 210 -20.78 19.92 33.47
N PHE E 211 -21.18 20.26 32.24
CA PHE E 211 -21.65 19.25 31.31
C PHE E 211 -20.53 18.26 30.99
N LEU E 212 -19.33 18.76 30.74
CA LEU E 212 -18.21 17.88 30.46
C LEU E 212 -17.87 17.01 31.66
N THR E 213 -17.94 17.58 32.86
CA THR E 213 -17.67 16.80 34.06
C THR E 213 -18.67 15.66 34.20
N GLU E 214 -19.96 15.97 34.04
CA GLU E 214 -20.98 14.94 34.14
C GLU E 214 -20.84 13.91 33.04
N THR E 215 -20.49 14.35 31.83
CA THR E 215 -20.25 13.42 30.74
C THR E 215 -19.12 12.47 31.06
N GLY E 216 -18.02 12.99 31.61
CA GLY E 216 -16.92 12.13 31.99
C GLY E 216 -17.31 11.13 33.05
N GLU E 217 -18.06 11.57 34.06
CA GLU E 217 -18.50 10.66 35.11
C GLU E 217 -19.39 9.56 34.54
N TYR E 218 -20.39 9.96 33.75
CA TYR E 218 -21.34 8.98 33.20
C TYR E 218 -20.63 8.00 32.28
N TYR E 219 -19.71 8.48 31.45
CA TYR E 219 -19.01 7.57 30.55
C TYR E 219 -18.00 6.70 31.27
N LYS E 220 -17.42 7.18 32.37
CA LYS E 220 -16.58 6.31 33.19
C LYS E 220 -17.41 5.17 33.76
N GLN E 221 -18.60 5.48 34.28
CA GLN E 221 -19.47 4.42 34.78
C GLN E 221 -19.88 3.47 33.66
N GLU E 222 -20.18 4.02 32.48
CA GLU E 222 -20.56 3.19 31.34
C GLU E 222 -19.42 2.27 30.94
N ALA E 223 -18.19 2.78 30.93
CA ALA E 223 -17.04 1.95 30.61
C ALA E 223 -16.87 0.84 31.62
N SER E 224 -17.04 1.15 32.90
CA SER E 224 -16.97 0.12 33.93
C SER E 224 -18.00 -0.97 33.68
N ASN E 225 -19.24 -0.56 33.40
CA ASN E 225 -20.31 -1.52 33.18
C ASN E 225 -20.02 -2.38 31.95
N LEU E 226 -19.59 -1.76 30.86
CA LEU E 226 -19.34 -2.52 29.64
C LEU E 226 -18.14 -3.46 29.78
N LEU E 227 -17.10 -3.03 30.49
CA LEU E 227 -15.96 -3.90 30.75
C LEU E 227 -16.39 -5.10 31.57
N GLN E 228 -17.20 -4.88 32.61
CA GLN E 228 -17.63 -5.98 33.46
C GLN E 228 -18.59 -6.93 32.75
N GLU E 229 -19.09 -6.54 31.57
CA GLU E 229 -20.13 -7.30 30.88
C GLU E 229 -19.69 -7.81 29.53
N SER E 230 -18.46 -7.53 29.09
CA SER E 230 -18.06 -7.88 27.74
C SER E 230 -16.58 -8.18 27.68
N ASN E 231 -16.18 -8.92 26.65
CA ASN E 231 -14.78 -9.17 26.38
C ASN E 231 -14.15 -7.93 25.75
N CYS E 232 -12.90 -8.07 25.31
CA CYS E 232 -12.21 -6.94 24.68
C CYS E 232 -12.91 -6.53 23.39
N SER E 233 -13.26 -7.50 22.54
CA SER E 233 -13.86 -7.17 21.25
C SER E 233 -15.24 -6.55 21.43
N GLN E 234 -16.08 -7.17 22.25
CA GLN E 234 -17.42 -6.62 22.48
C GLN E 234 -17.34 -5.25 23.14
N TYR E 235 -16.44 -5.09 24.12
CA TYR E 235 -16.31 -3.81 24.79
C TYR E 235 -15.86 -2.73 23.82
N MET E 236 -14.89 -3.03 22.96
CA MET E 236 -14.41 -2.03 22.02
C MET E 236 -15.47 -1.69 20.97
N GLU E 237 -16.25 -2.68 20.54
CA GLU E 237 -17.36 -2.36 19.63
C GLU E 237 -18.38 -1.46 20.30
N LYS E 238 -18.70 -1.74 21.56
CA LYS E 238 -19.61 -0.87 22.30
C LYS E 238 -19.01 0.52 22.47
N VAL E 239 -17.69 0.60 22.64
CA VAL E 239 -17.02 1.89 22.73
C VAL E 239 -17.20 2.68 21.45
N LEU E 240 -17.01 2.04 20.30
CA LEU E 240 -17.21 2.73 19.03
C LEU E 240 -18.65 3.19 18.88
N GLY E 241 -19.59 2.33 19.26
CA GLY E 241 -20.99 2.72 19.19
C GLY E 241 -21.31 3.91 20.06
N ARG E 242 -20.82 3.90 21.29
CA ARG E 242 -21.02 5.02 22.19
C ARG E 242 -20.40 6.30 21.64
N LEU E 243 -19.21 6.19 21.07
CA LEU E 243 -18.55 7.36 20.49
C LEU E 243 -19.41 7.98 19.40
N LYS E 244 -19.87 7.16 18.45
CA LYS E 244 -20.65 7.71 17.36
C LYS E 244 -21.99 8.26 17.86
N ASP E 245 -22.60 7.58 18.83
CA ASP E 245 -23.88 8.06 19.38
C ASP E 245 -23.72 9.40 20.07
N GLU E 246 -22.66 9.55 20.86
CA GLU E 246 -22.44 10.83 21.52
C GLU E 246 -22.06 11.92 20.53
N GLU E 247 -21.37 11.56 19.45
CA GLU E 247 -21.13 12.52 18.38
C GLU E 247 -22.44 13.02 17.80
N ILE E 248 -23.36 12.10 17.51
CA ILE E 248 -24.67 12.50 17.00
C ILE E 248 -25.40 13.39 18.00
N ARG E 249 -25.33 13.01 19.27
CA ARG E 249 -25.98 13.79 20.33
C ARG E 249 -25.44 15.22 20.37
N CYS E 250 -24.12 15.36 20.35
CA CYS E 250 -23.51 16.67 20.39
C CYS E 250 -23.91 17.49 19.18
N ARG E 251 -23.80 16.90 17.99
CA ARG E 251 -24.18 17.63 16.78
C ARG E 251 -25.66 18.03 16.81
N LYS E 252 -26.48 17.24 17.50
CA LYS E 252 -27.89 17.59 17.62
C LYS E 252 -28.08 18.78 18.55
N TYR E 253 -27.40 18.81 19.69
CA TYR E 253 -27.74 19.76 20.74
C TYR E 253 -26.68 20.82 20.97
N LEU E 254 -25.45 20.42 21.26
CA LEU E 254 -24.46 21.37 21.76
C LEU E 254 -24.00 22.35 20.67
N HIS E 255 -23.38 23.43 21.13
CA HIS E 255 -22.72 24.34 20.21
C HIS E 255 -21.55 23.62 19.54
N PRO E 256 -21.30 23.88 18.26
CA PRO E 256 -20.25 23.11 17.55
C PRO E 256 -18.88 23.20 18.19
N SER E 257 -18.52 24.34 18.77
CA SER E 257 -17.18 24.53 19.30
C SER E 257 -16.84 23.50 20.36
N SER E 258 -17.82 23.06 21.15
CA SER E 258 -17.56 22.10 22.20
C SER E 258 -17.48 20.67 21.70
N TYR E 259 -17.86 20.41 20.46
CA TYR E 259 -17.93 19.04 19.96
C TYR E 259 -16.64 18.28 20.21
N THR E 260 -15.55 18.76 19.62
CA THR E 260 -14.26 18.09 19.77
C THR E 260 -13.88 17.91 21.24
N LYS E 261 -14.30 18.84 22.09
CA LYS E 261 -14.04 18.68 23.52
C LYS E 261 -14.74 17.44 24.06
N VAL E 262 -16.05 17.34 23.83
CA VAL E 262 -16.84 16.30 24.48
C VAL E 262 -16.34 14.92 24.04
N ILE E 263 -16.13 14.75 22.74
CA ILE E 263 -15.59 13.50 22.22
C ILE E 263 -14.30 13.17 22.94
N HIS E 264 -13.41 14.17 23.05
CA HIS E 264 -12.16 13.96 23.76
C HIS E 264 -12.41 13.45 25.17
N GLU E 265 -13.35 14.08 25.87
CA GLU E 265 -13.69 13.63 27.22
C GLU E 265 -14.17 12.19 27.20
N CYS E 266 -15.04 11.87 26.22
CA CYS E 266 -15.53 10.49 26.13
C CYS E 266 -14.40 9.54 25.79
N GLN E 267 -13.35 10.02 25.12
CA GLN E 267 -12.20 9.17 24.86
C GLN E 267 -11.35 8.99 26.11
N GLN E 268 -11.37 9.98 27.00
CA GLN E 268 -10.44 9.97 28.12
C GLN E 268 -10.94 9.06 29.25
N ARG E 269 -12.09 9.37 29.82
CA ARG E 269 -12.54 8.63 30.99
C ARG E 269 -12.99 7.22 30.61
N MET E 270 -13.29 7.01 29.33
CA MET E 270 -13.98 5.80 28.90
C MET E 270 -13.09 4.88 28.07
N VAL E 271 -11.96 5.36 27.56
CA VAL E 271 -11.00 4.54 26.83
C VAL E 271 -9.61 4.59 27.47
N ALA E 272 -9.05 5.79 27.62
CA ALA E 272 -7.67 5.92 28.07
C ALA E 272 -7.49 5.45 29.51
N ASP E 273 -8.58 5.44 30.28
CA ASP E 273 -8.52 5.01 31.69
C ASP E 273 -8.17 3.51 31.74
N HIS E 274 -8.31 2.82 30.61
CA HIS E 274 -7.96 1.37 30.54
C HIS E 274 -7.09 1.14 29.31
N LEU E 275 -5.97 1.87 29.23
CA LEU E 275 -4.93 1.65 28.19
C LEU E 275 -4.32 0.26 28.41
N GLN E 276 -4.11 -0.11 29.68
CA GLN E 276 -3.49 -1.43 30.01
C GLN E 276 -4.40 -2.55 29.49
N PHE E 277 -5.72 -2.38 29.62
CA PHE E 277 -6.68 -3.40 29.12
C PHE E 277 -6.52 -3.52 27.61
N LEU E 278 -6.40 -2.40 26.91
CA LEU E 278 -6.27 -2.43 25.43
C LEU E 278 -5.00 -3.17 25.05
N HIS E 279 -3.91 -2.96 25.80
CA HIS E 279 -2.61 -3.60 25.46
C HIS E 279 -2.57 -5.06 25.95
N ALA E 280 -3.49 -5.44 26.84
CA ALA E 280 -3.45 -6.80 27.37
C ALA E 280 -3.98 -7.81 26.37
N GLU E 281 -5.06 -7.48 25.68
CA GLU E 281 -5.68 -8.41 24.74
C GLU E 281 -5.20 -8.25 23.31
N CYS E 282 -4.47 -7.18 22.99
CA CYS E 282 -3.97 -7.07 21.63
C CYS E 282 -2.86 -8.06 21.34
N HIS E 283 -2.26 -8.64 22.38
CA HIS E 283 -1.19 -9.61 22.18
C HIS E 283 -1.65 -10.81 21.38
N ASN E 284 -2.93 -11.17 21.49
CA ASN E 284 -3.46 -12.30 20.76
C ASN E 284 -4.41 -11.92 19.64
N ILE E 285 -4.95 -10.70 19.66
CA ILE E 285 -5.89 -10.29 18.63
C ILE E 285 -5.19 -10.22 17.27
N ILE E 286 -3.91 -9.85 17.26
CA ILE E 286 -3.18 -9.79 16.00
C ILE E 286 -2.66 -11.15 15.60
N ARG E 287 -2.29 -11.99 16.57
CA ARG E 287 -1.84 -13.34 16.25
C ARG E 287 -2.97 -14.13 15.59
N GLN E 288 -4.18 -14.01 16.13
CA GLN E 288 -5.33 -14.65 15.51
C GLN E 288 -5.67 -14.02 14.16
N GLU E 289 -5.15 -12.83 13.88
CA GLU E 289 -5.40 -12.14 12.61
C GLU E 289 -6.89 -11.87 12.41
N LYS E 290 -7.51 -11.29 13.45
CA LYS E 290 -8.91 -10.93 13.38
C LYS E 290 -9.08 -9.80 12.36
N LYS E 291 -9.60 -10.15 11.17
CA LYS E 291 -9.62 -9.21 10.06
C LYS E 291 -10.38 -7.94 10.41
N ASN E 292 -11.48 -8.07 11.14
CA ASN E 292 -12.31 -6.91 11.44
C ASN E 292 -11.99 -6.27 12.78
N ASP E 293 -11.42 -7.01 13.73
CA ASP E 293 -11.20 -6.45 15.06
C ASP E 293 -10.13 -5.35 15.04
N MET E 294 -8.98 -5.63 14.42
CA MET E 294 -7.97 -4.57 14.32
C MET E 294 -8.44 -3.41 13.46
N ALA E 295 -9.42 -3.62 12.58
CA ALA E 295 -9.96 -2.52 11.80
C ALA E 295 -10.56 -1.46 12.71
N ASN E 296 -11.32 -1.90 13.72
CA ASN E 296 -11.82 -0.96 14.73
C ASN E 296 -10.86 -0.78 15.89
N MET E 297 -9.88 -1.67 16.04
CA MET E 297 -8.94 -1.52 17.14
C MET E 297 -7.93 -0.42 16.84
N TYR E 298 -7.67 -0.18 15.55
CA TYR E 298 -6.72 0.85 15.15
C TYR E 298 -7.25 2.25 15.46
N VAL E 299 -8.53 2.51 15.16
CA VAL E 299 -9.06 3.86 15.32
C VAL E 299 -9.11 4.25 16.79
N LEU E 300 -9.40 3.28 17.67
CA LEU E 300 -9.45 3.59 19.09
C LEU E 300 -8.10 4.02 19.63
N LEU E 301 -7.02 3.34 19.23
CA LEU E 301 -5.70 3.73 19.71
C LEU E 301 -5.22 5.04 19.09
N ARG E 302 -5.75 5.39 17.90
CA ARG E 302 -5.39 6.68 17.32
C ARG E 302 -5.95 7.82 18.13
N ALA E 303 -7.14 7.66 18.70
CA ALA E 303 -7.74 8.71 19.50
C ALA E 303 -6.88 9.02 20.73
N VAL E 304 -6.41 7.99 21.41
CA VAL E 304 -5.54 8.20 22.57
C VAL E 304 -4.13 8.48 22.08
N SER E 305 -3.37 9.20 22.92
CA SER E 305 -2.04 9.64 22.51
C SER E 305 -1.07 8.48 22.37
N THR E 306 -1.00 7.62 23.38
CA THR E 306 0.00 6.56 23.44
C THR E 306 -0.52 5.19 23.07
N GLY E 307 -1.76 5.10 22.57
CA GLY E 307 -2.31 3.79 22.25
C GLY E 307 -1.60 3.10 21.11
N LEU E 308 -1.36 3.82 20.02
CA LEU E 308 -0.79 3.20 18.83
C LEU E 308 0.60 2.61 19.02
N PRO E 309 1.59 3.35 19.56
CA PRO E 309 2.98 2.87 19.45
C PRO E 309 3.21 1.49 20.04
N HIS E 310 2.61 1.19 21.19
CA HIS E 310 2.84 -0.11 21.80
C HIS E 310 2.28 -1.24 20.94
N MET E 311 1.07 -1.06 20.43
CA MET E 311 0.50 -2.11 19.58
C MET E 311 1.21 -2.17 18.24
N ILE E 312 1.77 -1.06 17.78
CA ILE E 312 2.54 -1.06 16.54
C ILE E 312 3.73 -2.00 16.67
N GLN E 313 4.44 -1.92 17.78
CA GLN E 313 5.58 -2.80 18.01
C GLN E 313 5.14 -4.26 18.08
N GLU E 314 4.00 -4.51 18.69
CA GLU E 314 3.50 -5.88 18.81
C GLU E 314 3.26 -6.48 17.44
N LEU E 315 2.76 -5.67 16.49
CA LEU E 315 2.66 -6.13 15.12
C LEU E 315 4.03 -6.50 14.56
N GLN E 316 5.04 -5.67 14.86
CA GLN E 316 6.39 -5.95 14.38
C GLN E 316 6.90 -7.28 14.91
N ASN E 317 6.62 -7.58 16.18
CA ASN E 317 7.02 -8.87 16.73
C ASN E 317 6.31 -10.01 16.01
N HIS E 318 5.02 -9.84 15.71
CA HIS E 318 4.27 -10.89 15.04
C HIS E 318 4.81 -11.15 13.65
N ILE E 319 5.00 -10.09 12.85
CA ILE E 319 5.53 -10.29 11.51
C ILE E 319 6.95 -10.81 11.56
N HIS E 320 7.73 -10.40 12.57
CA HIS E 320 9.09 -10.92 12.72
C HIS E 320 9.08 -12.44 12.83
N ASP E 321 8.21 -12.98 13.67
CA ASP E 321 8.11 -14.43 13.80
C ASP E 321 7.39 -15.05 12.60
N GLU E 322 6.34 -14.39 12.11
CA GLU E 322 5.57 -14.94 11.01
C GLU E 322 6.42 -15.08 9.75
N GLY E 323 7.19 -14.05 9.42
CA GLY E 323 8.11 -14.14 8.31
C GLY E 323 9.21 -15.16 8.54
N LEU E 324 9.68 -15.28 9.79
CA LEU E 324 10.74 -16.22 10.09
C LEU E 324 10.31 -17.66 9.81
N ARG E 325 9.10 -18.02 10.24
CA ARG E 325 8.63 -19.38 10.02
C ARG E 325 8.53 -19.70 8.54
N ALA E 326 8.03 -18.75 7.75
CA ALA E 326 7.95 -18.95 6.31
C ALA E 326 9.31 -18.92 5.64
N THR E 327 10.37 -18.55 6.37
CA THR E 327 11.71 -18.41 5.80
C THR E 327 12.76 -19.20 6.56
N SER E 328 12.36 -20.26 7.27
CA SER E 328 13.30 -21.06 8.05
C SER E 328 13.46 -22.49 7.55
N ASN E 329 12.40 -23.09 7.03
CA ASN E 329 12.43 -24.48 6.58
C ASN E 329 12.72 -24.62 5.10
N LEU E 330 13.52 -23.71 4.53
CA LEU E 330 13.81 -23.76 3.10
C LEU E 330 14.61 -25.01 2.76
N THR E 331 14.24 -25.64 1.64
CA THR E 331 15.00 -26.78 1.15
C THR E 331 16.37 -26.33 0.68
N GLN E 332 17.41 -27.08 1.07
CA GLN E 332 18.76 -26.72 0.69
C GLN E 332 18.98 -26.79 -0.82
N GLU E 333 18.10 -27.47 -1.55
CA GLU E 333 18.26 -27.59 -3.00
C GLU E 333 17.78 -26.32 -3.71
N ASN E 334 16.50 -26.00 -3.56
CA ASN E 334 15.88 -24.87 -4.24
C ASN E 334 15.66 -23.70 -3.29
N MET E 335 16.62 -23.49 -2.39
CA MET E 335 16.52 -22.38 -1.44
C MET E 335 16.38 -21.02 -2.12
N PRO E 336 17.19 -20.65 -3.11
CA PRO E 336 17.12 -19.26 -3.62
C PRO E 336 15.75 -18.89 -4.19
N THR E 337 15.24 -19.68 -5.13
CA THR E 337 13.99 -19.30 -5.78
C THR E 337 12.84 -19.24 -4.78
N LEU E 338 12.79 -20.20 -3.86
CA LEU E 338 11.72 -20.21 -2.87
C LEU E 338 11.90 -19.16 -1.79
N PHE E 339 13.15 -18.82 -1.44
CA PHE E 339 13.37 -17.80 -0.43
C PHE E 339 12.79 -16.45 -0.85
N VAL E 340 12.99 -16.07 -2.11
CA VAL E 340 12.42 -14.83 -2.62
C VAL E 340 10.89 -14.90 -2.56
N GLU E 341 10.32 -16.01 -2.99
CA GLU E 341 8.87 -16.14 -2.98
C GLU E 341 8.33 -16.16 -1.56
N SER E 342 9.05 -16.78 -0.63
CA SER E 342 8.58 -16.90 0.74
C SER E 342 8.39 -15.52 1.37
N VAL E 343 9.37 -14.63 1.20
CA VAL E 343 9.24 -13.29 1.74
C VAL E 343 8.19 -12.50 1.00
N LEU E 344 8.12 -12.67 -0.33
CA LEU E 344 7.22 -11.85 -1.14
C LEU E 344 5.77 -12.01 -0.72
N GLU E 345 5.32 -13.26 -0.54
CA GLU E 345 3.95 -13.48 -0.09
C GLU E 345 3.75 -12.97 1.32
N VAL E 346 4.75 -13.15 2.19
CA VAL E 346 4.66 -12.61 3.55
C VAL E 346 4.52 -11.10 3.50
N HIS E 347 5.35 -10.45 2.68
CA HIS E 347 5.23 -9.00 2.51
C HIS E 347 3.92 -8.64 1.81
N GLY E 348 3.59 -9.35 0.73
CA GLY E 348 2.42 -8.99 -0.05
C GLY E 348 1.14 -9.09 0.75
N LYS E 349 1.02 -10.14 1.57
CA LYS E 349 -0.20 -10.31 2.36
C LYS E 349 -0.37 -9.18 3.37
N PHE E 350 0.69 -8.86 4.11
CA PHE E 350 0.55 -7.86 5.16
C PHE E 350 0.32 -6.47 4.59
N VAL E 351 0.85 -6.18 3.40
CA VAL E 351 0.64 -4.88 2.78
C VAL E 351 -0.85 -4.64 2.58
N GLN E 352 -1.54 -5.62 1.97
CA GLN E 352 -2.99 -5.49 1.81
C GLN E 352 -3.69 -5.48 3.16
N LEU E 353 -3.14 -6.18 4.14
CA LEU E 353 -3.70 -6.14 5.49
C LEU E 353 -3.64 -4.73 6.07
N ILE E 354 -2.49 -4.06 5.93
CA ILE E 354 -2.32 -2.75 6.55
C ILE E 354 -3.23 -1.73 5.88
N ASN E 355 -3.21 -1.70 4.55
CA ASN E 355 -4.00 -0.69 3.84
C ASN E 355 -5.49 -0.86 4.06
N THR E 356 -5.97 -2.09 4.03
CA THR E 356 -7.40 -2.33 4.17
C THR E 356 -7.82 -2.25 5.63
N VAL E 357 -7.28 -3.14 6.47
CA VAL E 357 -7.74 -3.24 7.85
C VAL E 357 -7.34 -2.02 8.66
N LEU E 358 -6.08 -1.60 8.53
CA LEU E 358 -5.52 -0.55 9.38
C LEU E 358 -5.48 0.81 8.68
N ASN E 359 -6.35 1.02 7.69
CA ASN E 359 -6.53 2.32 7.05
C ASN E 359 -5.26 2.82 6.37
N GLY E 360 -4.33 1.92 6.07
CA GLY E 360 -3.09 2.33 5.42
C GLY E 360 -2.25 3.27 6.26
N ASP E 361 -2.13 3.00 7.55
CA ASP E 361 -1.29 3.83 8.40
C ASP E 361 0.16 3.75 7.95
N GLN E 362 0.81 4.92 7.90
CA GLN E 362 2.20 4.96 7.46
C GLN E 362 3.13 4.30 8.47
N HIS E 363 2.84 4.41 9.77
CA HIS E 363 3.70 3.82 10.77
C HIS E 363 3.77 2.31 10.62
N PHE E 364 2.61 1.68 10.40
CA PHE E 364 2.59 0.23 10.22
C PHE E 364 3.38 -0.18 8.99
N MET E 365 3.25 0.56 7.90
CA MET E 365 4.08 0.31 6.74
C MET E 365 5.55 0.45 7.11
N SER E 366 5.89 1.49 7.87
CA SER E 366 7.26 1.61 8.37
C SER E 366 7.61 0.48 9.33
N ALA E 367 6.69 0.14 10.23
CA ALA E 367 6.96 -0.95 11.16
C ALA E 367 7.11 -2.29 10.44
N LEU E 368 6.44 -2.44 9.29
CA LEU E 368 6.59 -3.65 8.51
C LEU E 368 8.02 -3.82 8.03
N ASP E 369 8.59 -2.77 7.42
CA ASP E 369 9.93 -2.85 6.90
C ASP E 369 10.97 -2.96 8.01
N LYS E 370 10.64 -2.51 9.23
CA LYS E 370 11.56 -2.66 10.33
C LYS E 370 11.85 -4.12 10.65
N ALA E 371 10.87 -4.99 10.43
CA ALA E 371 11.03 -6.41 10.71
C ALA E 371 11.45 -7.21 9.48
N LEU E 372 10.91 -6.88 8.31
CA LEU E 372 11.28 -7.61 7.11
C LEU E 372 12.77 -7.48 6.82
N THR E 373 13.31 -6.28 7.00
CA THR E 373 14.75 -6.11 6.87
C THR E 373 15.50 -6.97 7.87
N SER E 374 15.03 -7.01 9.11
CA SER E 374 15.61 -7.91 10.10
C SER E 374 15.41 -9.38 9.73
N VAL E 375 14.39 -9.68 8.93
CA VAL E 375 14.13 -11.05 8.53
C VAL E 375 14.97 -11.44 7.32
N VAL E 376 14.95 -10.63 6.26
CA VAL E 376 15.68 -10.96 5.04
C VAL E 376 17.17 -11.03 5.32
N ASN E 377 17.69 -10.08 6.09
CA ASN E 377 19.11 -10.01 6.37
C ASN E 377 19.55 -10.97 7.48
N TYR E 378 18.63 -11.71 8.08
CA TYR E 378 19.00 -12.64 9.13
C TYR E 378 19.82 -13.80 8.56
N ARG E 379 20.82 -14.21 9.33
CA ARG E 379 21.74 -15.26 8.91
C ARG E 379 21.30 -16.61 9.49
N GLU E 380 20.15 -17.06 9.02
CA GLU E 380 19.61 -18.33 9.50
C GLU E 380 20.50 -19.52 9.14
N PRO E 381 20.96 -19.71 7.91
CA PRO E 381 21.79 -20.88 7.61
C PRO E 381 23.15 -20.79 8.31
N LYS E 382 23.81 -21.94 8.39
CA LYS E 382 25.12 -22.00 9.02
C LYS E 382 26.13 -21.12 8.30
N SER E 383 25.97 -20.93 6.99
CA SER E 383 26.83 -20.03 6.26
C SER E 383 26.63 -18.60 6.75
N VAL E 384 27.73 -17.87 6.90
CA VAL E 384 27.68 -16.52 7.46
C VAL E 384 27.19 -15.54 6.40
N CYS E 385 26.12 -14.82 6.73
CA CYS E 385 25.57 -13.78 5.85
C CYS E 385 25.31 -14.30 4.45
N LYS E 386 24.76 -15.52 4.36
CA LYS E 386 24.48 -16.12 3.07
C LYS E 386 23.25 -15.53 2.39
N ALA E 387 22.50 -14.67 3.08
CA ALA E 387 21.26 -14.15 2.53
C ALA E 387 21.45 -13.41 1.22
N PRO E 388 22.37 -12.44 1.09
CA PRO E 388 22.58 -11.83 -0.24
C PRO E 388 23.05 -12.83 -1.27
N GLU E 389 23.89 -13.80 -0.87
CA GLU E 389 24.37 -14.79 -1.81
C GLU E 389 23.22 -15.63 -2.37
N LEU E 390 22.39 -16.19 -1.49
CA LEU E 390 21.26 -16.97 -1.96
C LEU E 390 20.26 -16.10 -2.70
N LEU E 391 20.15 -14.83 -2.30
CA LEU E 391 19.34 -13.90 -3.07
C LEU E 391 19.92 -13.69 -4.46
N ALA E 392 21.25 -13.66 -4.56
CA ALA E 392 21.87 -13.48 -5.86
C ALA E 392 21.53 -14.61 -6.82
N LYS E 393 21.61 -15.87 -6.36
CA LYS E 393 21.39 -17.01 -7.23
C LYS E 393 20.02 -16.99 -7.88
N TYR E 394 19.05 -16.31 -7.27
CA TYR E 394 17.73 -16.18 -7.87
C TYR E 394 17.80 -15.48 -9.22
N CYS E 395 18.78 -14.60 -9.39
CA CYS E 395 18.92 -13.88 -10.65
C CYS E 395 19.19 -14.84 -11.81
N ASP E 396 20.09 -15.80 -11.60
CA ASP E 396 20.45 -16.72 -12.68
C ASP E 396 19.23 -17.52 -13.13
N ASN E 397 18.42 -17.98 -12.18
CA ASN E 397 17.23 -18.75 -12.53
C ASN E 397 16.31 -17.95 -13.45
N LEU E 398 16.28 -16.64 -13.28
CA LEU E 398 15.48 -15.79 -14.16
C LEU E 398 16.30 -15.16 -15.28
N LEU E 399 17.60 -15.42 -15.34
CA LEU E 399 18.46 -14.82 -16.35
C LEU E 399 19.19 -15.84 -17.21
N LYS E 400 19.07 -17.13 -16.90
CA LYS E 400 19.75 -18.17 -17.65
C LYS E 400 18.85 -18.68 -18.76
N LYS E 401 19.37 -18.75 -19.97
CA LYS E 401 18.61 -19.30 -21.09
C LYS E 401 18.45 -20.79 -20.92
N SER E 402 17.27 -21.22 -20.49
CA SER E 402 16.95 -22.63 -20.34
C SER E 402 16.18 -23.12 -21.57
N ALA E 403 16.35 -24.41 -21.88
CA ALA E 403 15.63 -24.99 -23.00
C ALA E 403 14.13 -24.88 -22.76
N LYS E 404 13.41 -24.40 -23.77
CA LYS E 404 11.99 -24.07 -23.64
C LYS E 404 11.77 -23.14 -22.46
N GLY E 405 12.61 -22.12 -22.36
CA GLY E 405 12.54 -21.21 -21.23
C GLY E 405 11.23 -20.44 -21.19
N MET E 406 10.79 -20.16 -19.97
CA MET E 406 9.54 -19.46 -19.76
C MET E 406 9.66 -18.00 -20.21
N THR E 407 8.50 -17.38 -20.41
CA THR E 407 8.42 -16.12 -21.16
C THR E 407 9.25 -15.02 -20.50
N GLU E 408 10.00 -14.30 -21.33
CA GLU E 408 10.78 -13.16 -20.84
C GLU E 408 9.88 -12.08 -20.29
N ASN E 409 8.72 -11.84 -20.92
CA ASN E 409 7.75 -10.92 -20.35
C ASN E 409 7.30 -11.38 -18.97
N GLU E 410 7.09 -12.70 -18.83
CA GLU E 410 6.77 -13.25 -17.52
C GLU E 410 7.94 -13.19 -16.57
N VAL E 411 9.17 -13.04 -17.08
CA VAL E 411 10.29 -12.72 -16.21
C VAL E 411 10.17 -11.30 -15.68
N GLU E 412 9.75 -10.37 -16.55
CA GLU E 412 9.85 -8.95 -16.25
C GLU E 412 9.12 -8.58 -14.96
N ASP E 413 7.86 -8.99 -14.83
CA ASP E 413 7.13 -8.70 -13.61
C ASP E 413 7.74 -9.39 -12.41
N ARG E 414 8.28 -10.59 -12.61
CA ARG E 414 9.00 -11.27 -11.53
C ARG E 414 10.18 -10.43 -11.07
N LEU E 415 10.91 -9.85 -12.02
CA LEU E 415 12.04 -8.99 -11.67
C LEU E 415 11.58 -7.79 -10.87
N THR E 416 10.45 -7.18 -11.28
CA THR E 416 9.91 -6.06 -10.51
C THR E 416 9.57 -6.49 -9.10
N SER E 417 8.95 -7.66 -8.95
CA SER E 417 8.67 -8.19 -7.62
C SER E 417 9.97 -8.48 -6.87
N PHE E 418 11.02 -8.84 -7.60
CA PHE E 418 12.31 -9.10 -6.96
C PHE E 418 12.88 -7.84 -6.33
N ILE E 419 12.67 -6.69 -6.98
CA ILE E 419 13.21 -5.43 -6.48
C ILE E 419 12.70 -5.13 -5.07
N THR E 420 11.47 -5.54 -4.77
CA THR E 420 10.90 -5.25 -3.46
C THR E 420 11.74 -5.89 -2.35
N VAL E 421 12.15 -7.13 -2.54
CA VAL E 421 13.02 -7.77 -1.56
C VAL E 421 14.39 -7.12 -1.55
N PHE E 422 14.82 -6.61 -2.71
CA PHE E 422 16.17 -6.05 -2.82
C PHE E 422 16.40 -4.92 -1.82
N LYS E 423 15.37 -4.09 -1.60
CA LYS E 423 15.53 -2.97 -0.69
C LYS E 423 15.82 -3.41 0.74
N TYR E 424 15.42 -4.62 1.11
CA TYR E 424 15.55 -5.06 2.49
C TYR E 424 16.94 -5.57 2.83
N ILE E 425 17.83 -5.70 1.85
CA ILE E 425 19.16 -6.23 2.10
C ILE E 425 20.02 -5.17 2.77
N ASP E 426 20.88 -5.61 3.68
CA ASP E 426 21.74 -4.67 4.41
C ASP E 426 22.95 -4.26 3.58
N ASP E 427 23.82 -5.23 3.26
CA ASP E 427 25.07 -4.94 2.56
C ASP E 427 24.83 -5.11 1.06
N LYS E 428 24.10 -4.15 0.50
CA LYS E 428 23.75 -4.23 -0.92
C LYS E 428 24.99 -4.19 -1.81
N ASP E 429 26.09 -3.63 -1.34
CA ASP E 429 27.33 -3.67 -2.11
C ASP E 429 27.85 -5.09 -2.24
N VAL E 430 27.75 -5.88 -1.17
CA VAL E 430 28.23 -7.26 -1.21
C VAL E 430 27.44 -8.04 -2.24
N PHE E 431 26.14 -7.79 -2.33
CA PHE E 431 25.33 -8.39 -3.39
C PHE E 431 25.89 -8.07 -4.76
N GLN E 432 26.35 -6.85 -4.96
CA GLN E 432 26.88 -6.45 -6.26
C GLN E 432 28.11 -7.28 -6.64
N LYS E 433 29.02 -7.48 -5.69
CA LYS E 433 30.22 -8.27 -5.98
C LYS E 433 29.86 -9.70 -6.33
N PHE E 434 28.97 -10.31 -5.54
CA PHE E 434 28.53 -11.67 -5.85
C PHE E 434 27.81 -11.72 -7.18
N TYR E 435 26.96 -10.72 -7.45
CA TYR E 435 26.22 -10.69 -8.69
C TYR E 435 27.15 -10.53 -9.89
N ALA E 436 28.21 -9.73 -9.75
CA ALA E 436 29.09 -9.46 -10.87
C ALA E 436 29.79 -10.71 -11.36
N ARG E 437 30.47 -11.42 -10.46
CA ARG E 437 31.16 -12.64 -10.86
C ARG E 437 30.18 -13.67 -11.38
N MET E 438 29.05 -13.81 -10.70
CA MET E 438 28.01 -14.72 -11.16
C MET E 438 27.48 -14.30 -12.52
N LEU E 439 27.35 -12.99 -12.75
CA LEU E 439 26.98 -12.51 -14.08
C LEU E 439 28.13 -12.73 -15.06
N ALA E 440 29.37 -12.67 -14.58
CA ALA E 440 30.51 -12.84 -15.48
C ALA E 440 30.46 -14.19 -16.17
N LYS E 441 30.15 -15.24 -15.42
CA LYS E 441 29.99 -16.57 -16.03
C LYS E 441 28.85 -16.58 -17.03
N ARG E 442 27.74 -15.93 -16.69
CA ARG E 442 26.55 -16.01 -17.53
C ARG E 442 26.75 -15.42 -18.91
N LEU E 443 27.57 -14.38 -19.05
CA LEU E 443 27.77 -13.75 -20.35
C LEU E 443 28.92 -14.36 -21.13
N ILE E 444 30.00 -14.74 -20.45
CA ILE E 444 31.17 -15.25 -21.16
C ILE E 444 30.84 -16.52 -21.90
N HIS E 445 29.82 -17.26 -21.46
CA HIS E 445 29.37 -18.45 -22.16
C HIS E 445 28.03 -18.27 -22.86
N GLY E 446 27.54 -17.03 -22.93
CA GLY E 446 26.26 -16.78 -23.56
C GLY E 446 25.08 -17.39 -22.85
N LEU E 447 25.20 -17.64 -21.55
CA LEU E 447 24.13 -18.34 -20.82
C LEU E 447 22.89 -17.48 -20.70
N SER E 448 23.04 -16.16 -20.69
CA SER E 448 21.88 -15.29 -20.66
C SER E 448 21.11 -15.40 -21.97
N MET E 449 19.77 -15.38 -21.86
CA MET E 449 18.94 -15.53 -23.05
C MET E 449 19.10 -14.33 -23.99
N SER E 450 19.25 -13.13 -23.44
CA SER E 450 19.35 -11.95 -24.27
C SER E 450 20.02 -10.83 -23.49
N MET E 451 20.69 -9.95 -24.23
CA MET E 451 21.28 -8.77 -23.62
C MET E 451 20.21 -7.88 -23.01
N ASP E 452 19.07 -7.75 -23.68
CA ASP E 452 18.03 -6.84 -23.24
C ASP E 452 17.52 -7.23 -21.86
N SER E 453 17.33 -8.53 -21.62
CA SER E 453 16.88 -8.98 -20.30
C SER E 453 17.88 -8.59 -19.23
N GLU E 454 19.17 -8.79 -19.49
CA GLU E 454 20.18 -8.35 -18.55
C GLU E 454 20.19 -6.84 -18.42
N GLU E 455 20.01 -6.13 -19.54
CA GLU E 455 20.02 -4.66 -19.49
C GLU E 455 18.90 -4.13 -18.60
N ALA E 456 17.78 -4.85 -18.53
CA ALA E 456 16.71 -4.44 -17.62
C ALA E 456 17.18 -4.45 -16.17
N MET E 457 17.92 -5.49 -15.78
CA MET E 457 18.50 -5.52 -14.45
C MET E 457 19.47 -4.38 -14.24
N ILE E 458 20.29 -4.09 -15.26
CA ILE E 458 21.28 -3.03 -15.13
C ILE E 458 20.60 -1.69 -14.90
N ASN E 459 19.58 -1.38 -15.71
CA ASN E 459 18.88 -0.12 -15.55
C ASN E 459 18.15 -0.05 -14.22
N LYS E 460 17.48 -1.14 -13.83
CA LYS E 460 16.73 -1.14 -12.59
C LYS E 460 17.67 -0.95 -11.39
N LEU E 461 18.80 -1.63 -11.40
CA LEU E 461 19.76 -1.48 -10.30
C LEU E 461 20.28 -0.05 -10.23
N LYS E 462 20.61 0.55 -11.39
CA LYS E 462 21.07 1.93 -11.40
C LYS E 462 20.00 2.85 -10.84
N GLN E 463 18.75 2.65 -11.25
CA GLN E 463 17.66 3.40 -10.65
C GLN E 463 17.52 3.07 -9.17
N ALA E 464 17.88 1.85 -8.76
CA ALA E 464 17.75 1.47 -7.37
C ALA E 464 18.85 2.05 -6.50
N CYS E 465 20.08 2.12 -6.99
CA CYS E 465 21.18 2.56 -6.15
C CYS E 465 22.17 3.47 -6.86
N GLY E 466 21.75 4.18 -7.90
CA GLY E 466 22.59 5.17 -8.53
C GLY E 466 23.53 4.58 -9.56
N TYR E 467 24.15 5.49 -10.32
CA TYR E 467 25.08 5.08 -11.37
C TYR E 467 26.31 4.42 -10.80
N GLU E 468 26.84 4.94 -9.69
CA GLU E 468 28.11 4.44 -9.17
C GLU E 468 28.01 2.98 -8.75
N PHE E 469 26.91 2.60 -8.12
CA PHE E 469 26.72 1.21 -7.69
C PHE E 469 26.64 0.27 -8.88
N THR E 470 26.33 0.78 -10.06
CA THR E 470 26.17 -0.05 -11.26
C THR E 470 27.24 0.31 -12.30
N SER E 471 28.26 1.05 -11.88
CA SER E 471 29.29 1.49 -12.82
C SER E 471 30.04 0.32 -13.43
N LYS E 472 30.51 -0.61 -12.59
CA LYS E 472 31.20 -1.78 -13.11
C LYS E 472 30.28 -2.60 -14.01
N LEU E 473 29.04 -2.81 -13.56
CA LEU E 473 28.12 -3.64 -14.32
C LEU E 473 27.80 -3.03 -15.68
N HIS E 474 27.61 -1.71 -15.73
CA HIS E 474 27.25 -1.07 -16.98
C HIS E 474 28.35 -1.23 -18.03
N ARG E 475 29.59 -0.97 -17.63
CA ARG E 475 30.71 -1.22 -18.53
C ARG E 475 30.83 -2.70 -18.84
N MET E 476 30.49 -3.54 -17.88
CA MET E 476 30.51 -4.99 -18.11
C MET E 476 29.57 -5.35 -19.25
N TYR E 477 28.32 -4.90 -19.16
CA TYR E 477 27.34 -5.17 -20.20
C TYR E 477 27.77 -4.56 -21.52
N THR E 478 28.27 -3.32 -21.49
CA THR E 478 28.66 -2.65 -22.71
C THR E 478 29.84 -3.34 -23.37
N ASP E 479 30.73 -3.92 -22.58
CA ASP E 479 31.99 -4.44 -23.10
C ASP E 479 31.76 -5.47 -24.20
N MET E 480 30.87 -6.43 -23.96
CA MET E 480 30.65 -7.46 -24.98
C MET E 480 29.77 -6.97 -26.12
N SER E 481 28.88 -6.01 -25.85
CA SER E 481 28.00 -5.54 -26.91
C SER E 481 28.80 -4.94 -28.06
N VAL E 482 29.83 -4.14 -27.74
CA VAL E 482 30.72 -3.64 -28.78
C VAL E 482 31.63 -4.76 -29.26
N SER E 483 31.95 -5.72 -28.39
CA SER E 483 32.90 -6.77 -28.73
C SER E 483 32.45 -7.61 -29.91
N ALA E 484 31.15 -7.71 -30.15
CA ALA E 484 30.68 -8.47 -31.30
C ALA E 484 31.20 -7.88 -32.60
N ASP E 485 31.17 -6.55 -32.72
CA ASP E 485 31.70 -5.92 -33.93
C ASP E 485 33.20 -6.07 -34.04
N LEU E 486 33.92 -6.00 -32.91
CA LEU E 486 35.37 -6.09 -32.94
C LEU E 486 35.82 -7.41 -33.54
N ASN E 487 35.19 -8.52 -33.14
CA ASN E 487 35.53 -9.81 -33.72
C ASN E 487 35.22 -9.82 -35.22
N ASN E 488 34.06 -9.28 -35.60
CA ASN E 488 33.72 -9.18 -37.01
C ASN E 488 34.68 -8.25 -37.75
N LYS E 489 34.98 -7.09 -37.15
CA LYS E 489 35.86 -6.14 -37.81
C LYS E 489 37.28 -6.68 -37.92
N PHE E 490 37.70 -7.49 -36.95
CA PHE E 490 39.01 -8.12 -37.03
C PHE E 490 39.08 -9.06 -38.23
N ASN E 491 38.01 -9.79 -38.50
CA ASN E 491 37.99 -10.69 -39.65
C ASN E 491 38.16 -9.94 -40.96
N ASN E 492 37.62 -8.72 -41.03
CA ASN E 492 37.76 -7.91 -42.24
C ASN E 492 39.23 -7.61 -42.53
N PHE E 493 40.05 -7.52 -41.48
CA PHE E 493 41.47 -7.27 -41.67
C PHE E 493 42.13 -8.38 -42.47
N ILE E 494 41.81 -9.63 -42.17
CA ILE E 494 42.32 -10.73 -42.98
C ILE E 494 41.82 -10.60 -44.41
N LYS E 495 40.57 -10.20 -44.59
CA LYS E 495 40.06 -9.91 -45.93
C LYS E 495 40.76 -8.72 -46.54
N ASN E 496 41.03 -7.68 -45.73
CA ASN E 496 41.71 -6.49 -46.24
C ASN E 496 43.13 -6.82 -46.70
N GLN E 497 43.83 -7.66 -45.96
CA GLN E 497 45.19 -8.03 -46.33
C GLN E 497 45.19 -9.03 -47.48
N ASP E 502 46.51 -16.84 -43.50
CA ASP E 502 45.46 -17.79 -43.20
C ASP E 502 45.59 -18.34 -41.78
N LEU E 503 44.62 -18.02 -40.93
CA LEU E 503 44.62 -18.54 -39.58
C LEU E 503 44.46 -20.05 -39.56
N GLY E 504 43.57 -20.58 -40.40
CA GLY E 504 43.35 -22.01 -40.49
C GLY E 504 42.38 -22.56 -39.47
N ILE E 505 41.99 -21.78 -38.46
CA ILE E 505 41.08 -22.24 -37.43
C ILE E 505 39.97 -21.20 -37.27
N SER E 506 38.85 -21.65 -36.71
CA SER E 506 37.76 -20.75 -36.38
C SER E 506 38.09 -20.04 -35.08
N PHE E 507 38.22 -18.72 -35.14
CA PHE E 507 38.70 -17.93 -34.01
C PHE E 507 37.65 -16.89 -33.61
N GLN E 508 37.40 -16.80 -32.32
CA GLN E 508 36.58 -15.74 -31.74
C GLN E 508 37.36 -15.09 -30.61
N ILE E 509 37.02 -13.84 -30.31
CA ILE E 509 37.75 -13.10 -29.29
C ILE E 509 36.82 -12.09 -28.66
N TYR E 510 36.95 -11.92 -27.34
CA TYR E 510 36.31 -10.84 -26.61
C TYR E 510 37.39 -9.99 -25.97
N VAL E 511 37.28 -8.68 -26.15
CA VAL E 511 38.17 -7.73 -25.49
C VAL E 511 37.52 -7.29 -24.19
N LEU E 512 38.24 -7.43 -23.09
CA LEU E 512 37.68 -7.21 -21.76
C LEU E 512 38.32 -5.99 -21.11
N GLN E 513 37.48 -5.08 -20.63
CA GLN E 513 37.93 -3.87 -19.97
C GLN E 513 38.42 -4.22 -18.57
N ALA E 514 39.73 -4.15 -18.36
CA ALA E 514 40.32 -4.66 -17.12
C ALA E 514 39.83 -3.93 -15.88
N GLY E 515 39.23 -2.77 -16.03
CA GLY E 515 38.78 -2.03 -14.86
C GLY E 515 37.51 -2.58 -14.24
N ALA E 516 36.80 -3.43 -14.96
CA ALA E 516 35.51 -3.93 -14.50
C ALA E 516 35.44 -5.44 -14.35
N TRP E 517 36.09 -6.19 -15.22
CA TRP E 517 36.00 -7.65 -15.16
C TRP E 517 36.67 -8.16 -13.89
N PRO E 518 35.94 -8.87 -13.04
CA PRO E 518 36.53 -9.38 -11.79
C PRO E 518 37.43 -10.59 -12.03
N LEU E 519 38.52 -10.37 -12.77
CA LEU E 519 39.45 -11.42 -13.14
C LEU E 519 40.87 -11.03 -12.75
N THR E 520 41.05 -10.62 -11.50
CA THR E 520 42.34 -10.16 -11.01
C THR E 520 43.38 -11.27 -10.92
N GLN E 521 43.08 -12.50 -11.33
CA GLN E 521 44.08 -13.57 -11.29
C GLN E 521 45.09 -13.39 -12.40
N ALA E 522 46.14 -12.61 -12.13
CA ALA E 522 47.19 -12.41 -13.13
C ALA E 522 47.91 -13.73 -13.39
N PRO E 523 48.37 -13.96 -14.62
CA PRO E 523 49.04 -15.24 -14.92
C PRO E 523 50.41 -15.33 -14.28
N SER E 524 50.53 -16.14 -13.24
CA SER E 524 51.83 -16.33 -12.58
C SER E 524 52.78 -17.12 -13.48
N SER E 525 52.29 -18.23 -14.05
CA SER E 525 53.10 -19.03 -14.95
C SER E 525 53.03 -18.47 -16.36
N THR E 526 54.18 -18.40 -17.02
CA THR E 526 54.28 -17.84 -18.37
C THR E 526 53.91 -18.93 -19.36
N PHE E 527 52.68 -18.88 -19.86
CA PHE E 527 52.21 -19.90 -20.80
C PHE E 527 52.93 -19.78 -22.13
N ALA E 528 53.18 -20.93 -22.75
CA ALA E 528 53.76 -20.99 -24.08
C ALA E 528 52.63 -21.20 -25.08
N ILE E 529 52.34 -20.18 -25.86
CA ILE E 529 51.23 -20.26 -26.81
C ILE E 529 51.57 -21.29 -27.89
N PRO E 530 50.67 -22.23 -28.19
CA PRO E 530 50.96 -23.20 -29.25
C PRO E 530 51.10 -22.50 -30.60
N GLN E 531 51.96 -23.07 -31.44
CA GLN E 531 52.20 -22.49 -32.76
C GLN E 531 50.91 -22.37 -33.56
N GLU E 532 50.03 -23.36 -33.42
CA GLU E 532 48.73 -23.28 -34.09
C GLU E 532 47.92 -22.10 -33.60
N LEU E 533 48.07 -21.74 -32.34
CA LEU E 533 47.41 -20.57 -31.78
C LEU E 533 48.28 -19.31 -31.84
N GLU E 534 49.60 -19.47 -31.96
CA GLU E 534 50.49 -18.32 -31.88
C GLU E 534 50.31 -17.38 -33.05
N LYS E 535 50.04 -17.91 -34.24
CA LYS E 535 49.85 -17.05 -35.41
C LYS E 535 48.66 -16.13 -35.22
N SER E 536 47.54 -16.66 -34.72
CA SER E 536 46.38 -15.83 -34.48
C SER E 536 46.68 -14.77 -33.43
N VAL E 537 47.44 -15.13 -32.40
CA VAL E 537 47.88 -14.16 -31.40
C VAL E 537 48.68 -13.06 -32.05
N GLN E 538 49.62 -13.43 -32.93
CA GLN E 538 50.42 -12.43 -33.63
C GLN E 538 49.54 -11.54 -34.50
N MET E 539 48.59 -12.13 -35.22
CA MET E 539 47.77 -11.36 -36.13
C MET E 539 46.90 -10.35 -35.39
N PHE E 540 46.31 -10.76 -34.27
CA PHE E 540 45.40 -9.88 -33.56
C PHE E 540 46.13 -8.75 -32.84
N GLU E 541 47.24 -9.06 -32.17
CA GLU E 541 47.97 -8.04 -31.43
C GLU E 541 48.47 -6.94 -32.34
N LEU E 542 49.02 -7.32 -33.50
CA LEU E 542 49.41 -6.31 -34.48
C LEU E 542 48.19 -5.53 -34.95
N PHE E 543 47.08 -6.22 -35.19
CA PHE E 543 45.86 -5.54 -35.61
C PHE E 543 45.31 -4.61 -34.53
N TYR E 544 45.35 -5.05 -33.27
CA TYR E 544 44.71 -4.27 -32.21
C TYR E 544 45.33 -2.88 -32.10
N SER E 545 46.66 -2.82 -32.19
CA SER E 545 47.34 -1.52 -32.16
C SER E 545 46.98 -0.66 -33.36
N GLN E 546 46.66 -1.29 -34.49
CA GLN E 546 46.39 -0.53 -35.72
C GLN E 546 45.19 0.38 -35.54
N HIS E 547 44.05 -0.19 -35.12
CA HIS E 547 42.85 0.60 -34.91
C HIS E 547 42.73 1.15 -33.51
N PHE E 548 43.61 0.75 -32.59
CA PHE E 548 43.51 1.14 -31.19
C PHE E 548 44.93 1.24 -30.64
N SER E 549 45.51 2.43 -30.72
CA SER E 549 46.90 2.65 -30.34
C SER E 549 47.01 3.12 -28.89
N GLY E 550 48.24 3.14 -28.40
CA GLY E 550 48.52 3.56 -27.04
C GLY E 550 48.03 2.61 -25.97
N ARG E 551 47.81 1.35 -26.30
CA ARG E 551 47.15 0.40 -25.42
C ARG E 551 48.08 -0.77 -25.09
N LYS E 552 47.61 -1.64 -24.20
CA LYS E 552 48.32 -2.85 -23.83
C LYS E 552 47.33 -4.00 -23.69
N LEU E 553 47.66 -5.14 -24.27
CA LEU E 553 46.80 -6.32 -24.19
C LEU E 553 47.42 -7.38 -23.30
N THR E 554 46.56 -8.20 -22.69
CA THR E 554 47.02 -9.25 -21.80
C THR E 554 46.02 -10.40 -21.85
N TRP E 555 46.49 -11.57 -22.24
CA TRP E 555 45.62 -12.73 -22.42
C TRP E 555 45.47 -13.50 -21.11
N LEU E 556 44.24 -13.92 -20.82
CA LEU E 556 44.00 -14.91 -19.77
C LEU E 556 43.69 -16.22 -20.49
N HIS E 557 44.75 -16.95 -20.82
CA HIS E 557 44.59 -18.17 -21.61
C HIS E 557 43.73 -19.19 -20.88
N TYR E 558 43.91 -19.32 -19.56
CA TYR E 558 43.21 -20.35 -18.80
C TYR E 558 41.70 -20.20 -18.89
N LEU E 559 41.20 -19.02 -19.21
CA LEU E 559 39.77 -18.85 -19.41
C LEU E 559 39.37 -18.98 -20.88
N CYS E 560 40.33 -18.94 -21.80
CA CYS E 560 40.01 -19.11 -23.20
C CYS E 560 39.54 -20.53 -23.47
N THR E 561 38.55 -20.67 -24.34
CA THR E 561 37.93 -21.96 -24.62
C THR E 561 37.98 -22.25 -26.11
N GLY E 562 38.13 -23.53 -26.44
CA GLY E 562 38.22 -23.92 -27.84
C GLY E 562 37.75 -25.34 -28.06
N GLU E 563 37.49 -25.64 -29.33
CA GLU E 563 37.03 -26.96 -29.75
C GLU E 563 38.16 -27.68 -30.49
N VAL E 564 38.35 -28.94 -30.16
CA VAL E 564 39.45 -29.75 -30.66
C VAL E 564 38.91 -30.98 -31.35
N LYS E 565 39.32 -31.20 -32.59
CA LYS E 565 38.93 -32.37 -33.37
C LYS E 565 40.14 -33.27 -33.59
N MET E 566 40.03 -34.52 -33.13
CA MET E 566 41.04 -35.55 -33.33
C MET E 566 40.58 -36.56 -34.38
N ASN E 567 41.49 -36.88 -35.30
CA ASN E 567 41.23 -37.87 -36.33
C ASN E 567 41.90 -39.21 -36.07
N TYR E 568 42.66 -39.34 -34.99
CA TYR E 568 43.34 -40.61 -34.71
C TYR E 568 42.37 -41.71 -34.30
N LEU E 569 41.26 -41.37 -33.67
CA LEU E 569 40.27 -42.35 -33.27
C LEU E 569 39.51 -42.86 -34.49
N GLY E 570 38.75 -43.94 -34.29
CA GLY E 570 37.94 -44.47 -35.36
C GLY E 570 36.84 -43.55 -35.83
N LYS E 571 36.42 -42.61 -34.98
CA LYS E 571 35.41 -41.64 -35.31
C LYS E 571 35.89 -40.23 -34.97
N PRO E 572 35.46 -39.23 -35.71
CA PRO E 572 35.82 -37.84 -35.37
C PRO E 572 35.04 -37.37 -34.15
N TYR E 573 35.75 -37.12 -33.06
CA TYR E 573 35.16 -36.69 -31.81
C TYR E 573 35.54 -35.24 -31.53
N VAL E 574 34.53 -34.42 -31.22
CA VAL E 574 34.71 -33.01 -30.92
C VAL E 574 34.24 -32.76 -29.50
N ALA E 575 35.13 -32.25 -28.66
CA ALA E 575 34.82 -31.91 -27.28
C ALA E 575 35.46 -30.57 -26.92
N MET E 576 34.74 -29.75 -26.17
CA MET E 576 35.24 -28.45 -25.76
C MET E 576 36.35 -28.63 -24.72
N VAL E 577 37.44 -27.88 -24.89
CA VAL E 577 38.59 -27.97 -24.01
C VAL E 577 39.17 -26.58 -23.79
N THR E 578 39.95 -26.45 -22.72
CA THR E 578 40.59 -25.19 -22.38
C THR E 578 41.92 -25.04 -23.11
N THR E 579 42.51 -23.85 -22.99
CA THR E 579 43.79 -23.57 -23.62
C THR E 579 44.89 -24.48 -23.09
N TYR E 580 44.94 -24.63 -21.75
CA TYR E 580 45.92 -25.54 -21.17
C TYR E 580 45.68 -26.96 -21.63
N GLN E 581 44.41 -27.35 -21.76
CA GLN E 581 44.09 -28.68 -22.24
C GLN E 581 44.57 -28.89 -23.67
N MET E 582 44.41 -27.88 -24.54
CA MET E 582 44.88 -28.02 -25.91
C MET E 582 46.40 -28.19 -25.97
N ALA E 583 47.12 -27.41 -25.16
CA ALA E 583 48.58 -27.48 -25.19
C ALA E 583 49.07 -28.87 -24.82
N VAL E 584 48.46 -29.49 -23.80
CA VAL E 584 48.86 -30.83 -23.40
C VAL E 584 48.59 -31.83 -24.51
N LEU E 585 47.39 -31.77 -25.10
CA LEU E 585 47.02 -32.76 -26.11
C LEU E 585 47.80 -32.56 -27.41
N LEU E 586 48.17 -31.32 -27.74
CA LEU E 586 48.95 -31.08 -28.95
C LEU E 586 50.29 -31.77 -28.93
N ALA E 587 50.84 -32.05 -27.74
CA ALA E 587 52.07 -32.83 -27.64
C ALA E 587 51.88 -34.28 -28.05
N PHE E 588 50.64 -34.74 -28.20
CA PHE E 588 50.38 -36.11 -28.62
C PHE E 588 50.13 -36.24 -30.11
N ASN E 589 50.03 -35.13 -30.85
CA ASN E 589 49.85 -35.22 -32.29
C ASN E 589 51.12 -35.62 -33.01
N ASN E 590 52.28 -35.54 -32.34
CA ASN E 590 53.54 -35.99 -32.90
C ASN E 590 54.09 -37.23 -32.20
N SER E 591 53.82 -37.41 -30.92
CA SER E 591 54.29 -38.57 -30.17
C SER E 591 53.14 -39.12 -29.35
N GLU E 592 52.85 -40.41 -29.52
CA GLU E 592 51.70 -41.01 -28.86
C GLU E 592 51.90 -41.14 -27.35
N THR E 593 53.12 -40.96 -26.85
CA THR E 593 53.40 -41.01 -25.43
C THR E 593 54.31 -39.85 -25.06
N VAL E 594 53.92 -39.10 -24.02
CA VAL E 594 54.66 -37.95 -23.56
C VAL E 594 54.86 -38.06 -22.05
N SER E 595 56.07 -37.81 -21.59
CA SER E 595 56.35 -37.78 -20.16
C SER E 595 55.88 -36.47 -19.54
N TYR E 596 55.84 -36.44 -18.21
CA TYR E 596 55.40 -35.24 -17.51
C TYR E 596 56.36 -34.08 -17.74
N LYS E 597 57.66 -34.35 -17.73
CA LYS E 597 58.64 -33.28 -17.88
C LYS E 597 58.54 -32.63 -19.25
N GLU E 598 58.31 -33.43 -20.29
CA GLU E 598 58.17 -32.88 -21.64
C GLU E 598 56.99 -31.92 -21.71
N LEU E 599 55.86 -32.30 -21.10
CA LEU E 599 54.71 -31.40 -21.05
C LEU E 599 55.05 -30.14 -20.27
N GLN E 600 55.76 -30.27 -19.16
CA GLN E 600 56.15 -29.10 -18.39
C GLN E 600 57.08 -28.20 -19.19
N ASP E 601 58.00 -28.79 -19.94
CA ASP E 601 58.88 -28.00 -20.79
C ASP E 601 58.11 -27.31 -21.90
N SER E 602 57.15 -28.01 -22.51
CA SER E 602 56.41 -27.45 -23.63
C SER E 602 55.43 -26.38 -23.18
N THR E 603 54.74 -26.61 -22.06
CA THR E 603 53.68 -25.71 -21.64
C THR E 603 54.12 -24.67 -20.62
N GLN E 604 55.20 -24.92 -19.90
CA GLN E 604 55.71 -24.00 -18.87
C GLN E 604 54.68 -23.77 -17.77
N MET E 605 53.82 -24.75 -17.53
CA MET E 605 52.85 -24.68 -16.46
C MET E 605 53.47 -25.06 -15.12
N ASN E 606 52.90 -24.52 -14.06
CA ASN E 606 53.26 -24.96 -12.72
C ASN E 606 52.72 -26.36 -12.47
N GLU E 607 53.33 -27.05 -11.51
CA GLU E 607 52.96 -28.44 -11.25
C GLU E 607 51.52 -28.56 -10.78
N LYS E 608 51.06 -27.61 -9.96
CA LYS E 608 49.73 -27.74 -9.35
C LYS E 608 48.63 -27.74 -10.39
N GLU E 609 48.62 -26.73 -11.26
CA GLU E 609 47.54 -26.62 -12.24
C GLU E 609 47.71 -27.59 -13.40
N LEU E 610 48.96 -27.80 -13.83
CA LEU E 610 49.19 -28.74 -14.93
C LEU E 610 48.73 -30.14 -14.56
N THR E 611 49.09 -30.60 -13.36
CA THR E 611 48.59 -31.89 -12.90
C THR E 611 47.07 -31.89 -12.80
N LYS E 612 46.50 -30.79 -12.30
CA LYS E 612 45.05 -30.66 -12.30
C LYS E 612 44.48 -30.71 -13.71
N THR E 613 45.14 -30.03 -14.65
CA THR E 613 44.74 -30.14 -16.04
C THR E 613 44.93 -31.56 -16.56
N ILE E 614 46.06 -32.19 -16.22
CA ILE E 614 46.30 -33.56 -16.64
C ILE E 614 45.29 -34.50 -15.99
N LYS E 615 44.94 -34.24 -14.73
CA LYS E 615 43.96 -35.08 -14.05
C LYS E 615 42.62 -35.07 -14.77
N SER E 616 42.20 -33.91 -15.26
CA SER E 616 40.94 -33.82 -15.99
C SER E 616 40.97 -34.69 -17.25
N LEU E 617 42.08 -34.67 -17.99
CA LEU E 617 42.18 -35.50 -19.18
C LEU E 617 42.15 -36.97 -18.84
N LEU E 618 42.86 -37.37 -17.78
CA LEU E 618 42.84 -38.75 -17.35
C LEU E 618 41.45 -39.15 -16.84
N ASP E 619 40.78 -38.25 -16.13
CA ASP E 619 39.42 -38.54 -15.66
C ASP E 619 38.47 -38.77 -16.82
N VAL E 620 38.58 -37.95 -17.87
CA VAL E 620 37.80 -38.16 -19.08
C VAL E 620 38.37 -39.25 -19.96
N LYS E 621 39.53 -39.81 -19.56
CA LYS E 621 40.21 -40.88 -20.29
C LYS E 621 40.67 -40.43 -21.67
N MET E 622 40.99 -39.13 -21.81
CA MET E 622 41.64 -38.66 -23.02
C MET E 622 43.04 -39.22 -23.15
N ILE E 623 43.75 -39.41 -22.03
CA ILE E 623 45.08 -39.98 -22.03
C ILE E 623 45.09 -41.15 -21.07
N ASN E 624 46.14 -41.97 -21.18
CA ASN E 624 46.36 -43.11 -20.30
C ASN E 624 47.65 -42.88 -19.54
N HIS E 625 47.57 -42.90 -18.21
CA HIS E 625 48.74 -42.69 -17.38
C HIS E 625 49.57 -43.97 -17.38
N ASP E 626 50.81 -43.86 -17.83
CA ASP E 626 51.67 -45.02 -18.01
C ASP E 626 52.39 -45.43 -16.72
N SER E 627 52.21 -44.67 -15.64
CA SER E 627 52.80 -45.02 -14.36
C SER E 627 51.73 -45.67 -13.48
N GLU E 628 52.12 -46.76 -12.80
CA GLU E 628 51.17 -47.50 -11.98
C GLU E 628 50.63 -46.69 -10.82
N LYS E 629 51.41 -45.76 -10.28
CA LYS E 629 50.94 -44.93 -9.20
C LYS E 629 49.81 -44.03 -9.66
N GLU E 630 48.75 -43.95 -8.85
CA GLU E 630 47.66 -43.02 -9.16
C GLU E 630 48.09 -41.57 -8.99
N ASP E 631 49.18 -41.33 -8.27
CA ASP E 631 49.72 -39.98 -8.11
C ASP E 631 50.68 -39.66 -9.25
N ILE E 632 50.56 -38.47 -9.80
CA ILE E 632 51.38 -38.03 -10.91
C ILE E 632 52.61 -37.30 -10.38
N ASP E 633 53.78 -37.70 -10.86
CA ASP E 633 55.04 -37.11 -10.48
C ASP E 633 55.70 -36.45 -11.69
N ALA E 634 56.89 -35.88 -11.47
CA ALA E 634 57.62 -35.25 -12.56
C ALA E 634 58.04 -36.26 -13.63
N GLU E 635 58.18 -37.53 -13.27
CA GLU E 635 58.58 -38.57 -14.19
C GLU E 635 57.39 -39.31 -14.80
N SER E 636 56.17 -38.88 -14.49
CA SER E 636 54.99 -39.57 -15.01
C SER E 636 54.95 -39.49 -16.53
N SER E 637 54.69 -40.63 -17.17
CA SER E 637 54.55 -40.70 -18.61
C SER E 637 53.10 -40.97 -18.96
N PHE E 638 52.62 -40.35 -20.03
CA PHE E 638 51.23 -40.43 -20.43
C PHE E 638 51.15 -40.82 -21.90
N SER E 639 50.20 -41.71 -22.20
CA SER E 639 49.98 -42.17 -23.57
C SER E 639 48.59 -41.77 -24.02
N LEU E 640 48.45 -41.56 -25.33
CA LEU E 640 47.16 -41.21 -25.91
C LEU E 640 46.20 -42.38 -25.75
N ASN E 641 44.91 -42.07 -25.83
CA ASN E 641 43.87 -43.08 -25.69
C ASN E 641 43.30 -43.38 -27.08
N MET E 642 43.95 -44.31 -27.79
CA MET E 642 43.52 -44.64 -29.15
C MET E 642 42.19 -45.38 -29.19
N ASN E 643 41.70 -45.87 -28.06
CA ASN E 643 40.47 -46.66 -28.02
C ASN E 643 39.34 -45.95 -27.29
N PHE E 644 39.45 -44.63 -27.11
CA PHE E 644 38.38 -43.90 -26.44
C PHE E 644 37.14 -43.85 -27.31
N SER E 645 35.98 -43.97 -26.67
CA SER E 645 34.69 -43.82 -27.34
C SER E 645 33.74 -43.06 -26.43
N SER E 646 32.80 -42.35 -27.04
CA SER E 646 31.82 -41.58 -26.30
C SER E 646 30.41 -41.94 -26.72
N MET F 3 -41.16 44.30 -5.78
CA MET F 3 -39.89 44.65 -6.42
C MET F 3 -39.46 46.06 -6.06
N TYR F 4 -40.43 46.94 -5.82
CA TYR F 4 -40.17 48.33 -5.51
C TYR F 4 -40.83 48.71 -4.18
N VAL F 5 -40.54 49.93 -3.75
CA VAL F 5 -41.12 50.50 -2.54
C VAL F 5 -41.57 51.92 -2.83
N LYS F 6 -42.72 52.30 -2.28
CA LYS F 6 -43.29 53.62 -2.45
C LYS F 6 -43.09 54.43 -1.18
N LEU F 7 -42.69 55.69 -1.35
CA LEU F 7 -42.41 56.60 -0.26
C LEU F 7 -43.37 57.79 -0.37
N ILE F 8 -44.01 58.13 0.75
CA ILE F 8 -44.93 59.25 0.82
C ILE F 8 -44.27 60.34 1.67
N SER F 9 -44.22 61.55 1.13
CA SER F 9 -43.58 62.67 1.80
C SER F 9 -44.55 63.30 2.79
N SER F 10 -44.14 64.43 3.37
CA SER F 10 -45.02 65.14 4.28
C SER F 10 -46.26 65.67 3.58
N ASP F 11 -46.14 65.98 2.29
CA ASP F 11 -47.24 66.50 1.50
C ASP F 11 -47.95 65.42 0.68
N GLY F 12 -47.62 64.15 0.91
CA GLY F 12 -48.33 63.06 0.28
C GLY F 12 -47.85 62.65 -1.09
N HIS F 13 -46.75 63.22 -1.58
CA HIS F 13 -46.21 62.82 -2.88
C HIS F 13 -45.69 61.39 -2.82
N GLU F 14 -45.86 60.67 -3.93
CA GLU F 14 -45.48 59.26 -4.01
C GLU F 14 -44.24 59.12 -4.89
N PHE F 15 -43.19 58.53 -4.35
CA PHE F 15 -41.95 58.26 -5.07
C PHE F 15 -41.64 56.77 -4.95
N ILE F 16 -41.57 56.07 -6.08
CA ILE F 16 -41.39 54.62 -6.10
C ILE F 16 -39.98 54.31 -6.59
N VAL F 17 -39.24 53.56 -5.77
CA VAL F 17 -37.83 53.25 -6.06
C VAL F 17 -37.57 51.77 -5.86
N LYS F 18 -36.41 51.33 -6.34
CA LYS F 18 -36.03 49.94 -6.21
C LYS F 18 -35.66 49.61 -4.77
N ARG F 19 -35.61 48.30 -4.48
CA ARG F 19 -35.36 47.86 -3.11
C ARG F 19 -33.96 48.27 -2.63
N GLU F 20 -32.95 48.12 -3.49
CA GLU F 20 -31.59 48.42 -3.06
C GLU F 20 -31.42 49.90 -2.72
N HIS F 21 -32.20 50.77 -3.36
CA HIS F 21 -32.19 52.18 -2.97
C HIS F 21 -32.61 52.35 -1.53
N ALA F 22 -33.69 51.67 -1.12
CA ALA F 22 -34.08 51.68 0.29
C ALA F 22 -33.02 51.04 1.16
N LEU F 23 -32.39 49.96 0.67
CA LEU F 23 -31.37 49.26 1.44
C LEU F 23 -30.12 50.09 1.65
N THR F 24 -29.89 51.10 0.81
CA THR F 24 -28.72 51.95 0.98
C THR F 24 -28.78 52.70 2.31
N SER F 25 -29.97 53.17 2.69
CA SER F 25 -30.13 53.88 3.96
C SER F 25 -30.42 52.88 5.08
N GLY F 26 -29.63 52.93 6.14
CA GLY F 26 -29.83 52.03 7.26
C GLY F 26 -31.17 52.24 7.95
N THR F 27 -31.57 53.51 8.11
CA THR F 27 -32.84 53.80 8.76
C THR F 27 -34.02 53.27 7.94
N ILE F 28 -33.95 53.44 6.62
CA ILE F 28 -34.99 52.88 5.76
C ILE F 28 -34.95 51.36 5.83
N LYS F 29 -33.77 50.77 5.99
CA LYS F 29 -33.70 49.34 6.24
C LYS F 29 -34.45 48.98 7.51
N ALA F 30 -34.31 49.79 8.55
CA ALA F 30 -35.03 49.53 9.79
C ALA F 30 -36.54 49.60 9.58
N MET F 31 -37.03 50.63 8.89
CA MET F 31 -38.47 50.72 8.70
C MET F 31 -39.01 49.60 7.82
N LEU F 32 -38.28 49.23 6.76
CA LEU F 32 -38.74 48.11 5.96
C LEU F 32 -38.65 46.81 6.73
N SER F 33 -37.77 46.73 7.71
CA SER F 33 -37.70 45.57 8.60
C SER F 33 -38.80 45.56 9.64
N GLY F 34 -39.69 46.56 9.61
CA GLY F 34 -40.77 46.66 10.56
C GLY F 34 -41.69 45.45 10.51
N PRO F 35 -42.05 44.94 11.69
CA PRO F 35 -42.93 43.77 11.81
C PRO F 35 -44.37 44.09 11.43
N GLU F 42 -48.68 42.80 -1.21
CA GLU F 42 -48.74 43.93 -0.29
C GLU F 42 -47.62 44.93 -0.61
N THR F 43 -48.01 46.13 -1.02
CA THR F 43 -47.03 47.16 -1.35
C THR F 43 -46.32 47.65 -0.10
N ASN F 44 -45.00 47.71 -0.15
CA ASN F 44 -44.20 48.21 0.97
C ASN F 44 -44.18 49.74 0.88
N GLU F 45 -45.08 50.37 1.62
CA GLU F 45 -45.24 51.81 1.61
C GLU F 45 -44.67 52.40 2.90
N VAL F 46 -43.88 53.46 2.77
CA VAL F 46 -43.26 54.13 3.90
C VAL F 46 -43.53 55.62 3.81
N ASN F 47 -44.03 56.21 4.89
CA ASN F 47 -44.34 57.63 4.95
C ASN F 47 -43.20 58.37 5.63
N PHE F 48 -43.10 59.68 5.34
CA PHE F 48 -42.12 60.56 5.96
C PHE F 48 -42.83 61.86 6.33
N ARG F 49 -43.20 61.99 7.60
CA ARG F 49 -43.95 63.15 8.07
C ARG F 49 -43.10 64.42 8.09
N GLU F 50 -41.80 64.31 8.32
CA GLU F 50 -40.94 65.48 8.43
C GLU F 50 -40.20 65.79 7.14
N ILE F 51 -40.48 65.08 6.06
CA ILE F 51 -39.76 65.23 4.80
C ILE F 51 -40.77 65.60 3.72
N PRO F 52 -40.59 66.71 3.02
CA PRO F 52 -41.50 67.08 1.93
C PRO F 52 -41.10 66.39 0.62
N SER F 53 -41.82 66.73 -0.44
CA SER F 53 -41.68 66.03 -1.71
C SER F 53 -40.30 66.25 -2.32
N HIS F 54 -39.88 67.51 -2.43
CA HIS F 54 -38.63 67.81 -3.13
C HIS F 54 -37.42 67.23 -2.41
N VAL F 55 -37.38 67.34 -1.08
CA VAL F 55 -36.27 66.77 -0.33
C VAL F 55 -36.19 65.27 -0.54
N LEU F 56 -37.32 64.58 -0.44
CA LEU F 56 -37.30 63.14 -0.63
C LEU F 56 -36.90 62.77 -2.04
N SER F 57 -37.33 63.56 -3.04
CA SER F 57 -36.96 63.28 -4.41
C SER F 57 -35.45 63.42 -4.60
N LYS F 58 -34.87 64.53 -4.12
CA LYS F 58 -33.43 64.69 -4.27
C LYS F 58 -32.67 63.64 -3.49
N VAL F 59 -33.24 63.16 -2.38
CA VAL F 59 -32.62 62.04 -1.68
C VAL F 59 -32.67 60.78 -2.53
N CYS F 60 -33.77 60.59 -3.27
CA CYS F 60 -33.85 59.47 -4.19
C CYS F 60 -32.78 59.56 -5.27
N MET F 61 -32.58 60.75 -5.84
CA MET F 61 -31.47 60.90 -6.77
C MET F 61 -30.12 60.69 -6.09
N TYR F 62 -30.02 61.01 -4.80
CA TYR F 62 -28.79 60.70 -4.08
C TYR F 62 -28.57 59.19 -4.03
N PHE F 63 -29.62 58.42 -3.75
CA PHE F 63 -29.48 56.96 -3.79
C PHE F 63 -29.06 56.49 -5.17
N THR F 64 -29.70 57.05 -6.21
CA THR F 64 -29.36 56.64 -7.58
C THR F 64 -27.91 56.92 -7.88
N TYR F 65 -27.43 58.12 -7.53
CA TYR F 65 -26.05 58.49 -7.76
C TYR F 65 -25.09 57.57 -7.01
N LYS F 66 -25.40 57.29 -5.74
CA LYS F 66 -24.55 56.42 -4.95
C LYS F 66 -24.47 55.02 -5.56
N VAL F 67 -25.63 54.41 -5.80
CA VAL F 67 -25.64 53.04 -6.31
C VAL F 67 -25.02 52.96 -7.70
N ARG F 68 -25.10 54.04 -8.47
CA ARG F 68 -24.47 54.01 -9.79
C ARG F 68 -22.96 54.14 -9.69
N TYR F 69 -22.46 55.00 -8.81
CA TYR F 69 -21.05 55.34 -8.81
C TYR F 69 -20.25 54.67 -7.69
N THR F 70 -20.89 53.86 -6.85
CA THR F 70 -20.13 53.02 -5.92
C THR F 70 -19.60 51.80 -6.66
N ASN F 71 -18.32 51.50 -6.45
CA ASN F 71 -17.62 50.42 -7.13
C ASN F 71 -17.67 50.56 -8.65
N SER F 72 -17.73 51.79 -9.15
CA SER F 72 -17.77 52.07 -10.57
C SER F 72 -16.39 52.54 -11.03
N SER F 73 -15.87 51.89 -12.07
CA SER F 73 -14.52 52.19 -12.54
C SER F 73 -14.41 53.58 -13.16
N THR F 74 -15.49 54.12 -13.70
CA THR F 74 -15.45 55.44 -14.30
C THR F 74 -15.33 56.51 -13.23
N GLU F 75 -14.86 57.69 -13.65
CA GLU F 75 -14.70 58.80 -12.72
C GLU F 75 -16.05 59.22 -12.16
N ILE F 76 -16.09 59.45 -10.86
CA ILE F 76 -17.34 59.78 -10.17
C ILE F 76 -17.54 61.29 -10.26
N PRO F 77 -18.59 61.76 -10.93
CA PRO F 77 -18.84 63.20 -11.01
C PRO F 77 -19.37 63.74 -9.69
N GLU F 78 -19.24 65.06 -9.53
CA GLU F 78 -19.76 65.72 -8.34
C GLU F 78 -21.28 65.72 -8.35
N PHE F 79 -21.87 65.44 -7.18
CA PHE F 79 -23.31 65.48 -7.02
C PHE F 79 -23.75 66.88 -6.61
N PRO F 80 -24.66 67.52 -7.33
CA PRO F 80 -25.05 68.88 -6.97
C PRO F 80 -25.85 68.93 -5.69
N ILE F 81 -25.56 69.93 -4.85
CA ILE F 81 -26.31 70.19 -3.63
C ILE F 81 -26.69 71.66 -3.64
N ALA F 82 -27.98 71.95 -3.68
CA ALA F 82 -28.44 73.33 -3.70
C ALA F 82 -28.26 73.96 -2.31
N PRO F 83 -27.64 75.13 -2.22
CA PRO F 83 -27.44 75.74 -0.89
C PRO F 83 -28.74 76.00 -0.13
N GLU F 84 -29.81 76.36 -0.84
CA GLU F 84 -31.08 76.64 -0.17
C GLU F 84 -31.70 75.39 0.42
N ILE F 85 -31.24 74.20 0.01
CA ILE F 85 -31.76 72.93 0.50
C ILE F 85 -30.69 72.10 1.19
N ALA F 86 -29.48 72.63 1.34
CA ALA F 86 -28.38 71.84 1.90
C ALA F 86 -28.67 71.43 3.34
N LEU F 87 -29.19 72.35 4.15
CA LEU F 87 -29.49 72.01 5.54
C LEU F 87 -30.52 70.91 5.63
N GLU F 88 -31.58 70.98 4.82
CA GLU F 88 -32.61 69.95 4.84
C GLU F 88 -32.05 68.62 4.34
N LEU F 89 -31.19 68.67 3.31
CA LEU F 89 -30.57 67.47 2.80
C LEU F 89 -29.73 66.78 3.88
N LEU F 90 -28.91 67.56 4.58
CA LEU F 90 -28.05 66.96 5.60
C LEU F 90 -28.84 66.46 6.79
N MET F 91 -29.88 67.19 7.21
CA MET F 91 -30.66 66.68 8.33
C MET F 91 -31.43 65.42 7.95
N ALA F 92 -31.92 65.36 6.71
CA ALA F 92 -32.57 64.14 6.24
C ALA F 92 -31.57 62.99 6.16
N ALA F 93 -30.33 63.27 5.74
CA ALA F 93 -29.32 62.24 5.70
C ALA F 93 -29.00 61.72 7.09
N ASN F 94 -28.89 62.62 8.07
CA ASN F 94 -28.71 62.19 9.44
C ASN F 94 -29.89 61.37 9.93
N PHE F 95 -31.09 61.76 9.53
CA PHE F 95 -32.28 60.98 9.86
C PHE F 95 -32.24 59.58 9.27
N LEU F 96 -31.78 59.44 8.03
CA LEU F 96 -31.87 58.19 7.29
C LEU F 96 -30.59 57.37 7.35
N ASP F 97 -29.62 57.77 8.15
CA ASP F 97 -28.36 57.02 8.32
C ASP F 97 -27.65 56.87 6.98
N CYS F 98 -27.27 58.01 6.42
CA CYS F 98 -26.58 58.05 5.14
C CYS F 98 -25.83 59.37 4.95
N MET G 1 -26.79 52.10 -23.99
CA MET G 1 -26.40 53.04 -22.95
C MET G 1 -27.51 53.20 -21.92
N ASP G 2 -27.11 53.36 -20.65
CA ASP G 2 -28.06 53.47 -19.55
C ASP G 2 -28.54 54.91 -19.43
N VAL G 3 -29.86 55.09 -19.35
CA VAL G 3 -30.49 56.38 -19.18
C VAL G 3 -31.44 56.30 -17.99
N PHE G 4 -31.39 57.32 -17.13
CA PHE G 4 -32.17 57.35 -15.89
C PHE G 4 -33.38 58.23 -16.08
N LEU G 5 -34.56 57.66 -15.87
CA LEU G 5 -35.82 58.35 -16.12
C LEU G 5 -36.70 58.35 -14.88
N MET G 6 -37.26 59.51 -14.58
CA MET G 6 -38.28 59.66 -13.55
C MET G 6 -39.61 59.95 -14.24
N ILE G 7 -40.55 59.02 -14.09
CA ILE G 7 -41.88 59.18 -14.66
C ILE G 7 -42.82 59.70 -13.58
N ARG G 8 -43.59 60.72 -13.93
CA ARG G 8 -44.45 61.40 -12.97
C ARG G 8 -45.88 61.43 -13.48
N ARG G 9 -46.83 61.06 -12.62
CA ARG G 9 -48.25 61.22 -12.86
C ARG G 9 -48.88 61.73 -11.58
N HIS G 10 -49.36 62.96 -11.59
CA HIS G 10 -49.91 63.63 -10.40
C HIS G 10 -48.83 63.57 -9.31
N LYS G 11 -49.17 63.17 -8.08
CA LYS G 11 -48.15 63.07 -7.03
C LYS G 11 -47.27 61.84 -7.22
N THR G 12 -47.78 60.83 -7.93
CA THR G 12 -47.03 59.59 -8.10
C THR G 12 -45.78 59.81 -8.95
N THR G 13 -44.68 59.22 -8.50
CA THR G 13 -43.40 59.30 -9.21
C THR G 13 -42.69 57.96 -9.11
N ILE G 14 -42.09 57.53 -10.22
CA ILE G 14 -41.36 56.26 -10.26
C ILE G 14 -40.01 56.53 -10.92
N PHE G 15 -38.94 56.11 -10.26
CA PHE G 15 -37.59 56.27 -10.77
C PHE G 15 -37.11 54.94 -11.34
N THR G 16 -36.45 54.99 -12.49
CA THR G 16 -35.98 53.77 -13.13
C THR G 16 -34.80 54.09 -14.04
N ASP G 17 -34.13 53.03 -14.48
CA ASP G 17 -33.05 53.12 -15.47
C ASP G 17 -33.33 52.13 -16.58
N ALA G 18 -33.11 52.57 -17.82
CA ALA G 18 -33.37 51.75 -18.99
C ALA G 18 -32.28 51.97 -20.02
N LYS G 19 -32.48 51.44 -21.21
CA LYS G 19 -31.53 51.62 -22.31
C LYS G 19 -31.97 52.76 -23.21
N GLU G 20 -30.99 53.46 -23.78
CA GLU G 20 -31.29 54.55 -24.69
C GLU G 20 -32.01 54.05 -25.94
N SER G 21 -31.73 52.81 -26.34
CA SER G 21 -32.41 52.21 -27.48
C SER G 21 -33.76 51.61 -27.10
N SER G 22 -34.09 51.54 -25.82
CA SER G 22 -35.39 51.03 -25.41
C SER G 22 -36.50 51.99 -25.83
N THR G 23 -37.66 51.44 -26.14
CA THR G 23 -38.78 52.22 -26.63
C THR G 23 -39.80 52.44 -25.52
N VAL G 24 -40.94 53.02 -25.91
CA VAL G 24 -42.02 53.27 -24.96
C VAL G 24 -42.56 51.96 -24.41
N PHE G 25 -42.50 50.90 -25.21
CA PHE G 25 -43.09 49.62 -24.80
C PHE G 25 -42.42 49.05 -23.55
N GLU G 26 -41.10 49.20 -23.42
CA GLU G 26 -40.41 48.64 -22.27
C GLU G 26 -40.84 49.32 -20.98
N LEU G 27 -40.81 50.66 -20.97
CA LEU G 27 -41.27 51.39 -19.79
C LEU G 27 -42.75 51.16 -19.53
N LYS G 28 -43.55 50.95 -20.58
CA LYS G 28 -44.94 50.55 -20.37
C LYS G 28 -45.04 49.20 -19.68
N ARG G 29 -44.22 48.23 -20.10
CA ARG G 29 -44.19 46.93 -19.43
C ARG G 29 -43.83 47.11 -17.96
N ILE G 30 -42.94 48.06 -17.67
CA ILE G 30 -42.67 48.41 -16.28
C ILE G 30 -43.96 48.88 -15.59
N VAL G 31 -44.77 49.66 -16.30
CA VAL G 31 -46.05 50.13 -15.74
C VAL G 31 -47.00 48.99 -15.43
N GLU G 32 -47.15 48.01 -16.32
CA GLU G 32 -47.94 46.84 -15.94
C GLU G 32 -47.27 46.01 -14.85
N GLY G 33 -45.94 46.02 -14.77
CA GLY G 33 -45.27 45.25 -13.73
C GLY G 33 -45.56 45.78 -12.34
N ILE G 34 -45.56 47.10 -12.18
CA ILE G 34 -45.79 47.72 -10.87
C ILE G 34 -47.23 48.20 -10.69
N LEU G 35 -47.68 49.13 -11.52
CA LEU G 35 -49.00 49.72 -11.37
C LEU G 35 -50.11 48.93 -12.07
N LYS G 36 -49.75 48.04 -13.00
CA LYS G 36 -50.72 47.15 -13.66
C LYS G 36 -51.74 47.92 -14.48
N ARG G 37 -51.27 48.79 -15.38
CA ARG G 37 -52.19 49.53 -16.23
C ARG G 37 -51.96 49.20 -17.70
N PRO G 38 -53.02 48.97 -18.47
CA PRO G 38 -52.84 48.54 -19.85
C PRO G 38 -52.12 49.60 -20.67
N PRO G 39 -51.31 49.19 -21.63
CA PRO G 39 -50.43 50.17 -22.33
C PRO G 39 -51.20 51.23 -23.09
N ASP G 40 -52.36 50.87 -23.66
CA ASP G 40 -53.14 51.84 -24.43
C ASP G 40 -53.61 52.99 -23.55
N GLU G 41 -53.98 52.69 -22.30
CA GLU G 41 -54.34 53.74 -21.37
C GLU G 41 -53.13 54.61 -21.04
N GLN G 42 -51.95 54.00 -20.98
CA GLN G 42 -50.73 54.76 -20.70
C GLN G 42 -50.40 55.68 -21.87
N ARG G 43 -50.15 56.94 -21.56
CA ARG G 43 -49.75 57.93 -22.54
C ARG G 43 -48.56 58.72 -22.00
N LEU G 44 -47.50 58.82 -22.80
CA LEU G 44 -46.27 59.47 -22.42
C LEU G 44 -46.24 60.89 -22.98
N TYR G 45 -45.81 61.84 -22.15
CA TYR G 45 -45.62 63.22 -22.60
C TYR G 45 -44.24 63.68 -22.18
N LYS G 46 -43.31 63.68 -23.13
CA LYS G 46 -42.04 64.36 -22.94
C LYS G 46 -42.29 65.85 -23.08
N ASP G 47 -42.32 66.56 -21.95
CA ASP G 47 -42.79 67.94 -21.89
C ASP G 47 -44.22 67.94 -22.41
N ASP G 48 -44.54 68.67 -23.47
CA ASP G 48 -45.89 68.63 -24.05
C ASP G 48 -45.98 67.74 -25.28
N GLN G 49 -44.88 67.14 -25.72
CA GLN G 49 -44.86 66.32 -26.92
C GLN G 49 -45.25 64.89 -26.57
N LEU G 50 -46.40 64.46 -27.09
CA LEU G 50 -46.79 63.06 -26.97
C LEU G 50 -45.79 62.17 -27.69
N LEU G 51 -45.39 61.08 -27.05
CA LEU G 51 -44.40 60.18 -27.59
C LEU G 51 -45.06 58.97 -28.24
N ASP G 52 -44.53 58.58 -29.39
CA ASP G 52 -45.09 57.45 -30.13
C ASP G 52 -44.78 56.14 -29.41
N ASP G 53 -45.81 55.32 -29.23
CA ASP G 53 -45.65 54.03 -28.56
C ASP G 53 -44.87 53.06 -29.46
N LYS G 55 -41.08 54.10 -30.40
CA LYS G 55 -39.98 55.04 -30.57
C LYS G 55 -38.98 54.93 -29.42
N THR G 56 -37.71 54.77 -29.77
CA THR G 56 -36.68 54.57 -28.75
C THR G 56 -36.46 55.85 -27.96
N LEU G 57 -35.90 55.68 -26.75
CA LEU G 57 -35.61 56.84 -25.91
C LEU G 57 -34.59 57.75 -26.56
N GLY G 58 -33.60 57.18 -27.27
CA GLY G 58 -32.67 58.00 -28.00
C GLY G 58 -33.34 58.81 -29.10
N GLU G 59 -34.30 58.19 -29.81
CA GLU G 59 -35.07 58.93 -30.80
C GLU G 59 -35.91 60.02 -30.14
N CYS G 60 -36.49 59.72 -28.99
CA CYS G 60 -37.30 60.70 -28.26
C CYS G 60 -36.46 61.84 -27.70
N GLY G 61 -35.14 61.72 -27.71
CA GLY G 61 -34.28 62.74 -27.15
C GLY G 61 -33.73 62.43 -25.77
N PHE G 62 -33.99 61.24 -25.24
CA PHE G 62 -33.48 60.85 -23.93
C PHE G 62 -32.13 60.17 -24.11
N THR G 63 -31.07 60.86 -23.71
CA THR G 63 -29.71 60.37 -23.84
C THR G 63 -29.06 60.25 -22.47
N SER G 64 -27.84 59.71 -22.44
CA SER G 64 -27.11 59.59 -21.19
C SER G 64 -26.81 60.95 -20.59
N GLN G 65 -26.47 61.92 -21.42
CA GLN G 65 -26.21 63.28 -20.93
C GLN G 65 -27.47 63.89 -20.31
N THR G 66 -28.62 63.69 -20.94
CA THR G 66 -29.87 64.26 -20.46
C THR G 66 -30.55 63.39 -19.41
N ALA G 67 -30.06 62.18 -19.15
CA ALA G 67 -30.63 61.27 -18.17
C ALA G 67 -29.49 60.76 -17.29
N ARG G 68 -29.31 61.41 -16.13
CA ARG G 68 -28.23 61.10 -15.22
C ARG G 68 -28.78 60.76 -13.84
N PRO G 69 -28.02 60.03 -13.02
CA PRO G 69 -28.48 59.77 -11.64
C PRO G 69 -28.75 61.04 -10.86
N GLN G 70 -27.97 62.08 -11.08
CA GLN G 70 -28.20 63.38 -10.44
C GLN G 70 -29.14 64.27 -11.24
N ALA G 71 -29.27 64.03 -12.54
CA ALA G 71 -30.16 64.82 -13.41
C ALA G 71 -30.99 63.87 -14.26
N PRO G 72 -31.97 63.20 -13.66
CA PRO G 72 -32.80 62.26 -14.42
C PRO G 72 -33.67 62.99 -15.43
N ALA G 73 -34.01 62.27 -16.49
CA ALA G 73 -34.84 62.83 -17.54
C ALA G 73 -36.28 63.02 -17.06
N THR G 74 -37.01 63.88 -17.76
CA THR G 74 -38.34 64.31 -17.36
C THR G 74 -39.37 63.84 -18.38
N VAL G 75 -40.46 63.24 -17.90
CA VAL G 75 -41.57 62.80 -18.72
C VAL G 75 -42.77 62.54 -17.83
N GLY G 76 -43.96 62.81 -18.38
CA GLY G 76 -45.19 62.65 -17.62
C GLY G 76 -46.07 61.53 -18.13
N LEU G 77 -46.82 60.90 -17.22
CA LEU G 77 -47.67 59.76 -17.53
C LEU G 77 -49.13 60.15 -17.36
N ALA G 78 -49.96 59.77 -18.33
CA ALA G 78 -51.39 60.03 -18.29
C ALA G 78 -52.16 58.75 -18.57
N PHE G 79 -53.36 58.65 -18.01
CA PHE G 79 -54.18 57.47 -18.12
C PHE G 79 -55.59 57.83 -18.58
N ARG G 80 -56.28 56.86 -19.17
CA ARG G 80 -57.64 57.07 -19.66
C ARG G 80 -58.61 57.29 -18.50
N PHE G 85 -59.89 60.17 -22.86
CA PHE G 85 -58.47 60.38 -22.57
C PHE G 85 -58.25 61.58 -21.66
N GLU G 86 -57.79 61.31 -20.45
CA GLU G 86 -57.52 62.38 -19.49
C GLU G 86 -56.32 63.22 -19.92
N ALA G 87 -56.44 64.53 -19.73
CA ALA G 87 -55.30 65.41 -19.93
C ALA G 87 -54.26 65.17 -18.85
N LEU G 88 -52.99 65.36 -19.20
CA LEU G 88 -51.90 65.15 -18.27
C LEU G 88 -52.00 66.11 -17.08
N CYS G 89 -51.92 65.57 -15.86
CA CYS G 89 -51.99 66.36 -14.64
C CYS G 89 -50.84 65.97 -13.73
N ILE G 90 -50.02 66.94 -13.36
CA ILE G 90 -48.88 66.73 -12.46
C ILE G 90 -48.96 67.76 -11.35
N GLU G 91 -48.86 67.31 -10.11
CA GLU G 91 -48.90 68.24 -8.99
C GLU G 91 -47.48 68.69 -8.65
N PRO G 92 -47.21 69.99 -8.59
CA PRO G 92 -45.84 70.46 -8.34
C PRO G 92 -45.35 70.09 -6.96
N PHE G 93 -44.03 69.95 -6.85
CA PHE G 93 -43.41 69.55 -5.59
C PHE G 93 -43.51 70.66 -4.55
N SER G 94 -43.17 70.30 -3.32
CA SER G 94 -43.13 71.27 -2.23
C SER G 94 -42.01 72.29 -2.47
N SER G 95 -42.23 73.50 -1.96
CA SER G 95 -41.27 74.59 -2.17
C SER G 95 -40.29 74.66 -1.03
N PRO G 96 -38.99 74.52 -1.29
CA PRO G 96 -38.01 74.67 -0.22
C PRO G 96 -37.96 76.11 0.26
N PRO G 97 -37.63 76.33 1.54
CA PRO G 97 -37.52 77.68 2.09
C PRO G 97 -36.28 78.42 1.58
N VAL H 24 41.79 -27.94 -32.30
CA VAL H 24 42.14 -27.27 -33.54
C VAL H 24 40.89 -26.89 -34.31
N LYS H 25 39.76 -27.51 -33.94
CA LYS H 25 38.51 -27.25 -34.64
C LYS H 25 38.08 -25.80 -34.48
N LYS H 26 38.17 -25.26 -33.26
CA LYS H 26 37.74 -23.90 -32.99
C LYS H 26 38.41 -23.44 -31.71
N TRP H 27 38.50 -22.11 -31.56
CA TRP H 27 39.04 -21.53 -30.34
C TRP H 27 38.43 -20.15 -30.12
N ASN H 28 38.18 -19.83 -28.85
CA ASN H 28 37.73 -18.51 -28.43
C ASN H 28 38.75 -17.95 -27.46
N ALA H 29 38.99 -16.64 -27.56
CA ALA H 29 40.04 -15.99 -26.79
C ALA H 29 39.46 -14.86 -25.95
N VAL H 30 39.93 -14.75 -24.72
CA VAL H 30 39.56 -13.68 -23.81
C VAL H 30 40.83 -13.05 -23.24
N ALA H 31 40.88 -11.73 -23.25
CA ALA H 31 42.07 -11.01 -22.84
C ALA H 31 41.69 -9.65 -22.26
N LEU H 32 42.24 -9.34 -21.09
CA LEU H 32 41.93 -8.08 -20.43
C LEU H 32 42.56 -6.91 -21.17
N TRP H 33 41.98 -5.73 -21.00
CA TRP H 33 42.42 -4.53 -21.68
C TRP H 33 42.72 -3.40 -20.69
N ALA H 34 43.92 -2.85 -20.80
CA ALA H 34 44.33 -1.72 -19.99
C ALA H 34 45.36 -0.90 -20.75
N TRP H 35 45.51 0.36 -20.35
CA TRP H 35 46.54 1.23 -20.99
C TRP H 35 47.87 0.99 -20.28
N ASP H 36 48.94 0.83 -21.05
CA ASP H 36 50.27 0.62 -20.50
C ASP H 36 50.74 1.84 -19.71
N ILE H 37 50.47 3.03 -20.21
CA ILE H 37 51.05 4.24 -19.63
C ILE H 37 50.47 4.52 -18.24
N VAL H 38 49.19 4.20 -18.03
CA VAL H 38 48.55 4.60 -16.79
C VAL H 38 49.11 3.84 -15.60
N VAL H 39 49.45 2.56 -15.76
CA VAL H 39 50.04 1.77 -14.69
C VAL H 39 51.27 1.05 -15.25
N ASP H 40 52.43 1.30 -14.66
CA ASP H 40 53.66 0.65 -15.08
C ASP H 40 54.54 0.19 -13.92
N ASN H 41 54.29 0.63 -12.70
CA ASN H 41 55.18 0.36 -11.58
C ASN H 41 54.38 0.39 -10.29
N CYS H 42 54.92 -0.28 -9.28
CA CYS H 42 54.34 -0.19 -7.94
C CYS H 42 54.40 1.25 -7.47
N ALA H 43 53.25 1.78 -7.05
CA ALA H 43 53.21 3.19 -6.65
C ALA H 43 54.03 3.43 -5.40
N ILE H 44 53.96 2.52 -4.43
CA ILE H 44 54.71 2.70 -3.19
C ILE H 44 56.20 2.58 -3.44
N CYS H 45 56.62 1.54 -4.15
CA CYS H 45 58.04 1.25 -4.32
C CYS H 45 58.39 1.24 -5.80
N ARG H 46 59.49 1.92 -6.12
CA ARG H 46 59.99 1.98 -7.50
C ARG H 46 60.68 0.66 -7.82
N ASN H 47 59.89 -0.34 -8.20
CA ASN H 47 60.42 -1.65 -8.52
C ASN H 47 59.33 -2.48 -9.18
N HIS H 48 59.75 -3.46 -9.98
CA HIS H 48 58.80 -4.34 -10.65
C HIS H 48 57.94 -5.06 -9.63
N ILE H 49 56.62 -5.07 -9.88
CA ILE H 49 55.68 -5.66 -8.94
C ILE H 49 55.79 -7.19 -8.89
N MET H 50 56.59 -7.79 -9.77
CA MET H 50 56.75 -9.24 -9.83
C MET H 50 57.83 -9.66 -8.85
N ASP H 51 57.45 -9.83 -7.58
CA ASP H 51 58.29 -10.43 -6.54
C ASP H 51 59.63 -9.72 -6.37
N LEU H 52 59.67 -8.39 -6.50
CA LEU H 52 60.93 -7.67 -6.40
C LEU H 52 60.66 -6.30 -5.77
N CYS H 53 61.06 -6.15 -4.51
CA CYS H 53 60.99 -4.87 -3.81
C CYS H 53 62.41 -4.37 -3.56
N ILE H 54 62.49 -3.10 -3.15
CA ILE H 54 63.81 -2.47 -3.00
C ILE H 54 64.58 -3.10 -1.84
N CYS H 68 57.70 -11.14 -2.83
CA CYS H 68 57.11 -9.81 -2.85
C CYS H 68 56.03 -9.75 -3.92
N THR H 69 55.04 -10.61 -3.76
CA THR H 69 54.04 -10.86 -4.79
C THR H 69 53.11 -9.65 -4.91
N VAL H 70 52.10 -9.78 -5.77
CA VAL H 70 51.12 -8.73 -5.99
C VAL H 70 49.95 -9.01 -5.05
N ALA H 71 49.95 -8.29 -3.92
CA ALA H 71 48.86 -8.44 -2.93
C ALA H 71 47.57 -7.85 -3.50
N TRP H 72 46.43 -8.37 -3.06
CA TRP H 72 45.14 -7.91 -3.54
C TRP H 72 44.16 -7.74 -2.38
N GLY H 73 43.32 -6.72 -2.48
CA GLY H 73 42.26 -6.48 -1.53
C GLY H 73 41.06 -5.86 -2.22
N VAL H 74 40.01 -5.62 -1.43
CA VAL H 74 38.78 -5.05 -1.99
C VAL H 74 39.02 -3.66 -2.56
N CYS H 75 40.09 -3.00 -2.12
CA CYS H 75 40.41 -1.67 -2.68
C CYS H 75 40.87 -1.83 -4.14
N ASN H 76 41.16 -3.06 -4.56
CA ASN H 76 41.66 -3.31 -5.94
C ASN H 76 42.94 -2.49 -6.14
N HIS H 77 43.75 -2.35 -5.07
CA HIS H 77 45.04 -1.62 -5.17
C HIS H 77 46.18 -2.63 -5.03
N ALA H 78 47.11 -2.66 -5.99
CA ALA H 78 48.16 -3.70 -5.97
C ALA H 78 49.53 -3.10 -5.64
N PHE H 79 50.17 -3.60 -4.58
CA PHE H 79 51.54 -3.15 -4.22
C PHE H 79 52.33 -4.38 -3.80
N HIS H 80 53.65 -4.26 -3.62
CA HIS H 80 54.45 -5.44 -3.28
C HIS H 80 53.89 -6.10 -2.03
N PHE H 81 53.74 -7.43 -2.10
CA PHE H 81 53.18 -8.16 -0.96
C PHE H 81 54.06 -8.01 0.26
N HIS H 82 55.36 -7.79 0.06
CA HIS H 82 56.23 -7.44 1.17
C HIS H 82 55.81 -6.11 1.79
N CYS H 83 55.66 -5.07 0.97
CA CYS H 83 55.23 -3.77 1.48
C CYS H 83 53.83 -3.82 2.03
N ILE H 84 52.92 -4.53 1.35
CA ILE H 84 51.56 -4.65 1.84
C ILE H 84 51.55 -5.34 3.20
N SER H 85 52.33 -6.41 3.33
CA SER H 85 52.36 -7.16 4.58
C SER H 85 52.93 -6.30 5.71
N ARG H 86 54.00 -5.56 5.46
CA ARG H 86 54.56 -4.74 6.53
C ARG H 86 53.64 -3.59 6.88
N TRP H 87 52.94 -3.01 5.89
CA TRP H 87 51.95 -2.00 6.21
C TRP H 87 50.84 -2.56 7.07
N LEU H 88 50.33 -3.75 6.71
CA LEU H 88 49.27 -4.35 7.50
C LEU H 88 49.75 -4.66 8.92
N LYS H 89 50.98 -5.14 9.06
CA LYS H 89 51.55 -5.33 10.38
C LYS H 89 51.73 -4.01 11.13
N THR H 90 51.80 -2.89 10.41
CA THR H 90 51.84 -1.60 11.06
C THR H 90 50.45 -0.97 11.17
N ARG H 91 49.76 -0.80 10.06
CA ARG H 91 48.44 -0.18 10.04
C ARG H 91 47.46 -1.08 9.29
N GLN H 92 46.24 -1.14 9.80
CA GLN H 92 45.20 -2.02 9.28
C GLN H 92 44.25 -1.24 8.38
N VAL H 93 44.78 -0.26 7.65
CA VAL H 93 43.98 0.58 6.76
C VAL H 93 44.68 0.66 5.40
N CYS H 94 43.82 0.80 4.38
CA CYS H 94 44.34 0.89 3.00
C CYS H 94 45.20 2.15 2.88
N PRO H 95 46.36 2.10 2.21
CA PRO H 95 47.16 3.32 2.00
C PRO H 95 46.47 4.38 1.18
N LEU H 96 45.64 3.97 0.19
CA LEU H 96 45.06 4.98 -0.73
C LEU H 96 43.69 5.52 -0.28
N ASP H 97 42.69 4.65 -0.07
CA ASP H 97 41.35 5.19 0.28
C ASP H 97 41.15 5.19 1.79
N ASN H 98 42.08 4.60 2.57
CA ASN H 98 42.02 4.70 4.03
C ASN H 98 40.76 4.08 4.63
N ARG H 99 40.62 2.77 4.43
CA ARG H 99 39.60 1.99 5.11
C ARG H 99 40.23 0.68 5.58
N GLU H 100 39.48 -0.05 6.41
CA GLU H 100 39.95 -1.34 6.90
C GLU H 100 40.26 -2.27 5.73
N TRP H 101 41.40 -2.97 5.85
CA TRP H 101 41.89 -3.80 4.73
C TRP H 101 41.56 -5.28 4.87
N GLU H 102 40.88 -5.84 3.88
CA GLU H 102 40.63 -7.27 3.79
C GLU H 102 41.01 -7.74 2.39
N PHE H 103 41.60 -8.93 2.31
CA PHE H 103 42.10 -9.43 1.04
C PHE H 103 40.97 -9.86 0.12
N GLN H 104 41.12 -9.56 -1.17
CA GLN H 104 40.19 -9.99 -2.21
C GLN H 104 40.93 -10.88 -3.18
N LYS H 105 40.34 -12.04 -3.49
CA LYS H 105 40.95 -13.04 -4.37
C LYS H 105 42.29 -13.42 -3.77
N TYR H 106 43.41 -13.22 -4.47
CA TYR H 106 44.71 -13.58 -3.93
C TYR H 106 45.44 -12.34 -3.40
#